data_2KWP
#
_entry.id   2KWP
#
_entity_poly.entity_id   1
_entity_poly.type   'polypeptide(L)'
_entity_poly.pdbx_seq_one_letter_code
;MNKEILAVVEAVSNEKALPREKIFEALESALATATKKKYEQEIDVRVQIDRKSGDFDTFRRWLVVDEVTQPTKEITLEAA
RYEDESLNLGDYVEDQIESVTFDRITTQTAKQVIVQKVREAERAMLVPR
;
_entity_poly.pdbx_strand_id   A
#
# COMPACT_ATOMS: atom_id res chain seq x y z
N MET A 1 14.24 2.57 -10.01
CA MET A 1 14.81 1.38 -9.34
C MET A 1 15.61 1.83 -8.11
N ASN A 2 15.04 1.70 -6.94
CA ASN A 2 15.78 2.12 -5.71
C ASN A 2 16.49 0.91 -5.11
N LYS A 3 17.80 0.93 -5.09
CA LYS A 3 18.55 -0.22 -4.51
C LYS A 3 18.44 -0.19 -2.99
N GLU A 4 18.29 0.98 -2.42
CA GLU A 4 18.17 1.06 -0.94
C GLU A 4 16.94 0.29 -0.47
N ILE A 5 15.87 0.35 -1.22
CA ILE A 5 14.63 -0.37 -0.81
C ILE A 5 14.92 -1.87 -0.80
N LEU A 6 15.63 -2.38 -1.77
CA LEU A 6 15.94 -3.83 -1.80
C LEU A 6 16.97 -4.15 -0.72
N ALA A 7 17.83 -3.22 -0.40
CA ALA A 7 18.86 -3.48 0.64
C ALA A 7 18.20 -3.53 2.01
N VAL A 8 17.25 -2.66 2.26
CA VAL A 8 16.57 -2.66 3.58
C VAL A 8 15.76 -3.94 3.75
N VAL A 9 15.28 -4.50 2.67
CA VAL A 9 14.48 -5.76 2.78
C VAL A 9 15.40 -6.91 3.19
N GLU A 10 16.63 -6.89 2.75
CA GLU A 10 17.57 -7.98 3.12
C GLU A 10 17.94 -7.87 4.60
N ALA A 11 17.98 -6.67 5.12
CA ALA A 11 18.33 -6.50 6.55
C ALA A 11 17.13 -6.84 7.43
N VAL A 12 15.95 -6.57 6.95
CA VAL A 12 14.73 -6.87 7.76
C VAL A 12 14.38 -8.35 7.62
N SER A 13 14.67 -8.93 6.50
CA SER A 13 14.34 -10.38 6.30
C SER A 13 15.22 -11.23 7.22
N ASN A 14 16.49 -10.94 7.28
CA ASN A 14 17.40 -11.73 8.14
C ASN A 14 17.17 -11.37 9.61
N GLU A 15 16.94 -10.11 9.87
CA GLU A 15 16.71 -9.68 11.29
C GLU A 15 15.33 -10.16 11.75
N LYS A 16 14.37 -10.14 10.87
CA LYS A 16 13.00 -10.59 11.26
C LYS A 16 12.80 -12.06 10.84
N ALA A 17 13.73 -12.60 10.12
CA ALA A 17 13.60 -14.03 9.67
C ALA A 17 12.29 -14.20 8.92
N LEU A 18 11.74 -13.13 8.40
CA LEU A 18 10.46 -13.23 7.65
C LEU A 18 10.75 -13.12 6.15
N PRO A 19 9.78 -13.51 5.30
CA PRO A 19 9.93 -13.45 3.85
C PRO A 19 10.00 -12.00 3.33
N ARG A 20 10.83 -11.75 2.36
CA ARG A 20 10.95 -10.36 1.83
C ARG A 20 9.57 -9.85 1.40
N GLU A 21 8.79 -10.68 0.77
CA GLU A 21 7.44 -10.24 0.33
C GLU A 21 6.69 -9.62 1.50
N LYS A 22 6.70 -10.27 2.64
CA LYS A 22 5.98 -9.71 3.82
C LYS A 22 6.50 -8.30 4.11
N ILE A 23 7.79 -8.11 4.08
CA ILE A 23 8.35 -6.75 4.36
C ILE A 23 7.73 -5.73 3.41
N PHE A 24 7.80 -5.98 2.13
CA PHE A 24 7.23 -5.02 1.15
C PHE A 24 5.77 -4.73 1.52
N GLU A 25 5.07 -5.70 2.04
CA GLU A 25 3.65 -5.48 2.43
C GLU A 25 3.58 -4.36 3.46
N ALA A 26 4.43 -4.40 4.45
CA ALA A 26 4.41 -3.33 5.49
C ALA A 26 4.86 -2.01 4.86
N LEU A 27 5.87 -2.04 4.04
CA LEU A 27 6.34 -0.78 3.39
C LEU A 27 5.21 -0.17 2.59
N GLU A 28 4.48 -0.98 1.85
CA GLU A 28 3.35 -0.45 1.04
C GLU A 28 2.31 0.18 1.96
N SER A 29 2.02 -0.46 3.06
CA SER A 29 1.00 0.11 4.00
C SER A 29 1.49 1.46 4.52
N ALA A 30 2.78 1.62 4.68
CA ALA A 30 3.31 2.92 5.18
C ALA A 30 3.27 3.97 4.07
N LEU A 31 3.65 3.59 2.88
CA LEU A 31 3.62 4.57 1.75
C LEU A 31 2.18 5.00 1.48
N ALA A 32 1.29 4.04 1.33
CA ALA A 32 -0.13 4.40 1.06
C ALA A 32 -0.65 5.29 2.19
N THR A 33 -0.40 4.92 3.42
CA THR A 33 -0.88 5.74 4.56
C THR A 33 -0.39 7.18 4.39
N ALA A 34 0.87 7.36 4.10
CA ALA A 34 1.41 8.73 3.92
C ALA A 34 0.95 9.28 2.56
N THR A 35 0.74 8.40 1.61
CA THR A 35 0.29 8.87 0.26
C THR A 35 -1.06 9.58 0.39
N LYS A 36 -2.00 8.96 1.04
CA LYS A 36 -3.35 9.60 1.18
C LYS A 36 -3.21 10.89 2.00
N LYS A 37 -2.20 11.00 2.81
CA LYS A 37 -2.03 12.23 3.63
C LYS A 37 -1.93 13.44 2.70
N LYS A 38 -1.26 13.30 1.59
CA LYS A 38 -1.12 14.43 0.64
C LYS A 38 -2.51 14.89 0.20
N TYR A 39 -3.39 13.97 -0.09
CA TYR A 39 -4.76 14.35 -0.55
C TYR A 39 -5.56 14.88 0.65
N GLU A 40 -5.41 14.27 1.80
CA GLU A 40 -6.16 14.74 2.99
C GLU A 40 -7.66 14.48 2.79
N GLN A 41 -8.02 13.71 1.80
CA GLN A 41 -9.45 13.43 1.55
C GLN A 41 -9.79 12.02 2.03
N GLU A 42 -9.00 11.48 2.92
CA GLU A 42 -9.28 10.10 3.41
C GLU A 42 -9.56 9.18 2.23
N ILE A 43 -8.69 9.15 1.26
CA ILE A 43 -8.91 8.27 0.08
C ILE A 43 -8.15 6.96 0.26
N ASP A 44 -8.69 5.88 -0.26
CA ASP A 44 -7.99 4.57 -0.13
C ASP A 44 -6.89 4.46 -1.17
N VAL A 45 -5.66 4.39 -0.76
CA VAL A 45 -4.54 4.29 -1.75
C VAL A 45 -3.72 3.02 -1.49
N ARG A 46 -3.37 2.32 -2.53
CA ARG A 46 -2.57 1.09 -2.36
C ARG A 46 -1.27 1.23 -3.16
N VAL A 47 -0.15 0.92 -2.55
CA VAL A 47 1.15 1.05 -3.29
C VAL A 47 1.77 -0.33 -3.49
N GLN A 48 2.26 -0.60 -4.67
CA GLN A 48 2.89 -1.92 -4.95
C GLN A 48 4.40 -1.72 -5.14
N ILE A 49 5.21 -2.58 -4.58
CA ILE A 49 6.68 -2.42 -4.74
C ILE A 49 7.23 -3.54 -5.64
N ASP A 50 8.23 -3.24 -6.42
CA ASP A 50 8.81 -4.29 -7.31
C ASP A 50 10.21 -4.63 -6.80
N ARG A 51 10.39 -5.83 -6.30
CA ARG A 51 11.73 -6.23 -5.79
C ARG A 51 12.72 -6.30 -6.95
N LYS A 52 12.34 -6.91 -8.03
CA LYS A 52 13.26 -7.01 -9.20
C LYS A 52 13.77 -5.61 -9.55
N SER A 53 12.89 -4.72 -9.89
CA SER A 53 13.32 -3.34 -10.24
C SER A 53 13.76 -2.61 -8.96
N GLY A 54 13.03 -2.78 -7.90
CA GLY A 54 13.40 -2.09 -6.63
C GLY A 54 12.64 -0.76 -6.55
N ASP A 55 11.42 -0.74 -7.02
CA ASP A 55 10.63 0.52 -6.98
C ASP A 55 9.16 0.19 -6.76
N PHE A 56 8.41 1.11 -6.21
CA PHE A 56 6.96 0.85 -5.95
C PHE A 56 6.13 1.99 -6.54
N ASP A 57 4.98 1.67 -7.07
CA ASP A 57 4.11 2.74 -7.65
C ASP A 57 2.87 2.92 -6.76
N THR A 58 2.49 4.15 -6.51
CA THR A 58 1.31 4.40 -5.65
C THR A 58 0.03 4.19 -6.48
N PHE A 59 -0.93 3.49 -5.94
CA PHE A 59 -2.19 3.25 -6.69
C PHE A 59 -3.40 3.63 -5.83
N ARG A 60 -4.49 3.98 -6.45
CA ARG A 60 -5.70 4.36 -5.66
C ARG A 60 -6.85 3.43 -6.04
N ARG A 61 -7.71 3.11 -5.11
CA ARG A 61 -8.84 2.19 -5.42
C ARG A 61 -10.16 2.82 -4.93
N TRP A 62 -11.25 2.43 -5.52
CA TRP A 62 -12.57 2.99 -5.10
C TRP A 62 -13.62 1.88 -5.07
N LEU A 63 -14.64 2.04 -4.27
CA LEU A 63 -15.69 0.98 -4.19
C LEU A 63 -16.90 1.40 -5.03
N VAL A 64 -17.48 0.47 -5.73
CA VAL A 64 -18.67 0.81 -6.57
C VAL A 64 -19.84 1.19 -5.65
N VAL A 65 -20.35 2.38 -5.79
CA VAL A 65 -21.48 2.81 -4.91
C VAL A 65 -22.65 3.29 -5.77
N ASP A 66 -23.85 2.85 -5.46
CA ASP A 66 -25.03 3.30 -6.24
C ASP A 66 -25.31 4.76 -5.89
N GLU A 67 -24.88 5.18 -4.73
CA GLU A 67 -25.11 6.59 -4.32
C GLU A 67 -23.85 7.09 -3.58
N VAL A 68 -22.71 6.96 -4.20
CA VAL A 68 -21.44 7.41 -3.57
C VAL A 68 -21.68 8.63 -2.68
N THR A 69 -21.46 8.48 -1.40
CA THR A 69 -21.65 9.63 -0.48
C THR A 69 -20.32 10.38 -0.35
N GLN A 70 -19.25 9.75 -0.75
CA GLN A 70 -17.92 10.41 -0.67
C GLN A 70 -17.00 9.83 -1.75
N PRO A 71 -16.78 10.57 -2.84
CA PRO A 71 -15.94 10.14 -3.95
C PRO A 71 -14.46 10.04 -3.56
N THR A 72 -14.13 10.39 -2.34
CA THR A 72 -12.71 10.31 -1.92
C THR A 72 -12.32 8.85 -1.70
N LYS A 73 -13.29 7.99 -1.50
CA LYS A 73 -12.98 6.55 -1.28
C LYS A 73 -14.14 5.70 -1.84
N GLU A 74 -14.97 6.28 -2.65
CA GLU A 74 -16.11 5.51 -3.23
C GLU A 74 -16.35 5.95 -4.68
N ILE A 75 -16.60 5.02 -5.56
CA ILE A 75 -16.85 5.38 -6.98
C ILE A 75 -18.29 5.04 -7.35
N THR A 76 -18.95 5.93 -8.07
CA THR A 76 -20.36 5.66 -8.46
C THR A 76 -20.39 4.48 -9.44
N LEU A 77 -21.51 3.83 -9.56
CA LEU A 77 -21.62 2.68 -10.50
C LEU A 77 -21.32 3.18 -11.92
N GLU A 78 -21.97 4.22 -12.34
CA GLU A 78 -21.73 4.75 -13.71
C GLU A 78 -20.23 4.96 -13.91
N ALA A 79 -19.59 5.64 -13.01
CA ALA A 79 -18.12 5.87 -13.14
C ALA A 79 -17.41 4.53 -13.27
N ALA A 80 -17.76 3.58 -12.45
CA ALA A 80 -17.10 2.24 -12.52
C ALA A 80 -17.29 1.67 -13.92
N ARG A 81 -18.49 1.73 -14.44
CA ARG A 81 -18.75 1.20 -15.80
C ARG A 81 -17.77 1.83 -16.79
N TYR A 82 -17.55 3.11 -16.69
CA TYR A 82 -16.60 3.78 -17.63
C TYR A 82 -15.21 3.18 -17.45
N GLU A 83 -14.77 3.00 -16.24
CA GLU A 83 -13.43 2.41 -16.01
C GLU A 83 -13.45 0.92 -16.33
N ASP A 84 -14.56 0.28 -16.11
CA ASP A 84 -14.66 -1.17 -16.41
C ASP A 84 -16.13 -1.63 -16.29
N GLU A 85 -16.81 -1.74 -17.39
CA GLU A 85 -18.23 -2.17 -17.35
C GLU A 85 -18.35 -3.45 -16.51
N SER A 86 -17.29 -4.20 -16.39
CA SER A 86 -17.34 -5.46 -15.59
C SER A 86 -17.49 -5.10 -14.10
N LEU A 87 -17.39 -3.84 -13.78
CA LEU A 87 -17.51 -3.43 -12.35
C LEU A 87 -19.00 -3.34 -11.97
N ASN A 88 -19.35 -3.71 -10.78
CA ASN A 88 -20.77 -3.63 -10.35
C ASN A 88 -20.86 -3.10 -8.92
N LEU A 89 -22.01 -3.16 -8.32
CA LEU A 89 -22.16 -2.66 -6.93
C LEU A 89 -21.38 -3.57 -5.97
N GLY A 90 -20.50 -3.01 -5.19
CA GLY A 90 -19.71 -3.83 -4.23
C GLY A 90 -18.36 -4.17 -4.84
N ASP A 91 -18.09 -3.74 -6.04
CA ASP A 91 -16.78 -4.03 -6.68
C ASP A 91 -15.77 -2.94 -6.31
N TYR A 92 -14.53 -3.12 -6.65
CA TYR A 92 -13.51 -2.11 -6.31
C TYR A 92 -12.79 -1.66 -7.59
N VAL A 93 -12.62 -0.38 -7.77
CA VAL A 93 -11.95 0.12 -8.99
C VAL A 93 -10.46 0.37 -8.68
N GLU A 94 -9.61 0.25 -9.66
CA GLU A 94 -8.17 0.48 -9.43
C GLU A 94 -7.68 1.64 -10.28
N ASP A 95 -6.78 2.44 -9.77
CA ASP A 95 -6.28 3.60 -10.55
C ASP A 95 -4.84 3.93 -10.11
N GLN A 96 -4.04 4.44 -11.00
CA GLN A 96 -2.64 4.79 -10.62
C GLN A 96 -2.56 6.27 -10.27
N ILE A 97 -1.94 6.60 -9.16
CA ILE A 97 -1.83 8.03 -8.77
C ILE A 97 -0.36 8.39 -8.57
N GLU A 98 -0.05 9.66 -8.58
CA GLU A 98 1.37 10.09 -8.40
C GLU A 98 1.99 9.29 -7.25
N SER A 99 3.28 9.06 -7.30
CA SER A 99 3.94 8.28 -6.22
C SER A 99 5.10 9.10 -5.65
N VAL A 100 5.55 8.77 -4.47
CA VAL A 100 6.69 9.53 -3.87
C VAL A 100 7.98 8.73 -4.02
N THR A 101 9.04 9.37 -4.41
CA THR A 101 10.34 8.65 -4.57
C THR A 101 10.85 8.18 -3.22
N PHE A 102 11.33 6.97 -3.13
CA PHE A 102 11.85 6.45 -1.84
C PHE A 102 13.00 7.34 -1.35
N ASP A 103 13.80 7.82 -2.27
CA ASP A 103 14.94 8.70 -1.86
C ASP A 103 14.42 9.90 -1.08
N ARG A 104 13.23 10.35 -1.41
CA ARG A 104 12.66 11.52 -0.68
C ARG A 104 12.75 11.29 0.83
N ILE A 105 12.57 10.06 1.25
CA ILE A 105 12.65 9.77 2.72
C ILE A 105 13.80 8.79 2.98
N THR A 106 14.29 8.75 4.19
CA THR A 106 15.41 7.82 4.50
C THR A 106 14.84 6.46 4.90
N THR A 107 15.67 5.45 4.93
CA THR A 107 15.18 4.09 5.31
C THR A 107 14.87 4.06 6.81
N GLN A 108 15.45 4.96 7.56
CA GLN A 108 15.18 4.98 9.03
C GLN A 108 13.69 5.18 9.27
N THR A 109 13.05 6.00 8.47
CA THR A 109 11.59 6.23 8.66
C THR A 109 10.83 4.91 8.46
N ALA A 110 11.21 4.13 7.50
CA ALA A 110 10.52 2.83 7.26
C ALA A 110 10.88 1.85 8.38
N LYS A 111 12.03 2.02 8.98
CA LYS A 111 12.44 1.10 10.08
C LYS A 111 11.44 1.20 11.23
N GLN A 112 10.83 2.33 11.40
CA GLN A 112 9.85 2.50 12.51
C GLN A 112 8.59 1.69 12.19
N VAL A 113 8.12 1.76 10.98
CA VAL A 113 6.89 0.99 10.61
C VAL A 113 7.20 -0.51 10.62
N ILE A 114 8.39 -0.88 10.23
CA ILE A 114 8.75 -2.32 10.22
C ILE A 114 8.69 -2.88 11.65
N VAL A 115 9.14 -2.11 12.60
CA VAL A 115 9.11 -2.59 14.02
C VAL A 115 7.66 -2.77 14.47
N GLN A 116 6.81 -1.84 14.14
CA GLN A 116 5.38 -1.95 14.55
C GLN A 116 4.78 -3.23 13.97
N LYS A 117 5.06 -3.52 12.73
CA LYS A 117 4.50 -4.76 12.11
C LYS A 117 5.05 -5.98 12.83
N VAL A 118 6.33 -5.98 13.13
CA VAL A 118 6.93 -7.15 13.85
C VAL A 118 6.47 -7.17 15.30
N ARG A 119 6.29 -6.01 15.88
CA ARG A 119 5.85 -5.96 17.30
C ARG A 119 4.48 -6.66 17.44
N GLU A 120 3.60 -6.43 16.50
CA GLU A 120 2.26 -7.09 16.58
C GLU A 120 2.42 -8.59 16.38
N ALA A 121 3.37 -9.00 15.59
CA ALA A 121 3.56 -10.46 15.36
C ALA A 121 4.01 -11.13 16.66
N GLU A 122 4.68 -10.40 17.52
CA GLU A 122 5.14 -10.99 18.80
C GLU A 122 3.93 -11.56 19.56
N ARG A 123 2.80 -10.92 19.47
CA ARG A 123 1.60 -11.42 20.18
C ARG A 123 1.28 -12.85 19.71
N ALA A 124 1.45 -13.11 18.45
CA ALA A 124 1.17 -14.48 17.93
C ALA A 124 1.77 -14.64 16.53
N MET A 125 2.14 -15.83 16.17
CA MET A 125 2.73 -16.04 14.82
C MET A 125 1.96 -17.14 14.08
N LEU A 126 1.81 -17.01 12.79
CA LEU A 126 1.06 -18.04 12.02
C LEU A 126 1.76 -19.39 12.17
N VAL A 127 3.06 -19.39 12.21
CA VAL A 127 3.80 -20.68 12.36
C VAL A 127 4.76 -20.60 13.53
N PRO A 128 4.27 -20.87 14.74
CA PRO A 128 5.08 -20.82 15.97
C PRO A 128 6.11 -21.97 16.01
N ARG A 129 7.28 -21.71 16.53
CA ARG A 129 8.31 -22.77 16.61
C ARG A 129 8.70 -23.21 15.19
N MET A 1 12.94 2.21 -10.03
CA MET A 1 13.92 1.16 -9.61
C MET A 1 14.84 1.73 -8.54
N ASN A 2 14.49 1.57 -7.29
CA ASN A 2 15.35 2.10 -6.19
C ASN A 2 16.14 0.95 -5.56
N LYS A 3 17.44 0.97 -5.69
CA LYS A 3 18.26 -0.11 -5.10
C LYS A 3 18.21 -0.02 -3.57
N GLU A 4 18.05 1.16 -3.06
CA GLU A 4 17.99 1.32 -1.57
C GLU A 4 16.77 0.58 -1.02
N ILE A 5 15.68 0.62 -1.74
CA ILE A 5 14.46 -0.09 -1.26
C ILE A 5 14.76 -1.58 -1.07
N LEU A 6 15.39 -2.19 -2.03
CA LEU A 6 15.71 -3.64 -1.91
C LEU A 6 16.74 -3.84 -0.80
N ALA A 7 17.66 -2.91 -0.65
CA ALA A 7 18.68 -3.04 0.42
C ALA A 7 18.04 -2.82 1.79
N VAL A 8 17.03 -2.00 1.85
CA VAL A 8 16.36 -1.73 3.16
C VAL A 8 15.57 -2.96 3.59
N VAL A 9 14.95 -3.64 2.66
CA VAL A 9 14.15 -4.85 3.03
C VAL A 9 15.09 -5.97 3.48
N GLU A 10 16.28 -6.01 2.93
CA GLU A 10 17.24 -7.09 3.33
C GLU A 10 17.67 -6.88 4.78
N ALA A 11 17.73 -5.65 5.23
CA ALA A 11 18.14 -5.38 6.64
C ALA A 11 17.04 -5.84 7.59
N VAL A 12 15.80 -5.76 7.17
CA VAL A 12 14.69 -6.19 8.06
C VAL A 12 14.58 -7.71 8.05
N SER A 13 14.84 -8.34 6.94
CA SER A 13 14.76 -9.82 6.88
C SER A 13 15.94 -10.44 7.62
N ASN A 14 17.09 -9.83 7.55
CA ASN A 14 18.28 -10.39 8.25
C ASN A 14 18.10 -10.25 9.77
N GLU A 15 17.50 -9.17 10.20
CA GLU A 15 17.31 -8.97 11.67
C GLU A 15 16.19 -9.88 12.18
N LYS A 16 15.07 -9.91 11.51
CA LYS A 16 13.94 -10.76 11.97
C LYS A 16 13.95 -12.09 11.20
N ALA A 17 14.93 -12.30 10.37
CA ALA A 17 14.97 -13.58 9.59
C ALA A 17 13.58 -13.89 9.04
N LEU A 18 12.78 -12.88 8.83
CA LEU A 18 11.41 -13.11 8.29
C LEU A 18 11.46 -13.17 6.77
N PRO A 19 10.33 -13.52 6.14
CA PRO A 19 10.23 -13.62 4.68
C PRO A 19 10.29 -12.25 4.01
N ARG A 20 11.04 -12.12 2.95
CA ARG A 20 11.14 -10.81 2.25
C ARG A 20 9.75 -10.36 1.79
N GLU A 21 8.94 -11.28 1.35
CA GLU A 21 7.57 -10.92 0.90
C GLU A 21 6.83 -10.20 2.02
N LYS A 22 6.76 -10.81 3.18
CA LYS A 22 6.05 -10.16 4.32
C LYS A 22 6.59 -8.74 4.52
N ILE A 23 7.89 -8.59 4.55
CA ILE A 23 8.47 -7.23 4.74
C ILE A 23 7.88 -6.26 3.72
N PHE A 24 7.94 -6.60 2.46
CA PHE A 24 7.38 -5.69 1.43
C PHE A 24 5.93 -5.35 1.78
N GLU A 25 5.22 -6.27 2.38
CA GLU A 25 3.80 -5.99 2.75
C GLU A 25 3.78 -4.83 3.75
N ALA A 26 4.66 -4.84 4.70
CA ALA A 26 4.69 -3.72 5.69
C ALA A 26 5.08 -2.42 4.98
N LEU A 27 6.07 -2.48 4.14
CA LEU A 27 6.49 -1.24 3.42
C LEU A 27 5.31 -0.71 2.59
N GLU A 28 4.64 -1.58 1.88
CA GLU A 28 3.47 -1.12 1.07
C GLU A 28 2.45 -0.46 1.98
N SER A 29 2.20 -1.03 3.13
CA SER A 29 1.20 -0.43 4.07
C SER A 29 1.69 0.96 4.50
N ALA A 30 2.92 1.07 4.90
CA ALA A 30 3.46 2.39 5.33
C ALA A 30 3.43 3.35 4.14
N LEU A 31 3.68 2.86 2.96
CA LEU A 31 3.67 3.75 1.77
C LEU A 31 2.23 4.14 1.44
N ALA A 32 1.33 3.20 1.46
CA ALA A 32 -0.10 3.53 1.15
C ALA A 32 -0.63 4.50 2.20
N THR A 33 -0.27 4.31 3.44
CA THR A 33 -0.76 5.23 4.51
C THR A 33 -0.18 6.63 4.29
N ALA A 34 1.06 6.71 3.87
CA ALA A 34 1.68 8.04 3.63
C ALA A 34 1.13 8.64 2.34
N THR A 35 0.87 7.82 1.36
CA THR A 35 0.33 8.35 0.07
C THR A 35 -1.07 8.93 0.31
N LYS A 36 -1.92 8.21 0.98
CA LYS A 36 -3.29 8.73 1.24
C LYS A 36 -3.21 9.91 2.21
N LYS A 37 -2.25 9.91 3.07
CA LYS A 37 -2.12 11.03 4.05
C LYS A 37 -1.98 12.35 3.29
N LYS A 38 -1.27 12.34 2.20
CA LYS A 38 -1.11 13.60 1.41
C LYS A 38 -2.47 14.14 1.02
N TYR A 39 -3.33 13.30 0.49
CA TYR A 39 -4.69 13.77 0.10
C TYR A 39 -5.49 14.13 1.36
N GLU A 40 -5.27 13.44 2.42
CA GLU A 40 -6.02 13.74 3.68
C GLU A 40 -7.52 13.52 3.45
N GLN A 41 -7.87 12.87 2.37
CA GLN A 41 -9.31 12.62 2.09
C GLN A 41 -9.67 11.19 2.46
N GLU A 42 -8.86 10.55 3.25
CA GLU A 42 -9.15 9.14 3.65
C GLU A 42 -9.47 8.32 2.40
N ILE A 43 -8.63 8.37 1.41
CA ILE A 43 -8.88 7.59 0.17
C ILE A 43 -8.21 6.21 0.28
N ASP A 44 -8.75 5.22 -0.36
CA ASP A 44 -8.15 3.86 -0.29
C ASP A 44 -7.01 3.77 -1.32
N VAL A 45 -5.83 3.46 -0.88
CA VAL A 45 -4.69 3.36 -1.83
C VAL A 45 -3.87 2.10 -1.53
N ARG A 46 -3.41 1.43 -2.55
CA ARG A 46 -2.60 0.20 -2.33
C ARG A 46 -1.25 0.35 -3.04
N VAL A 47 -0.17 0.14 -2.34
CA VAL A 47 1.17 0.27 -2.99
C VAL A 47 1.77 -1.11 -3.20
N GLN A 48 2.31 -1.35 -4.37
CA GLN A 48 2.93 -2.68 -4.65
C GLN A 48 4.41 -2.48 -4.95
N ILE A 49 5.27 -3.22 -4.31
CA ILE A 49 6.73 -3.06 -4.55
C ILE A 49 7.23 -4.18 -5.45
N ASP A 50 8.19 -3.89 -6.29
CA ASP A 50 8.74 -4.95 -7.19
C ASP A 50 10.16 -5.30 -6.75
N ARG A 51 10.35 -6.48 -6.23
CA ARG A 51 11.71 -6.89 -5.78
C ARG A 51 12.66 -6.90 -6.97
N LYS A 52 12.26 -7.51 -8.05
CA LYS A 52 13.13 -7.55 -9.25
C LYS A 52 13.51 -6.13 -9.66
N SER A 53 12.54 -5.35 -10.06
CA SER A 53 12.84 -3.95 -10.47
C SER A 53 13.39 -3.20 -9.27
N GLY A 54 12.83 -3.41 -8.11
CA GLY A 54 13.34 -2.71 -6.89
C GLY A 54 12.57 -1.39 -6.74
N ASP A 55 11.32 -1.39 -7.09
CA ASP A 55 10.52 -0.14 -6.97
C ASP A 55 9.05 -0.48 -6.69
N PHE A 56 8.32 0.45 -6.13
CA PHE A 56 6.89 0.18 -5.83
C PHE A 56 6.02 1.30 -6.39
N ASP A 57 4.87 0.97 -6.92
CA ASP A 57 3.97 2.01 -7.49
C ASP A 57 2.77 2.22 -6.55
N THR A 58 2.15 3.36 -6.62
CA THR A 58 0.98 3.62 -5.74
C THR A 58 -0.32 3.60 -6.56
N PHE A 59 -1.33 2.93 -6.07
CA PHE A 59 -2.61 2.87 -6.82
C PHE A 59 -3.78 3.14 -5.87
N ARG A 60 -4.85 3.69 -6.37
CA ARG A 60 -6.02 3.98 -5.49
C ARG A 60 -7.25 3.27 -6.06
N ARG A 61 -8.15 2.83 -5.21
CA ARG A 61 -9.35 2.13 -5.74
C ARG A 61 -10.61 2.66 -5.04
N TRP A 62 -11.75 2.52 -5.68
CA TRP A 62 -13.02 3.00 -5.08
C TRP A 62 -14.10 1.93 -5.23
N LEU A 63 -15.08 1.93 -4.37
CA LEU A 63 -16.15 0.92 -4.47
C LEU A 63 -17.29 1.47 -5.34
N VAL A 64 -17.84 0.67 -6.21
CA VAL A 64 -18.95 1.14 -7.08
C VAL A 64 -20.19 1.40 -6.22
N VAL A 65 -20.67 2.62 -6.19
CA VAL A 65 -21.86 2.92 -5.36
C VAL A 65 -22.96 3.54 -6.23
N ASP A 66 -24.19 3.16 -6.00
CA ASP A 66 -25.29 3.76 -6.79
C ASP A 66 -25.44 5.23 -6.37
N GLU A 67 -24.85 5.58 -5.26
CA GLU A 67 -24.94 6.98 -4.77
C GLU A 67 -23.73 7.27 -3.88
N VAL A 68 -22.55 7.17 -4.42
CA VAL A 68 -21.32 7.41 -3.61
C VAL A 68 -21.55 8.50 -2.57
N THR A 69 -21.50 8.17 -1.32
CA THR A 69 -21.70 9.18 -0.25
C THR A 69 -20.36 9.82 0.08
N GLN A 70 -19.28 9.19 -0.31
CA GLN A 70 -17.93 9.74 -0.03
C GLN A 70 -16.99 9.38 -1.19
N PRO A 71 -16.91 10.27 -2.20
CA PRO A 71 -16.06 10.05 -3.37
C PRO A 71 -14.56 10.04 -3.01
N THR A 72 -14.24 10.33 -1.78
CA THR A 72 -12.81 10.33 -1.38
C THR A 72 -12.32 8.89 -1.29
N LYS A 73 -13.22 7.95 -1.24
CA LYS A 73 -12.81 6.52 -1.16
C LYS A 73 -13.93 5.64 -1.74
N GLU A 74 -14.79 6.22 -2.53
CA GLU A 74 -15.90 5.42 -3.13
C GLU A 74 -16.22 5.97 -4.52
N ILE A 75 -16.57 5.12 -5.44
CA ILE A 75 -16.89 5.59 -6.82
C ILE A 75 -18.35 5.26 -7.13
N THR A 76 -19.04 6.15 -7.80
CA THR A 76 -20.47 5.89 -8.13
C THR A 76 -20.55 4.84 -9.24
N LEU A 77 -21.73 4.32 -9.50
CA LEU A 77 -21.87 3.30 -10.57
C LEU A 77 -21.45 3.91 -11.91
N GLU A 78 -22.01 5.03 -12.26
CA GLU A 78 -21.64 5.69 -13.55
C GLU A 78 -20.13 5.84 -13.62
N ALA A 79 -19.53 6.38 -12.59
CA ALA A 79 -18.05 6.56 -12.59
C ALA A 79 -17.37 5.22 -12.83
N ALA A 80 -17.90 4.16 -12.24
CA ALA A 80 -17.27 2.82 -12.44
C ALA A 80 -17.32 2.45 -13.92
N ARG A 81 -18.41 2.74 -14.58
CA ARG A 81 -18.51 2.42 -16.03
C ARG A 81 -17.45 3.20 -16.81
N TYR A 82 -17.29 4.46 -16.49
CA TYR A 82 -16.27 5.29 -17.21
C TYR A 82 -14.88 4.65 -17.03
N GLU A 83 -14.59 4.19 -15.85
CA GLU A 83 -13.25 3.56 -15.62
C GLU A 83 -13.24 2.15 -16.22
N ASP A 84 -14.38 1.50 -16.26
CA ASP A 84 -14.44 0.13 -16.83
C ASP A 84 -15.88 -0.40 -16.74
N GLU A 85 -16.60 -0.35 -17.82
CA GLU A 85 -18.01 -0.84 -17.79
C GLU A 85 -18.05 -2.22 -17.13
N SER A 86 -16.95 -2.93 -17.14
CA SER A 86 -16.93 -4.28 -16.52
C SER A 86 -17.21 -4.15 -15.02
N LEU A 87 -17.16 -2.96 -14.50
CA LEU A 87 -17.44 -2.77 -13.05
C LEU A 87 -18.94 -2.73 -12.81
N ASN A 88 -19.39 -3.23 -11.69
CA ASN A 88 -20.85 -3.21 -11.40
C ASN A 88 -21.08 -2.71 -9.97
N LEU A 89 -22.30 -2.64 -9.54
CA LEU A 89 -22.57 -2.15 -8.16
C LEU A 89 -21.94 -3.10 -7.14
N GLY A 90 -21.09 -2.59 -6.29
CA GLY A 90 -20.44 -3.46 -5.27
C GLY A 90 -19.03 -3.84 -5.75
N ASP A 91 -18.74 -3.62 -7.00
CA ASP A 91 -17.39 -3.96 -7.53
C ASP A 91 -16.40 -2.88 -7.14
N TYR A 92 -15.15 -3.23 -6.99
CA TYR A 92 -14.12 -2.21 -6.61
C TYR A 92 -13.42 -1.70 -7.87
N VAL A 93 -13.15 -0.42 -7.94
CA VAL A 93 -12.47 0.14 -9.14
C VAL A 93 -11.00 0.43 -8.79
N GLU A 94 -10.10 0.16 -9.69
CA GLU A 94 -8.67 0.43 -9.40
C GLU A 94 -8.16 1.58 -10.28
N ASP A 95 -7.14 2.26 -9.85
CA ASP A 95 -6.61 3.39 -10.65
C ASP A 95 -5.17 3.68 -10.22
N GLN A 96 -4.34 4.12 -11.13
CA GLN A 96 -2.92 4.42 -10.77
C GLN A 96 -2.80 5.89 -10.36
N ILE A 97 -2.07 6.16 -9.32
CA ILE A 97 -1.92 7.57 -8.86
C ILE A 97 -0.43 7.87 -8.62
N GLU A 98 -0.07 9.12 -8.68
CA GLU A 98 1.37 9.49 -8.45
C GLU A 98 1.88 8.83 -7.18
N SER A 99 3.10 8.39 -7.18
CA SER A 99 3.66 7.73 -5.96
C SER A 99 4.93 8.48 -5.52
N VAL A 100 5.34 8.29 -4.30
CA VAL A 100 6.56 8.98 -3.81
C VAL A 100 7.78 8.09 -4.03
N THR A 101 8.82 8.62 -4.59
CA THR A 101 10.05 7.81 -4.84
C THR A 101 10.75 7.54 -3.51
N PHE A 102 11.17 6.31 -3.29
CA PHE A 102 11.86 5.99 -2.02
C PHE A 102 13.08 6.91 -1.84
N ASP A 103 13.77 7.19 -2.91
CA ASP A 103 14.96 8.08 -2.81
C ASP A 103 14.56 9.41 -2.17
N ARG A 104 13.37 9.87 -2.45
CA ARG A 104 12.91 11.17 -1.86
C ARG A 104 13.02 11.09 -0.32
N ILE A 105 12.74 9.94 0.24
CA ILE A 105 12.83 9.81 1.72
C ILE A 105 13.92 8.80 2.08
N THR A 106 14.84 9.17 2.94
CA THR A 106 15.92 8.23 3.32
C THR A 106 16.22 8.39 4.81
N THR A 107 15.22 8.23 5.64
CA THR A 107 15.45 8.36 7.11
C THR A 107 15.13 7.03 7.80
N GLN A 108 15.54 6.87 9.02
CA GLN A 108 15.27 5.59 9.75
C GLN A 108 13.77 5.51 10.06
N THR A 109 13.07 6.61 10.03
CA THR A 109 11.62 6.59 10.33
C THR A 109 10.94 5.50 9.48
N ALA A 110 11.45 5.25 8.31
CA ALA A 110 10.84 4.21 7.43
C ALA A 110 10.96 2.84 8.10
N LYS A 111 12.12 2.52 8.60
CA LYS A 111 12.30 1.20 9.26
C LYS A 111 11.54 1.18 10.59
N GLN A 112 11.38 2.31 11.21
CA GLN A 112 10.65 2.35 12.52
C GLN A 112 9.25 1.75 12.32
N VAL A 113 8.61 2.02 11.23
CA VAL A 113 7.25 1.46 10.99
C VAL A 113 7.36 -0.05 10.78
N ILE A 114 8.48 -0.53 10.34
CA ILE A 114 8.64 -2.00 10.11
C ILE A 114 8.75 -2.72 11.46
N VAL A 115 9.52 -2.18 12.37
CA VAL A 115 9.66 -2.84 13.70
C VAL A 115 8.37 -2.67 14.49
N GLN A 116 7.70 -1.57 14.34
CA GLN A 116 6.42 -1.35 15.09
C GLN A 116 5.34 -2.26 14.53
N LYS A 117 5.26 -2.40 13.23
CA LYS A 117 4.21 -3.26 12.62
C LYS A 117 4.53 -4.73 12.93
N VAL A 118 5.78 -5.12 12.83
CA VAL A 118 6.14 -6.53 13.11
C VAL A 118 5.77 -6.90 14.55
N ARG A 119 5.99 -6.00 15.47
CA ARG A 119 5.65 -6.29 16.90
C ARG A 119 4.13 -6.47 17.02
N GLU A 120 3.37 -5.74 16.25
CA GLU A 120 1.89 -5.87 16.34
C GLU A 120 1.46 -7.28 15.92
N ALA A 121 2.22 -7.91 15.06
CA ALA A 121 1.86 -9.28 14.62
C ALA A 121 1.90 -10.24 15.81
N GLU A 122 2.85 -10.06 16.69
CA GLU A 122 2.94 -10.96 17.87
C GLU A 122 1.72 -10.74 18.77
N ARG A 123 1.18 -9.56 18.79
CA ARG A 123 -0.01 -9.29 19.64
C ARG A 123 -1.12 -10.28 19.30
N ALA A 124 -1.30 -10.57 18.04
CA ALA A 124 -2.37 -11.53 17.64
C ALA A 124 -1.88 -12.97 17.86
N MET A 125 -2.53 -13.70 18.70
CA MET A 125 -2.10 -15.11 18.95
C MET A 125 -2.25 -15.93 17.66
N LEU A 126 -3.27 -15.66 16.90
CA LEU A 126 -3.47 -16.42 15.63
C LEU A 126 -2.94 -15.59 14.46
N VAL A 127 -2.33 -16.23 13.50
CA VAL A 127 -1.79 -15.47 12.33
C VAL A 127 -2.45 -15.99 11.05
N PRO A 128 -2.41 -15.19 9.98
CA PRO A 128 -3.01 -15.55 8.70
C PRO A 128 -2.22 -16.66 8.00
N ARG A 129 -2.90 -17.56 7.34
CA ARG A 129 -2.19 -18.67 6.64
C ARG A 129 -3.09 -19.26 5.56
N MET A 1 13.42 1.08 -10.65
CA MET A 1 14.33 0.09 -10.03
C MET A 1 15.16 0.77 -8.93
N ASN A 2 14.62 0.87 -7.75
CA ASN A 2 15.37 1.52 -6.64
C ASN A 2 16.05 0.46 -5.77
N LYS A 3 17.34 0.41 -5.77
CA LYS A 3 18.06 -0.60 -4.95
C LYS A 3 17.84 -0.30 -3.46
N GLU A 4 17.64 0.94 -3.13
CA GLU A 4 17.43 1.30 -1.69
C GLU A 4 16.22 0.54 -1.16
N ILE A 5 15.20 0.37 -1.96
CA ILE A 5 13.99 -0.36 -1.49
C ILE A 5 14.35 -1.82 -1.22
N LEU A 6 15.05 -2.45 -2.13
CA LEU A 6 15.44 -3.87 -1.92
C LEU A 6 16.49 -3.96 -0.81
N ALA A 7 17.28 -2.93 -0.65
CA ALA A 7 18.32 -2.96 0.42
C ALA A 7 17.66 -2.85 1.79
N VAL A 8 16.68 -1.99 1.91
CA VAL A 8 16.00 -1.83 3.23
C VAL A 8 15.25 -3.12 3.57
N VAL A 9 14.69 -3.78 2.60
CA VAL A 9 13.96 -5.04 2.87
C VAL A 9 14.93 -6.13 3.32
N GLU A 10 16.11 -6.15 2.74
CA GLU A 10 17.10 -7.19 3.13
C GLU A 10 17.54 -6.97 4.58
N ALA A 11 17.61 -5.74 5.01
CA ALA A 11 18.04 -5.46 6.41
C ALA A 11 16.92 -5.88 7.37
N VAL A 12 15.69 -5.73 6.97
CA VAL A 12 14.56 -6.12 7.86
C VAL A 12 14.40 -7.64 7.85
N SER A 13 14.81 -8.28 6.78
CA SER A 13 14.67 -9.76 6.71
C SER A 13 15.64 -10.41 7.70
N ASN A 14 16.80 -9.85 7.86
CA ASN A 14 17.78 -10.44 8.82
C ASN A 14 17.40 -10.06 10.25
N GLU A 15 16.99 -8.84 10.46
CA GLU A 15 16.61 -8.41 11.82
C GLU A 15 15.28 -9.07 12.22
N LYS A 16 14.33 -9.09 11.34
CA LYS A 16 13.02 -9.71 11.67
C LYS A 16 13.09 -11.22 11.42
N ALA A 17 14.02 -11.66 10.63
CA ALA A 17 14.14 -13.13 10.35
C ALA A 17 12.92 -13.59 9.57
N LEU A 18 12.31 -12.71 8.81
CA LEU A 18 11.11 -13.10 8.02
C LEU A 18 11.43 -12.96 6.53
N PRO A 19 10.54 -13.49 5.67
CA PRO A 19 10.70 -13.43 4.21
C PRO A 19 10.56 -12.00 3.68
N ARG A 20 11.41 -11.61 2.77
CA ARG A 20 11.32 -10.24 2.21
C ARG A 20 9.89 -9.97 1.73
N GLU A 21 9.25 -10.94 1.15
CA GLU A 21 7.86 -10.73 0.66
C GLU A 21 7.03 -10.08 1.77
N LYS A 22 6.95 -10.70 2.91
CA LYS A 22 6.15 -10.11 4.02
C LYS A 22 6.64 -8.69 4.29
N ILE A 23 7.92 -8.49 4.32
CA ILE A 23 8.46 -7.11 4.58
C ILE A 23 7.90 -6.16 3.52
N PHE A 24 7.99 -6.51 2.26
CA PHE A 24 7.46 -5.62 1.20
C PHE A 24 6.01 -5.27 1.52
N GLU A 25 5.29 -6.17 2.14
CA GLU A 25 3.87 -5.88 2.49
C GLU A 25 3.83 -4.72 3.47
N ALA A 26 4.67 -4.76 4.49
CA ALA A 26 4.69 -3.66 5.48
C ALA A 26 5.09 -2.36 4.78
N LEU A 27 6.12 -2.41 3.98
CA LEU A 27 6.55 -1.17 3.26
C LEU A 27 5.37 -0.62 2.46
N GLU A 28 4.73 -1.46 1.69
CA GLU A 28 3.57 -0.99 0.89
C GLU A 28 2.59 -0.24 1.79
N SER A 29 2.29 -0.81 2.94
CA SER A 29 1.35 -0.13 3.88
C SER A 29 1.88 1.26 4.22
N ALA A 30 3.18 1.40 4.32
CA ALA A 30 3.76 2.72 4.65
C ALA A 30 3.63 3.66 3.44
N LEU A 31 3.93 3.17 2.27
CA LEU A 31 3.82 4.02 1.06
C LEU A 31 2.36 4.45 0.86
N ALA A 32 1.45 3.52 0.87
CA ALA A 32 0.02 3.87 0.70
C ALA A 32 -0.43 4.80 1.83
N THR A 33 -0.18 4.41 3.06
CA THR A 33 -0.59 5.27 4.20
C THR A 33 -0.02 6.68 4.02
N ALA A 34 1.22 6.78 3.63
CA ALA A 34 1.83 8.12 3.43
C ALA A 34 1.31 8.74 2.14
N THR A 35 1.15 7.94 1.11
CA THR A 35 0.63 8.49 -0.18
C THR A 35 -0.70 9.21 0.07
N LYS A 36 -1.59 8.60 0.80
CA LYS A 36 -2.91 9.25 1.08
C LYS A 36 -2.68 10.56 1.84
N LYS A 37 -1.59 10.67 2.54
CA LYS A 37 -1.32 11.93 3.30
C LYS A 37 -1.30 13.11 2.32
N LYS A 38 -0.70 12.93 1.17
CA LYS A 38 -0.66 14.05 0.19
C LYS A 38 -2.08 14.43 -0.21
N TYR A 39 -2.94 13.47 -0.40
CA TYR A 39 -4.34 13.78 -0.78
C TYR A 39 -5.09 14.34 0.43
N GLU A 40 -4.87 13.78 1.59
CA GLU A 40 -5.58 14.28 2.80
C GLU A 40 -7.08 14.11 2.63
N GLN A 41 -7.49 13.32 1.68
CA GLN A 41 -8.95 13.11 1.46
C GLN A 41 -9.35 11.73 1.98
N GLU A 42 -8.50 11.10 2.74
CA GLU A 42 -8.83 9.75 3.29
C GLU A 42 -9.26 8.84 2.13
N ILE A 43 -8.46 8.78 1.09
CA ILE A 43 -8.82 7.91 -0.07
C ILE A 43 -8.15 6.55 0.09
N ASP A 44 -8.62 5.56 -0.62
CA ASP A 44 -8.02 4.19 -0.52
C ASP A 44 -6.91 4.06 -1.55
N VAL A 45 -5.69 3.96 -1.12
CA VAL A 45 -4.55 3.83 -2.08
C VAL A 45 -3.75 2.56 -1.77
N ARG A 46 -3.34 1.85 -2.77
CA ARG A 46 -2.55 0.61 -2.53
C ARG A 46 -1.22 0.71 -3.29
N VAL A 47 -0.13 0.43 -2.62
CA VAL A 47 1.19 0.51 -3.30
C VAL A 47 1.79 -0.90 -3.44
N GLN A 48 2.27 -1.22 -4.61
CA GLN A 48 2.86 -2.57 -4.83
C GLN A 48 4.35 -2.43 -5.10
N ILE A 49 5.16 -3.29 -4.54
CA ILE A 49 6.63 -3.20 -4.77
C ILE A 49 7.08 -4.36 -5.66
N ASP A 50 8.06 -4.12 -6.51
CA ASP A 50 8.54 -5.21 -7.40
C ASP A 50 9.94 -5.63 -6.97
N ARG A 51 10.09 -6.84 -6.49
CA ARG A 51 11.43 -7.32 -6.06
C ARG A 51 12.36 -7.39 -7.26
N LYS A 52 11.91 -7.97 -8.34
CA LYS A 52 12.76 -8.07 -9.56
C LYS A 52 13.26 -6.68 -9.93
N SER A 53 12.36 -5.79 -10.24
CA SER A 53 12.79 -4.41 -10.62
C SER A 53 13.37 -3.71 -9.40
N GLY A 54 12.76 -3.89 -8.25
CA GLY A 54 13.28 -3.23 -7.03
C GLY A 54 12.60 -1.88 -6.86
N ASP A 55 11.34 -1.79 -7.20
CA ASP A 55 10.63 -0.49 -7.08
C ASP A 55 9.13 -0.75 -6.85
N PHE A 56 8.43 0.21 -6.31
CA PHE A 56 6.97 0.01 -6.06
C PHE A 56 6.19 1.17 -6.70
N ASP A 57 5.02 0.89 -7.21
CA ASP A 57 4.22 1.97 -7.83
C ASP A 57 3.00 2.27 -6.96
N THR A 58 2.51 3.48 -6.98
CA THR A 58 1.33 3.83 -6.14
C THR A 58 0.05 3.62 -6.95
N PHE A 59 -0.91 2.94 -6.39
CA PHE A 59 -2.19 2.69 -7.13
C PHE A 59 -3.37 3.07 -6.23
N ARG A 60 -4.43 3.54 -6.82
CA ARG A 60 -5.63 3.92 -6.01
C ARG A 60 -6.81 3.05 -6.44
N ARG A 61 -7.70 2.74 -5.54
CA ARG A 61 -8.88 1.90 -5.91
C ARG A 61 -10.15 2.44 -5.25
N TRP A 62 -11.29 2.10 -5.78
CA TRP A 62 -12.56 2.58 -5.19
C TRP A 62 -13.63 1.49 -5.28
N LEU A 63 -14.60 1.51 -4.43
CA LEU A 63 -15.66 0.48 -4.47
C LEU A 63 -16.89 1.03 -5.19
N VAL A 64 -17.55 0.21 -5.96
CA VAL A 64 -18.76 0.68 -6.69
C VAL A 64 -19.87 0.96 -5.69
N VAL A 65 -20.39 2.16 -5.68
CA VAL A 65 -21.47 2.49 -4.70
C VAL A 65 -22.64 3.12 -5.44
N ASP A 66 -23.84 2.67 -5.17
CA ASP A 66 -25.03 3.27 -5.85
C ASP A 66 -25.24 4.67 -5.29
N GLU A 67 -24.86 4.87 -4.06
CA GLU A 67 -25.01 6.22 -3.42
C GLU A 67 -23.73 6.55 -2.66
N VAL A 68 -22.61 6.48 -3.34
CA VAL A 68 -21.29 6.77 -2.69
C VAL A 68 -21.44 7.80 -1.56
N THR A 69 -21.17 7.39 -0.34
CA THR A 69 -21.27 8.34 0.79
C THR A 69 -19.92 9.03 0.96
N GLN A 70 -18.88 8.39 0.48
CA GLN A 70 -17.52 8.98 0.58
C GLN A 70 -16.75 8.70 -0.72
N PRO A 71 -16.71 9.69 -1.62
CA PRO A 71 -16.03 9.55 -2.91
C PRO A 71 -14.51 9.41 -2.75
N THR A 72 -14.02 9.49 -1.55
CA THR A 72 -12.56 9.34 -1.33
C THR A 72 -12.19 7.86 -1.34
N LYS A 73 -13.07 7.02 -0.86
CA LYS A 73 -12.77 5.56 -0.85
C LYS A 73 -13.92 4.79 -1.51
N GLU A 74 -14.85 5.49 -2.09
CA GLU A 74 -16.00 4.81 -2.75
C GLU A 74 -16.27 5.48 -4.10
N ILE A 75 -16.54 4.71 -5.11
CA ILE A 75 -16.82 5.30 -6.46
C ILE A 75 -18.26 4.99 -6.86
N THR A 76 -18.98 5.97 -7.32
CA THR A 76 -20.40 5.72 -7.72
C THR A 76 -20.42 4.76 -8.91
N LEU A 77 -21.52 4.09 -9.14
CA LEU A 77 -21.59 3.15 -10.28
C LEU A 77 -21.26 3.89 -11.57
N GLU A 78 -21.94 4.98 -11.83
CA GLU A 78 -21.66 5.75 -13.07
C GLU A 78 -20.16 5.97 -13.21
N ALA A 79 -19.52 6.45 -12.18
CA ALA A 79 -18.05 6.66 -12.26
C ALA A 79 -17.36 5.34 -12.58
N ALA A 80 -17.89 4.25 -12.08
CA ALA A 80 -17.27 2.92 -12.36
C ALA A 80 -17.43 2.61 -13.86
N ARG A 81 -18.52 3.01 -14.44
CA ARG A 81 -18.74 2.74 -15.89
C ARG A 81 -17.75 3.57 -16.70
N TYR A 82 -17.46 4.76 -16.25
CA TYR A 82 -16.49 5.62 -16.99
C TYR A 82 -15.09 4.99 -16.92
N GLU A 83 -14.76 4.39 -15.80
CA GLU A 83 -13.43 3.75 -15.67
C GLU A 83 -13.49 2.33 -16.23
N ASP A 84 -14.64 1.70 -16.15
CA ASP A 84 -14.76 0.31 -16.66
C ASP A 84 -16.19 -0.19 -16.47
N GLU A 85 -16.96 -0.25 -17.53
CA GLU A 85 -18.37 -0.73 -17.40
C GLU A 85 -18.39 -2.11 -16.75
N SER A 86 -17.29 -2.82 -16.81
CA SER A 86 -17.24 -4.18 -16.19
C SER A 86 -17.45 -4.06 -14.68
N LEU A 87 -17.34 -2.87 -14.15
CA LEU A 87 -17.53 -2.70 -12.67
C LEU A 87 -19.03 -2.71 -12.35
N ASN A 88 -19.40 -3.26 -11.23
CA ASN A 88 -20.83 -3.31 -10.85
C ASN A 88 -20.99 -2.86 -9.39
N LEU A 89 -22.21 -2.70 -8.95
CA LEU A 89 -22.43 -2.27 -7.54
C LEU A 89 -21.79 -3.29 -6.59
N GLY A 90 -20.89 -2.84 -5.76
CA GLY A 90 -20.23 -3.78 -4.81
C GLY A 90 -18.88 -4.24 -5.39
N ASP A 91 -18.53 -3.76 -6.55
CA ASP A 91 -17.24 -4.18 -7.17
C ASP A 91 -16.14 -3.18 -6.77
N TYR A 92 -14.91 -3.50 -7.06
CA TYR A 92 -13.80 -2.56 -6.70
C TYR A 92 -13.12 -2.07 -7.98
N VAL A 93 -12.63 -0.86 -7.97
CA VAL A 93 -11.97 -0.32 -9.18
C VAL A 93 -10.49 -0.04 -8.87
N GLU A 94 -9.63 -0.18 -9.84
CA GLU A 94 -8.18 0.07 -9.60
C GLU A 94 -7.67 1.11 -10.60
N ASP A 95 -6.72 1.91 -10.21
CA ASP A 95 -6.19 2.94 -11.14
C ASP A 95 -4.78 3.35 -10.69
N GLN A 96 -3.93 3.71 -11.61
CA GLN A 96 -2.56 4.13 -11.23
C GLN A 96 -2.56 5.60 -10.82
N ILE A 97 -1.95 5.92 -9.71
CA ILE A 97 -1.92 7.33 -9.25
C ILE A 97 -0.47 7.78 -9.06
N GLU A 98 -0.24 9.05 -8.94
CA GLU A 98 1.15 9.55 -8.74
C GLU A 98 1.77 8.90 -7.51
N SER A 99 3.05 8.69 -7.51
CA SER A 99 3.71 8.05 -6.34
C SER A 99 4.72 9.04 -5.72
N VAL A 100 5.10 8.81 -4.49
CA VAL A 100 6.07 9.73 -3.84
C VAL A 100 7.48 9.12 -3.90
N THR A 101 8.46 9.92 -4.17
CA THR A 101 9.86 9.39 -4.24
C THR A 101 10.44 9.25 -2.83
N PHE A 102 11.17 8.21 -2.58
CA PHE A 102 11.77 8.03 -1.23
C PHE A 102 12.49 9.31 -0.81
N ASP A 103 13.24 9.89 -1.69
CA ASP A 103 13.97 11.14 -1.35
C ASP A 103 14.93 10.87 -0.19
N ARG A 104 14.44 10.91 1.02
CA ARG A 104 15.34 10.65 2.19
C ARG A 104 15.84 9.21 2.14
N ILE A 105 17.02 8.97 2.63
CA ILE A 105 17.58 7.58 2.61
C ILE A 105 17.61 7.03 4.03
N THR A 106 17.25 5.78 4.21
CA THR A 106 17.28 5.19 5.57
C THR A 106 16.60 6.15 6.55
N THR A 107 15.43 6.63 6.22
CA THR A 107 14.73 7.57 7.14
C THR A 107 14.16 6.78 8.33
N GLN A 108 14.31 7.29 9.52
CA GLN A 108 13.79 6.57 10.71
C GLN A 108 12.27 6.44 10.61
N THR A 109 11.62 7.40 9.99
CA THR A 109 10.14 7.32 9.85
C THR A 109 9.76 6.02 9.15
N ALA A 110 10.44 5.67 8.11
CA ALA A 110 10.12 4.40 7.39
C ALA A 110 10.43 3.20 8.30
N LYS A 111 11.47 3.30 9.08
CA LYS A 111 11.82 2.17 9.98
C LYS A 111 10.72 1.99 11.03
N GLN A 112 10.15 3.06 11.49
CA GLN A 112 9.08 2.96 12.51
C GLN A 112 7.91 2.16 11.94
N VAL A 113 7.61 2.34 10.68
CA VAL A 113 6.48 1.59 10.08
C VAL A 113 6.79 0.08 10.10
N ILE A 114 7.99 -0.29 9.77
CA ILE A 114 8.35 -1.73 9.78
C ILE A 114 8.22 -2.28 11.20
N VAL A 115 8.63 -1.52 12.18
CA VAL A 115 8.53 -1.99 13.59
C VAL A 115 7.06 -2.20 13.96
N GLN A 116 6.22 -1.26 13.61
CA GLN A 116 4.77 -1.39 13.95
C GLN A 116 4.20 -2.62 13.24
N LYS A 117 4.56 -2.83 12.00
CA LYS A 117 4.04 -4.01 11.25
C LYS A 117 4.52 -5.29 11.94
N VAL A 118 5.79 -5.36 12.28
CA VAL A 118 6.31 -6.59 12.94
C VAL A 118 5.59 -6.79 14.27
N ARG A 119 5.38 -5.74 15.01
CA ARG A 119 4.68 -5.88 16.32
C ARG A 119 3.28 -6.44 16.11
N GLU A 120 2.65 -6.07 15.02
CA GLU A 120 1.28 -6.58 14.74
C GLU A 120 1.30 -8.11 14.74
N ALA A 121 2.37 -8.70 14.31
CA ALA A 121 2.45 -10.19 14.27
C ALA A 121 2.28 -10.73 15.69
N GLU A 122 2.79 -10.03 16.67
CA GLU A 122 2.67 -10.51 18.07
C GLU A 122 1.19 -10.61 18.45
N ARG A 123 0.38 -9.74 17.93
CA ARG A 123 -1.07 -9.77 18.26
C ARG A 123 -1.63 -11.16 17.92
N ALA A 124 -1.12 -11.78 16.90
CA ALA A 124 -1.63 -13.13 16.51
C ALA A 124 -0.66 -14.20 17.01
N MET A 125 -1.15 -15.35 17.34
CA MET A 125 -0.25 -16.44 17.83
C MET A 125 0.12 -17.36 16.67
N LEU A 126 1.34 -17.81 16.62
CA LEU A 126 1.77 -18.71 15.51
C LEU A 126 0.82 -19.90 15.43
N VAL A 127 0.39 -20.42 16.55
CA VAL A 127 -0.53 -21.59 16.53
C VAL A 127 -1.76 -21.28 17.40
N PRO A 128 -2.74 -20.55 16.82
CA PRO A 128 -3.97 -20.19 17.53
C PRO A 128 -4.87 -21.41 17.77
N ARG A 129 -4.64 -22.47 17.05
CA ARG A 129 -5.47 -23.69 17.24
C ARG A 129 -5.36 -24.17 18.68
N MET A 1 13.28 1.87 -10.39
CA MET A 1 14.56 1.13 -10.23
C MET A 1 15.32 1.68 -9.03
N ASN A 2 14.75 1.57 -7.85
CA ASN A 2 15.44 2.10 -6.64
C ASN A 2 16.05 0.93 -5.85
N LYS A 3 17.35 0.88 -5.75
CA LYS A 3 17.99 -0.23 -4.99
C LYS A 3 17.79 -0.03 -3.49
N GLU A 4 17.59 1.19 -3.08
CA GLU A 4 17.39 1.47 -1.62
C GLU A 4 16.13 0.73 -1.14
N ILE A 5 15.12 0.68 -1.96
CA ILE A 5 13.88 -0.03 -1.54
C ILE A 5 14.18 -1.51 -1.28
N LEU A 6 14.99 -2.10 -2.11
CA LEU A 6 15.33 -3.54 -1.92
C LEU A 6 16.32 -3.69 -0.76
N ALA A 7 17.10 -2.68 -0.51
CA ALA A 7 18.09 -2.76 0.61
C ALA A 7 17.35 -2.70 1.95
N VAL A 8 16.41 -1.82 2.08
CA VAL A 8 15.66 -1.70 3.37
C VAL A 8 14.86 -2.98 3.60
N VAL A 9 14.42 -3.63 2.56
CA VAL A 9 13.63 -4.88 2.73
C VAL A 9 14.54 -5.99 3.26
N GLU A 10 15.76 -6.04 2.80
CA GLU A 10 16.69 -7.10 3.27
C GLU A 10 17.13 -6.79 4.71
N ALA A 11 17.23 -5.56 5.06
CA ALA A 11 17.66 -5.20 6.44
C ALA A 11 16.59 -5.63 7.44
N VAL A 12 15.35 -5.64 7.03
CA VAL A 12 14.27 -6.04 7.97
C VAL A 12 14.27 -7.57 8.12
N SER A 13 14.43 -8.29 7.05
CA SER A 13 14.43 -9.77 7.13
C SER A 13 15.69 -10.24 7.86
N ASN A 14 16.74 -9.48 7.80
CA ASN A 14 18.01 -9.89 8.49
C ASN A 14 17.80 -9.86 10.01
N GLU A 15 17.05 -8.92 10.51
CA GLU A 15 16.84 -8.84 11.98
C GLU A 15 15.96 -9.99 12.48
N LYS A 16 14.84 -10.22 11.86
CA LYS A 16 13.95 -11.32 12.34
C LYS A 16 13.86 -12.44 11.29
N ALA A 17 14.77 -12.48 10.35
CA ALA A 17 14.72 -13.56 9.32
C ALA A 17 13.31 -13.65 8.73
N LEU A 18 12.54 -12.60 8.83
CA LEU A 18 11.16 -12.64 8.27
C LEU A 18 11.21 -12.79 6.75
N PRO A 19 10.08 -13.20 6.14
CA PRO A 19 10.00 -13.39 4.69
C PRO A 19 10.04 -12.05 3.94
N ARG A 20 10.80 -11.98 2.88
CA ARG A 20 10.87 -10.71 2.11
C ARG A 20 9.48 -10.29 1.67
N GLU A 21 8.68 -11.21 1.19
CA GLU A 21 7.31 -10.86 0.75
C GLU A 21 6.60 -10.09 1.86
N LYS A 22 6.49 -10.66 3.02
CA LYS A 22 5.80 -9.95 4.14
C LYS A 22 6.37 -8.54 4.29
N ILE A 23 7.67 -8.40 4.25
CA ILE A 23 8.27 -7.04 4.38
C ILE A 23 7.67 -6.11 3.34
N PHE A 24 7.69 -6.49 2.10
CA PHE A 24 7.12 -5.62 1.03
C PHE A 24 5.70 -5.22 1.43
N GLU A 25 4.98 -6.11 2.06
CA GLU A 25 3.58 -5.78 2.47
C GLU A 25 3.62 -4.58 3.42
N ALA A 26 4.52 -4.58 4.36
CA ALA A 26 4.61 -3.43 5.31
C ALA A 26 5.12 -2.21 4.55
N LEU A 27 6.02 -2.43 3.64
CA LEU A 27 6.57 -1.29 2.85
C LEU A 27 5.43 -0.61 2.09
N GLU A 28 4.62 -1.38 1.41
CA GLU A 28 3.49 -0.78 0.65
C GLU A 28 2.55 -0.06 1.61
N SER A 29 2.33 -0.62 2.76
CA SER A 29 1.42 0.03 3.75
C SER A 29 1.97 1.41 4.11
N ALA A 30 3.27 1.56 4.12
CA ALA A 30 3.87 2.89 4.46
C ALA A 30 3.72 3.84 3.27
N LEU A 31 3.83 3.33 2.07
CA LEU A 31 3.71 4.20 0.87
C LEU A 31 2.24 4.59 0.67
N ALA A 32 1.35 3.65 0.75
CA ALA A 32 -0.09 3.96 0.57
C ALA A 32 -0.56 4.90 1.67
N THR A 33 -0.08 4.72 2.87
CA THR A 33 -0.51 5.61 3.99
C THR A 33 0.12 7.00 3.80
N ALA A 34 1.36 7.05 3.43
CA ALA A 34 2.03 8.38 3.23
C ALA A 34 1.53 9.01 1.93
N THR A 35 1.15 8.21 0.97
CA THR A 35 0.66 8.76 -0.32
C THR A 35 -0.73 9.39 -0.12
N LYS A 36 -1.62 8.66 0.49
CA LYS A 36 -2.99 9.22 0.71
C LYS A 36 -2.90 10.47 1.59
N LYS A 37 -1.94 10.53 2.47
CA LYS A 37 -1.80 11.73 3.34
C LYS A 37 -1.55 12.96 2.49
N LYS A 38 -0.91 12.81 1.36
CA LYS A 38 -0.64 13.97 0.49
C LYS A 38 -1.97 14.58 0.01
N TYR A 39 -2.92 13.75 -0.31
CA TYR A 39 -4.24 14.28 -0.78
C TYR A 39 -4.99 14.88 0.40
N GLU A 40 -4.87 14.29 1.56
CA GLU A 40 -5.59 14.84 2.74
C GLU A 40 -7.09 14.59 2.59
N GLN A 41 -7.47 13.74 1.67
CA GLN A 41 -8.92 13.47 1.48
C GLN A 41 -9.24 12.06 2.00
N GLU A 42 -8.36 11.48 2.76
CA GLU A 42 -8.62 10.12 3.30
C GLU A 42 -8.99 9.19 2.14
N ILE A 43 -8.20 9.17 1.10
CA ILE A 43 -8.51 8.28 -0.06
C ILE A 43 -7.80 6.94 0.12
N ASP A 44 -8.34 5.89 -0.46
CA ASP A 44 -7.69 4.56 -0.33
C ASP A 44 -6.65 4.39 -1.43
N VAL A 45 -5.39 4.31 -1.08
CA VAL A 45 -4.32 4.15 -2.11
C VAL A 45 -3.59 2.83 -1.89
N ARG A 46 -3.18 2.18 -2.94
CA ARG A 46 -2.44 0.90 -2.79
C ARG A 46 -1.11 0.99 -3.54
N VAL A 47 -0.02 0.63 -2.90
CA VAL A 47 1.30 0.71 -3.59
C VAL A 47 1.84 -0.70 -3.84
N GLN A 48 2.31 -0.97 -5.02
CA GLN A 48 2.86 -2.32 -5.32
C GLN A 48 4.37 -2.21 -5.57
N ILE A 49 5.15 -2.93 -4.81
CA ILE A 49 6.63 -2.85 -5.00
C ILE A 49 7.10 -4.01 -5.88
N ASP A 50 8.13 -3.79 -6.66
CA ASP A 50 8.64 -4.87 -7.53
C ASP A 50 10.05 -5.25 -7.07
N ARG A 51 10.20 -6.42 -6.51
CA ARG A 51 11.55 -6.86 -6.04
C ARG A 51 12.50 -6.95 -7.23
N LYS A 52 12.07 -7.57 -8.30
CA LYS A 52 12.94 -7.69 -9.50
C LYS A 52 13.45 -6.31 -9.91
N SER A 53 12.55 -5.43 -10.26
CA SER A 53 12.98 -4.07 -10.66
C SER A 53 13.53 -3.32 -9.45
N GLY A 54 12.89 -3.47 -8.33
CA GLY A 54 13.38 -2.77 -7.10
C GLY A 54 12.66 -1.43 -6.97
N ASP A 55 11.41 -1.39 -7.33
CA ASP A 55 10.66 -0.11 -7.24
C ASP A 55 9.18 -0.39 -7.00
N PHE A 56 8.45 0.58 -6.50
CA PHE A 56 6.99 0.36 -6.26
C PHE A 56 6.20 1.52 -6.86
N ASP A 57 5.08 1.22 -7.46
CA ASP A 57 4.25 2.31 -8.07
C ASP A 57 3.04 2.58 -7.18
N THR A 58 2.59 3.81 -7.13
CA THR A 58 1.42 4.13 -6.27
C THR A 58 0.13 3.98 -7.09
N PHE A 59 -0.87 3.36 -6.51
CA PHE A 59 -2.15 3.18 -7.25
C PHE A 59 -3.33 3.56 -6.35
N ARG A 60 -4.41 4.01 -6.93
CA ARG A 60 -5.59 4.39 -6.10
C ARG A 60 -6.73 3.42 -6.40
N ARG A 61 -7.51 3.07 -5.41
CA ARG A 61 -8.64 2.13 -5.66
C ARG A 61 -9.93 2.67 -5.06
N TRP A 62 -11.05 2.30 -5.62
CA TRP A 62 -12.35 2.79 -5.09
C TRP A 62 -13.37 1.66 -5.11
N LEU A 63 -14.36 1.72 -4.25
CA LEU A 63 -15.39 0.65 -4.22
C LEU A 63 -16.65 1.12 -4.96
N VAL A 64 -17.23 0.27 -5.75
CA VAL A 64 -18.47 0.66 -6.49
C VAL A 64 -19.59 0.91 -5.48
N VAL A 65 -20.16 2.09 -5.50
CA VAL A 65 -21.26 2.40 -4.53
C VAL A 65 -22.46 2.98 -5.27
N ASP A 66 -23.64 2.48 -5.00
CA ASP A 66 -24.85 3.03 -5.67
C ASP A 66 -25.13 4.40 -5.08
N GLU A 67 -24.68 4.63 -3.87
CA GLU A 67 -24.90 5.94 -3.21
C GLU A 67 -23.62 6.34 -2.47
N VAL A 68 -22.52 6.34 -3.17
CA VAL A 68 -21.21 6.69 -2.54
C VAL A 68 -21.40 7.72 -1.43
N THR A 69 -21.12 7.35 -0.22
CA THR A 69 -21.26 8.32 0.90
C THR A 69 -19.95 9.11 1.03
N GLN A 70 -18.91 8.64 0.39
CA GLN A 70 -17.60 9.34 0.44
C GLN A 70 -16.80 8.99 -0.80
N PRO A 71 -16.72 9.93 -1.77
CA PRO A 71 -15.99 9.71 -3.03
C PRO A 71 -14.47 9.64 -2.80
N THR A 72 -14.03 9.78 -1.58
CA THR A 72 -12.57 9.71 -1.31
C THR A 72 -12.13 8.25 -1.32
N LYS A 73 -12.99 7.35 -0.93
CA LYS A 73 -12.63 5.91 -0.91
C LYS A 73 -13.77 5.09 -1.48
N GLU A 74 -14.69 5.73 -2.16
CA GLU A 74 -15.84 4.99 -2.74
C GLU A 74 -16.19 5.59 -4.11
N ILE A 75 -16.42 4.76 -5.09
CA ILE A 75 -16.75 5.28 -6.44
C ILE A 75 -18.21 4.95 -6.76
N THR A 76 -18.95 5.90 -7.27
CA THR A 76 -20.38 5.63 -7.61
C THR A 76 -20.45 4.60 -8.73
N LEU A 77 -21.56 3.92 -8.85
CA LEU A 77 -21.70 2.91 -9.92
C LEU A 77 -21.42 3.55 -11.28
N GLU A 78 -22.00 4.69 -11.54
CA GLU A 78 -21.76 5.37 -12.84
C GLU A 78 -20.26 5.61 -13.03
N ALA A 79 -19.60 6.14 -12.04
CA ALA A 79 -18.13 6.39 -12.17
C ALA A 79 -17.42 5.07 -12.48
N ALA A 80 -17.81 4.02 -11.85
CA ALA A 80 -17.15 2.70 -12.11
C ALA A 80 -17.34 2.33 -13.59
N ARG A 81 -18.49 2.61 -14.13
CA ARG A 81 -18.73 2.27 -15.57
C ARG A 81 -17.77 3.08 -16.45
N TYR A 82 -17.59 4.34 -16.15
CA TYR A 82 -16.66 5.17 -16.95
C TYR A 82 -15.25 4.57 -16.90
N GLU A 83 -14.84 4.14 -15.74
CA GLU A 83 -13.48 3.54 -15.62
C GLU A 83 -13.48 2.13 -16.20
N ASP A 84 -14.58 1.43 -16.09
CA ASP A 84 -14.64 0.05 -16.64
C ASP A 84 -16.07 -0.49 -16.50
N GLU A 85 -16.80 -0.52 -17.58
CA GLU A 85 -18.20 -1.03 -17.51
C GLU A 85 -18.20 -2.40 -16.82
N SER A 86 -17.09 -3.08 -16.81
CA SER A 86 -17.04 -4.42 -16.15
C SER A 86 -17.19 -4.24 -14.64
N LEU A 87 -17.10 -3.03 -14.15
CA LEU A 87 -17.25 -2.80 -12.70
C LEU A 87 -18.72 -2.84 -12.31
N ASN A 88 -19.03 -3.36 -11.15
CA ASN A 88 -20.45 -3.42 -10.72
C ASN A 88 -20.57 -3.00 -9.26
N LEU A 89 -21.75 -3.00 -8.72
CA LEU A 89 -21.93 -2.60 -7.29
C LEU A 89 -21.20 -3.60 -6.40
N GLY A 90 -20.33 -3.12 -5.54
CA GLY A 90 -19.59 -4.03 -4.64
C GLY A 90 -18.23 -4.38 -5.26
N ASP A 91 -17.93 -3.84 -6.41
CA ASP A 91 -16.61 -4.14 -7.05
C ASP A 91 -15.59 -3.09 -6.62
N TYR A 92 -14.36 -3.22 -7.08
CA TYR A 92 -13.32 -2.24 -6.69
C TYR A 92 -12.66 -1.67 -7.95
N VAL A 93 -12.54 -0.37 -8.04
CA VAL A 93 -11.90 0.24 -9.24
C VAL A 93 -10.40 0.44 -8.99
N GLU A 94 -9.60 0.33 -10.00
CA GLU A 94 -8.14 0.52 -9.81
C GLU A 94 -7.65 1.65 -10.72
N ASP A 95 -6.68 2.40 -10.27
CA ASP A 95 -6.16 3.52 -11.11
C ASP A 95 -4.72 3.85 -10.69
N GLN A 96 -3.91 4.30 -11.61
CA GLN A 96 -2.50 4.64 -11.26
C GLN A 96 -2.42 6.11 -10.84
N ILE A 97 -1.68 6.40 -9.81
CA ILE A 97 -1.55 7.82 -9.37
C ILE A 97 -0.07 8.16 -9.15
N GLU A 98 0.26 9.42 -9.10
CA GLU A 98 1.69 9.80 -8.90
C GLU A 98 2.27 9.02 -7.72
N SER A 99 3.53 8.73 -7.76
CA SER A 99 4.17 7.98 -6.64
C SER A 99 5.20 8.87 -5.94
N VAL A 100 5.54 8.57 -4.72
CA VAL A 100 6.54 9.40 -4.00
C VAL A 100 7.93 8.78 -4.18
N THR A 101 8.94 9.60 -4.25
CA THR A 101 10.32 9.06 -4.43
C THR A 101 10.84 8.56 -3.08
N PHE A 102 11.87 7.75 -3.09
CA PHE A 102 12.42 7.23 -1.81
C PHE A 102 13.92 7.47 -1.76
N ASP A 103 14.36 8.67 -2.04
CA ASP A 103 15.81 8.97 -2.00
C ASP A 103 16.39 8.50 -0.67
N ARG A 104 15.73 8.80 0.42
CA ARG A 104 16.24 8.37 1.75
C ARG A 104 16.05 6.86 1.89
N ILE A 105 17.11 6.16 2.22
CA ILE A 105 16.99 4.68 2.38
C ILE A 105 16.10 4.36 3.58
N THR A 106 16.18 5.14 4.62
CA THR A 106 15.33 4.88 5.82
C THR A 106 14.48 6.11 6.11
N THR A 107 13.24 5.91 6.48
CA THR A 107 12.35 7.06 6.78
C THR A 107 11.74 6.88 8.17
N GLN A 108 11.63 7.94 8.93
CA GLN A 108 11.04 7.83 10.30
C GLN A 108 9.61 7.31 10.19
N THR A 109 8.90 7.70 9.16
CA THR A 109 7.50 7.23 9.00
C THR A 109 7.50 5.76 8.54
N ALA A 110 8.43 5.40 7.70
CA ALA A 110 8.48 3.99 7.23
C ALA A 110 9.08 3.10 8.32
N LYS A 111 10.01 3.62 9.07
CA LYS A 111 10.63 2.81 10.16
C LYS A 111 9.59 2.52 11.25
N GLN A 112 8.70 3.44 11.48
CA GLN A 112 7.66 3.22 12.52
C GLN A 112 6.70 2.12 12.07
N VAL A 113 6.53 1.97 10.78
CA VAL A 113 5.61 0.91 10.29
C VAL A 113 6.30 -0.45 10.36
N ILE A 114 7.58 -0.50 10.06
CA ILE A 114 8.30 -1.79 10.11
C ILE A 114 8.43 -2.26 11.57
N VAL A 115 8.83 -1.37 12.44
CA VAL A 115 8.99 -1.75 13.87
C VAL A 115 7.62 -2.15 14.44
N GLN A 116 6.61 -1.37 14.21
CA GLN A 116 5.26 -1.71 14.73
C GLN A 116 4.80 -3.05 14.16
N LYS A 117 4.92 -3.22 12.87
CA LYS A 117 4.49 -4.51 12.25
C LYS A 117 5.39 -5.63 12.76
N VAL A 118 6.64 -5.37 12.96
CA VAL A 118 7.57 -6.43 13.45
C VAL A 118 7.10 -6.91 14.83
N ARG A 119 6.63 -6.03 15.66
CA ARG A 119 6.16 -6.45 17.01
C ARG A 119 4.93 -7.35 16.87
N GLU A 120 4.13 -7.13 15.86
CA GLU A 120 2.91 -7.97 15.67
C GLU A 120 3.33 -9.42 15.41
N ALA A 121 4.47 -9.63 14.81
CA ALA A 121 4.94 -11.01 14.53
C ALA A 121 4.94 -11.82 15.83
N GLU A 122 5.49 -11.28 16.87
CA GLU A 122 5.52 -12.01 18.17
C GLU A 122 4.09 -12.26 18.66
N ARG A 123 3.17 -11.40 18.31
CA ARG A 123 1.76 -11.60 18.75
C ARG A 123 1.28 -12.99 18.31
N ALA A 124 1.76 -13.46 17.20
CA ALA A 124 1.33 -14.81 16.72
C ALA A 124 1.33 -15.79 17.89
N MET A 125 0.42 -16.73 17.89
CA MET A 125 0.37 -17.72 19.00
C MET A 125 1.70 -18.47 19.07
N LEU A 126 2.31 -18.71 17.95
CA LEU A 126 3.61 -19.44 17.95
C LEU A 126 4.74 -18.48 18.29
N VAL A 127 5.66 -18.90 19.12
CA VAL A 127 6.79 -18.00 19.50
C VAL A 127 8.12 -18.72 19.26
N PRO A 128 8.68 -18.58 18.05
CA PRO A 128 9.94 -19.21 17.68
C PRO A 128 11.12 -18.58 18.43
N ARG A 129 10.98 -17.36 18.85
CA ARG A 129 12.10 -16.69 19.59
C ARG A 129 11.53 -15.56 20.45
N MET A 1 12.95 2.55 -9.42
CA MET A 1 14.01 1.53 -9.22
C MET A 1 15.00 2.02 -8.15
N ASN A 2 14.61 1.96 -6.91
CA ASN A 2 15.53 2.43 -5.82
C ASN A 2 16.19 1.22 -5.17
N LYS A 3 17.47 1.09 -5.31
CA LYS A 3 18.18 -0.07 -4.69
C LYS A 3 18.15 0.07 -3.17
N GLU A 4 18.02 1.27 -2.68
CA GLU A 4 17.98 1.46 -1.20
C GLU A 4 16.79 0.70 -0.61
N ILE A 5 15.68 0.68 -1.31
CA ILE A 5 14.48 -0.04 -0.79
C ILE A 5 14.81 -1.53 -0.65
N LEU A 6 15.56 -2.08 -1.57
CA LEU A 6 15.90 -3.53 -1.47
C LEU A 6 16.93 -3.74 -0.36
N ALA A 7 17.76 -2.76 -0.11
CA ALA A 7 18.78 -2.91 0.97
C ALA A 7 18.10 -2.85 2.34
N VAL A 8 17.12 -2.00 2.49
CA VAL A 8 16.43 -1.89 3.80
C VAL A 8 15.68 -3.20 4.09
N VAL A 9 15.21 -3.86 3.07
CA VAL A 9 14.47 -5.14 3.28
C VAL A 9 15.46 -6.21 3.77
N GLU A 10 16.68 -6.14 3.35
CA GLU A 10 17.68 -7.16 3.78
C GLU A 10 18.01 -6.96 5.26
N ALA A 11 17.98 -5.74 5.73
CA ALA A 11 18.29 -5.49 7.16
C ALA A 11 17.16 -6.02 8.04
N VAL A 12 15.95 -6.00 7.53
CA VAL A 12 14.80 -6.50 8.34
C VAL A 12 14.74 -8.03 8.27
N SER A 13 15.17 -8.60 7.18
CA SER A 13 15.13 -10.08 7.05
C SER A 13 16.20 -10.70 7.95
N ASN A 14 17.34 -10.08 8.07
CA ASN A 14 18.42 -10.63 8.93
C ASN A 14 18.01 -10.52 10.40
N GLU A 15 17.34 -9.46 10.78
CA GLU A 15 16.94 -9.29 12.20
C GLU A 15 15.72 -10.17 12.52
N LYS A 16 14.77 -10.22 11.63
CA LYS A 16 13.54 -11.04 11.91
C LYS A 16 13.57 -12.33 11.09
N ALA A 17 14.62 -12.58 10.36
CA ALA A 17 14.68 -13.82 9.53
C ALA A 17 13.34 -14.02 8.82
N LEU A 18 12.63 -12.96 8.58
CA LEU A 18 11.30 -13.08 7.90
C LEU A 18 11.51 -13.09 6.38
N PRO A 19 10.51 -13.57 5.63
CA PRO A 19 10.58 -13.64 4.17
C PRO A 19 10.55 -12.24 3.53
N ARG A 20 11.25 -12.06 2.44
CA ARG A 20 11.26 -10.72 1.78
C ARG A 20 9.84 -10.29 1.46
N GLU A 21 9.02 -11.20 1.02
CA GLU A 21 7.61 -10.85 0.68
C GLU A 21 6.95 -10.17 1.89
N LYS A 22 7.06 -10.77 3.04
CA LYS A 22 6.44 -10.16 4.26
C LYS A 22 6.96 -8.73 4.44
N ILE A 23 8.24 -8.54 4.35
CA ILE A 23 8.80 -7.17 4.52
C ILE A 23 8.13 -6.21 3.53
N PHE A 24 8.10 -6.57 2.27
CA PHE A 24 7.45 -5.68 1.26
C PHE A 24 6.04 -5.33 1.73
N GLU A 25 5.38 -6.23 2.40
CA GLU A 25 4.00 -5.95 2.88
C GLU A 25 4.04 -4.76 3.84
N ALA A 26 5.02 -4.72 4.71
CA ALA A 26 5.12 -3.58 5.66
C ALA A 26 5.47 -2.30 4.90
N LEU A 27 6.42 -2.37 4.01
CA LEU A 27 6.80 -1.15 3.23
C LEU A 27 5.58 -0.62 2.49
N GLU A 28 4.87 -1.48 1.81
CA GLU A 28 3.66 -1.03 1.07
C GLU A 28 2.70 -0.34 2.03
N SER A 29 2.46 -0.92 3.18
CA SER A 29 1.54 -0.29 4.15
C SER A 29 2.01 1.12 4.48
N ALA A 30 3.30 1.32 4.52
CA ALA A 30 3.84 2.67 4.83
C ALA A 30 3.69 3.58 3.61
N LEU A 31 3.97 3.07 2.44
CA LEU A 31 3.86 3.92 1.22
C LEU A 31 2.40 4.27 0.97
N ALA A 32 1.53 3.29 0.96
CA ALA A 32 0.09 3.57 0.73
C ALA A 32 -0.45 4.48 1.83
N THR A 33 -0.14 4.19 3.06
CA THR A 33 -0.63 5.04 4.17
C THR A 33 -0.05 6.45 4.04
N ALA A 34 1.22 6.55 3.77
CA ALA A 34 1.85 7.89 3.62
C ALA A 34 1.44 8.50 2.29
N THR A 35 1.18 7.70 1.30
CA THR A 35 0.78 8.23 -0.03
C THR A 35 -0.59 8.89 0.08
N LYS A 36 -1.54 8.23 0.68
CA LYS A 36 -2.90 8.82 0.82
C LYS A 36 -2.83 10.07 1.69
N LYS A 37 -1.88 10.13 2.59
CA LYS A 37 -1.74 11.32 3.47
C LYS A 37 -1.56 12.58 2.62
N LYS A 38 -0.91 12.45 1.50
CA LYS A 38 -0.71 13.65 0.62
C LYS A 38 -2.05 14.22 0.21
N TYR A 39 -2.98 13.37 -0.18
CA TYR A 39 -4.32 13.87 -0.59
C TYR A 39 -5.07 14.40 0.62
N GLU A 40 -4.83 13.84 1.78
CA GLU A 40 -5.53 14.32 3.00
C GLU A 40 -7.03 14.10 2.85
N GLN A 41 -7.43 13.33 1.87
CA GLN A 41 -8.89 13.08 1.68
C GLN A 41 -9.23 11.67 2.16
N GLU A 42 -8.38 11.09 2.97
CA GLU A 42 -8.66 9.71 3.47
C GLU A 42 -9.05 8.81 2.29
N ILE A 43 -8.24 8.79 1.27
CA ILE A 43 -8.56 7.93 0.09
C ILE A 43 -7.86 6.58 0.23
N ASP A 44 -8.43 5.55 -0.35
CA ASP A 44 -7.79 4.20 -0.25
C ASP A 44 -6.73 4.07 -1.34
N VAL A 45 -5.49 3.89 -0.95
CA VAL A 45 -4.41 3.77 -1.97
C VAL A 45 -3.63 2.48 -1.74
N ARG A 46 -3.36 1.74 -2.78
CA ARG A 46 -2.59 0.47 -2.62
C ARG A 46 -1.26 0.59 -3.37
N VAL A 47 -0.18 0.16 -2.78
CA VAL A 47 1.13 0.27 -3.46
C VAL A 47 1.80 -1.10 -3.54
N GLN A 48 2.37 -1.44 -4.66
CA GLN A 48 3.05 -2.76 -4.80
C GLN A 48 4.53 -2.53 -5.05
N ILE A 49 5.38 -3.23 -4.34
CA ILE A 49 6.85 -3.04 -4.54
C ILE A 49 7.41 -4.18 -5.39
N ASP A 50 8.41 -3.91 -6.19
CA ASP A 50 9.00 -4.97 -7.03
C ASP A 50 10.43 -5.24 -6.57
N ARG A 51 10.69 -6.40 -6.05
CA ARG A 51 12.07 -6.73 -5.57
C ARG A 51 13.03 -6.68 -6.75
N LYS A 52 12.69 -7.32 -7.83
CA LYS A 52 13.59 -7.31 -9.02
C LYS A 52 13.86 -5.87 -9.42
N SER A 53 12.86 -5.15 -9.84
CA SER A 53 13.06 -3.73 -10.23
C SER A 53 13.58 -2.95 -9.03
N GLY A 54 13.08 -3.26 -7.86
CA GLY A 54 13.54 -2.53 -6.64
C GLY A 54 12.74 -1.24 -6.51
N ASP A 55 11.49 -1.28 -6.88
CA ASP A 55 10.65 -0.04 -6.79
C ASP A 55 9.18 -0.44 -6.59
N PHE A 56 8.38 0.48 -6.13
CA PHE A 56 6.95 0.16 -5.90
C PHE A 56 6.07 1.23 -6.57
N ASP A 57 4.98 0.83 -7.16
CA ASP A 57 4.09 1.82 -7.82
C ASP A 57 2.88 2.08 -6.93
N THR A 58 2.44 3.32 -6.84
CA THR A 58 1.26 3.63 -5.99
C THR A 58 -0.03 3.47 -6.80
N PHE A 59 -1.02 2.85 -6.23
CA PHE A 59 -2.30 2.66 -6.97
C PHE A 59 -3.48 3.10 -6.10
N ARG A 60 -4.54 3.55 -6.70
CA ARG A 60 -5.71 4.00 -5.91
C ARG A 60 -6.90 3.06 -6.21
N ARG A 61 -7.73 2.82 -5.24
CA ARG A 61 -8.90 1.92 -5.47
C ARG A 61 -10.18 2.57 -4.95
N TRP A 62 -11.31 2.23 -5.52
CA TRP A 62 -12.59 2.82 -5.06
C TRP A 62 -13.67 1.72 -5.03
N LEU A 63 -14.68 1.89 -4.23
CA LEU A 63 -15.76 0.86 -4.16
C LEU A 63 -17.00 1.37 -4.92
N VAL A 64 -17.56 0.55 -5.77
CA VAL A 64 -18.75 0.98 -6.54
C VAL A 64 -19.92 1.24 -5.60
N VAL A 65 -20.48 2.41 -5.62
CA VAL A 65 -21.61 2.72 -4.72
C VAL A 65 -22.81 3.24 -5.53
N ASP A 66 -24.00 2.83 -5.18
CA ASP A 66 -25.19 3.33 -5.92
C ASP A 66 -25.35 4.82 -5.62
N GLU A 67 -24.70 5.29 -4.59
CA GLU A 67 -24.79 6.73 -4.23
C GLU A 67 -23.57 7.11 -3.40
N VAL A 68 -22.40 7.00 -3.97
CA VAL A 68 -21.15 7.34 -3.23
C VAL A 68 -21.37 8.53 -2.30
N THR A 69 -21.28 8.32 -1.01
CA THR A 69 -21.47 9.45 -0.06
C THR A 69 -20.14 10.19 0.08
N GLN A 70 -19.07 9.57 -0.34
CA GLN A 70 -17.73 10.23 -0.25
C GLN A 70 -16.81 9.60 -1.31
N PRO A 71 -16.64 10.30 -2.44
CA PRO A 71 -15.79 9.82 -3.54
C PRO A 71 -14.30 9.78 -3.15
N THR A 72 -13.98 10.21 -1.97
CA THR A 72 -12.55 10.20 -1.54
C THR A 72 -12.08 8.75 -1.39
N LYS A 73 -12.99 7.84 -1.13
CA LYS A 73 -12.60 6.41 -0.96
C LYS A 73 -13.71 5.53 -1.53
N GLU A 74 -14.60 6.09 -2.30
CA GLU A 74 -15.70 5.30 -2.89
C GLU A 74 -16.00 5.80 -4.31
N ILE A 75 -16.60 4.98 -5.13
CA ILE A 75 -16.90 5.42 -6.52
C ILE A 75 -18.34 5.04 -6.87
N THR A 76 -19.09 5.97 -7.41
CA THR A 76 -20.50 5.65 -7.77
C THR A 76 -20.52 4.65 -8.93
N LEU A 77 -21.60 3.95 -9.12
CA LEU A 77 -21.66 2.97 -10.24
C LEU A 77 -21.42 3.71 -11.55
N GLU A 78 -22.19 4.73 -11.81
CA GLU A 78 -22.01 5.50 -13.08
C GLU A 78 -20.53 5.81 -13.28
N ALA A 79 -19.88 6.37 -12.29
CA ALA A 79 -18.45 6.68 -12.42
C ALA A 79 -17.68 5.40 -12.77
N ALA A 80 -18.13 4.29 -12.26
CA ALA A 80 -17.43 3.01 -12.56
C ALA A 80 -17.63 2.66 -14.03
N ARG A 81 -18.78 2.96 -14.57
CA ARG A 81 -19.04 2.66 -16.01
C ARG A 81 -18.15 3.55 -16.88
N TYR A 82 -17.96 4.77 -16.47
CA TYR A 82 -17.09 5.70 -17.27
C TYR A 82 -15.65 5.18 -17.24
N GLU A 83 -15.21 4.67 -16.13
CA GLU A 83 -13.82 4.14 -16.04
C GLU A 83 -13.79 2.71 -16.56
N ASP A 84 -14.87 1.98 -16.40
CA ASP A 84 -14.89 0.57 -16.88
C ASP A 84 -16.27 -0.03 -16.62
N GLU A 85 -17.06 -0.19 -17.64
CA GLU A 85 -18.41 -0.78 -17.45
C GLU A 85 -18.30 -2.14 -16.76
N SER A 86 -17.15 -2.76 -16.84
CA SER A 86 -16.98 -4.09 -16.18
C SER A 86 -17.16 -3.93 -14.67
N LEU A 87 -17.16 -2.72 -14.18
CA LEU A 87 -17.34 -2.50 -12.72
C LEU A 87 -18.83 -2.60 -12.37
N ASN A 88 -19.15 -3.14 -11.23
CA ASN A 88 -20.57 -3.26 -10.83
C ASN A 88 -20.72 -2.87 -9.35
N LEU A 89 -21.93 -2.68 -8.90
CA LEU A 89 -22.14 -2.30 -7.47
C LEU A 89 -21.49 -3.35 -6.56
N GLY A 90 -20.63 -2.93 -5.69
CA GLY A 90 -19.97 -3.90 -4.77
C GLY A 90 -18.59 -4.27 -5.32
N ASP A 91 -18.25 -3.75 -6.48
CA ASP A 91 -16.92 -4.07 -7.07
C ASP A 91 -15.91 -2.99 -6.70
N TYR A 92 -14.65 -3.28 -6.73
CA TYR A 92 -13.62 -2.27 -6.38
C TYR A 92 -12.94 -1.76 -7.65
N VAL A 93 -12.88 -0.47 -7.84
CA VAL A 93 -12.22 0.08 -9.05
C VAL A 93 -10.73 0.24 -8.79
N GLU A 94 -9.91 -0.01 -9.78
CA GLU A 94 -8.44 0.13 -9.58
C GLU A 94 -7.90 1.21 -10.51
N ASP A 95 -6.91 1.95 -10.06
CA ASP A 95 -6.35 3.02 -10.92
C ASP A 95 -4.90 3.30 -10.49
N GLN A 96 -4.08 3.73 -11.41
CA GLN A 96 -2.65 4.01 -11.07
C GLN A 96 -2.50 5.50 -10.72
N ILE A 97 -1.90 5.80 -9.59
CA ILE A 97 -1.72 7.22 -9.21
C ILE A 97 -0.24 7.52 -8.97
N GLU A 98 0.16 8.76 -9.04
CA GLU A 98 1.59 9.09 -8.83
C GLU A 98 2.03 8.56 -7.46
N SER A 99 3.30 8.30 -7.29
CA SER A 99 3.80 7.78 -5.99
C SER A 99 4.67 8.84 -5.31
N VAL A 100 4.73 8.83 -4.01
CA VAL A 100 5.56 9.84 -3.29
C VAL A 100 7.04 9.57 -3.57
N THR A 101 7.36 8.40 -4.06
CA THR A 101 8.78 8.09 -4.36
C THR A 101 9.52 7.79 -3.05
N PHE A 102 10.21 6.68 -2.98
CA PHE A 102 10.95 6.33 -1.73
C PHE A 102 12.02 7.39 -1.47
N ASP A 103 12.63 7.91 -2.50
CA ASP A 103 13.69 8.94 -2.30
C ASP A 103 13.13 10.08 -1.44
N ARG A 104 11.89 10.43 -1.63
CA ARG A 104 11.30 11.53 -0.82
C ARG A 104 11.37 11.16 0.67
N ILE A 105 11.27 9.90 0.98
CA ILE A 105 11.33 9.48 2.41
C ILE A 105 12.63 8.73 2.67
N THR A 106 13.25 8.95 3.80
CA THR A 106 14.52 8.24 4.10
C THR A 106 14.22 6.81 4.56
N THR A 107 15.21 5.97 4.62
CA THR A 107 14.98 4.56 5.07
C THR A 107 14.75 4.54 6.58
N GLN A 108 15.39 5.42 7.30
CA GLN A 108 15.21 5.45 8.78
C GLN A 108 13.75 5.77 9.11
N THR A 109 13.11 6.55 8.28
CA THR A 109 11.68 6.91 8.55
C THR A 109 10.81 5.66 8.41
N ALA A 110 11.12 4.82 7.46
CA ALA A 110 10.31 3.58 7.27
C ALA A 110 10.66 2.56 8.36
N LYS A 111 11.87 2.59 8.84
CA LYS A 111 12.28 1.63 9.89
C LYS A 111 11.34 1.76 11.10
N GLN A 112 10.80 2.94 11.32
CA GLN A 112 9.88 3.13 12.47
C GLN A 112 8.59 2.34 12.24
N VAL A 113 8.10 2.33 11.02
CA VAL A 113 6.85 1.58 10.73
C VAL A 113 7.16 0.08 10.64
N ILE A 114 8.39 -0.27 10.41
CA ILE A 114 8.75 -1.71 10.30
C ILE A 114 8.49 -2.41 11.64
N VAL A 115 8.85 -1.79 12.73
CA VAL A 115 8.62 -2.41 14.07
C VAL A 115 7.12 -2.47 14.35
N GLN A 116 6.40 -1.41 14.04
CA GLN A 116 4.93 -1.41 14.30
C GLN A 116 4.25 -2.48 13.44
N LYS A 117 4.64 -2.59 12.20
CA LYS A 117 4.02 -3.61 11.32
C LYS A 117 4.33 -5.02 11.84
N VAL A 118 5.55 -5.25 12.22
CA VAL A 118 5.93 -6.60 12.74
C VAL A 118 5.33 -6.79 14.14
N ARG A 119 5.21 -5.74 14.90
CA ARG A 119 4.65 -5.87 16.27
C ARG A 119 3.25 -6.50 16.19
N GLU A 120 2.50 -6.17 15.18
CA GLU A 120 1.13 -6.76 15.05
C GLU A 120 1.24 -8.27 14.85
N ALA A 121 2.29 -8.72 14.22
CA ALA A 121 2.44 -10.19 13.99
C ALA A 121 2.58 -10.90 15.34
N GLU A 122 3.16 -10.24 16.31
CA GLU A 122 3.32 -10.89 17.64
C GLU A 122 1.94 -11.16 18.26
N ARG A 123 0.97 -10.35 17.93
CA ARG A 123 -0.39 -10.57 18.48
C ARG A 123 -0.85 -12.00 18.19
N ALA A 124 -0.57 -12.49 17.01
CA ALA A 124 -0.98 -13.88 16.67
C ALA A 124 -2.51 -13.98 16.74
N MET A 125 -3.04 -14.34 17.88
CA MET A 125 -4.51 -14.46 18.01
C MET A 125 -4.99 -13.63 19.20
N LEU A 126 -6.27 -13.36 19.27
CA LEU A 126 -6.79 -12.55 20.41
C LEU A 126 -7.38 -13.47 21.47
N VAL A 127 -6.97 -13.32 22.69
CA VAL A 127 -7.50 -14.19 23.78
C VAL A 127 -8.99 -13.87 24.01
N PRO A 128 -9.73 -14.82 24.59
CA PRO A 128 -11.15 -14.65 24.88
C PRO A 128 -11.40 -13.64 26.00
N ARG A 129 -12.46 -12.88 25.91
CA ARG A 129 -12.74 -11.88 26.98
C ARG A 129 -14.03 -12.27 27.71
N MET A 1 13.90 1.92 -10.17
CA MET A 1 14.83 0.91 -9.60
C MET A 1 15.62 1.52 -8.45
N ASN A 2 15.15 1.35 -7.24
CA ASN A 2 15.88 1.93 -6.08
C ASN A 2 16.58 0.81 -5.31
N LYS A 3 17.89 0.85 -5.26
CA LYS A 3 18.63 -0.21 -4.52
C LYS A 3 18.38 -0.07 -3.02
N GLU A 4 18.16 1.14 -2.56
CA GLU A 4 17.91 1.34 -1.10
C GLU A 4 16.66 0.57 -0.68
N ILE A 5 15.67 0.54 -1.53
CA ILE A 5 14.42 -0.19 -1.18
C ILE A 5 14.74 -1.67 -0.95
N LEU A 6 15.55 -2.25 -1.79
CA LEU A 6 15.90 -3.69 -1.63
C LEU A 6 16.79 -3.86 -0.39
N ALA A 7 17.65 -2.91 -0.13
CA ALA A 7 18.55 -3.02 1.05
C ALA A 7 17.72 -2.87 2.33
N VAL A 8 16.70 -2.06 2.30
CA VAL A 8 15.87 -1.88 3.51
C VAL A 8 15.02 -3.14 3.76
N VAL A 9 14.51 -3.73 2.72
CA VAL A 9 13.70 -4.97 2.90
C VAL A 9 14.59 -6.12 3.33
N GLU A 10 15.78 -6.20 2.80
CA GLU A 10 16.70 -7.30 3.18
C GLU A 10 17.08 -7.18 4.66
N ALA A 11 17.17 -5.98 5.16
CA ALA A 11 17.53 -5.78 6.60
C ALA A 11 16.36 -6.22 7.48
N VAL A 12 15.16 -6.06 7.00
CA VAL A 12 13.97 -6.47 7.82
C VAL A 12 13.77 -7.98 7.70
N SER A 13 14.25 -8.57 6.65
CA SER A 13 14.08 -10.04 6.48
C SER A 13 15.02 -10.78 7.43
N ASN A 14 16.17 -10.23 7.68
CA ASN A 14 17.13 -10.90 8.60
C ASN A 14 16.69 -10.68 10.05
N GLU A 15 16.18 -9.53 10.36
CA GLU A 15 15.73 -9.25 11.75
C GLU A 15 14.43 -10.01 12.03
N LYS A 16 13.52 -10.01 11.10
CA LYS A 16 12.24 -10.73 11.31
C LYS A 16 12.31 -12.13 10.69
N ALA A 17 13.41 -12.44 10.05
CA ALA A 17 13.54 -13.78 9.42
C ALA A 17 12.25 -14.12 8.67
N LEU A 18 11.53 -13.13 8.22
CA LEU A 18 10.27 -13.40 7.49
C LEU A 18 10.52 -13.29 5.98
N PRO A 19 9.50 -13.63 5.17
CA PRO A 19 9.62 -13.58 3.71
C PRO A 19 9.70 -12.15 3.18
N ARG A 20 10.58 -11.90 2.25
CA ARG A 20 10.70 -10.52 1.71
C ARG A 20 9.33 -10.03 1.22
N GLU A 21 8.58 -10.88 0.60
CA GLU A 21 7.24 -10.47 0.10
C GLU A 21 6.44 -9.86 1.25
N LYS A 22 6.27 -10.59 2.32
CA LYS A 22 5.50 -10.05 3.48
C LYS A 22 6.06 -8.68 3.86
N ILE A 23 7.35 -8.58 4.00
CA ILE A 23 7.95 -7.27 4.38
C ILE A 23 7.47 -6.19 3.41
N PHE A 24 7.57 -6.44 2.13
CA PHE A 24 7.13 -5.42 1.13
C PHE A 24 5.69 -5.01 1.45
N GLU A 25 4.88 -5.93 1.90
CA GLU A 25 3.47 -5.58 2.23
C GLU A 25 3.45 -4.46 3.27
N ALA A 26 4.28 -4.55 4.27
CA ALA A 26 4.32 -3.48 5.30
C ALA A 26 4.90 -2.21 4.67
N LEU A 27 5.87 -2.39 3.81
CA LEU A 27 6.49 -1.21 3.15
C LEU A 27 5.43 -0.49 2.32
N GLU A 28 4.66 -1.21 1.58
CA GLU A 28 3.59 -0.57 0.76
C GLU A 28 2.63 0.16 1.68
N SER A 29 2.25 -0.44 2.77
CA SER A 29 1.31 0.22 3.72
C SER A 29 1.89 1.57 4.14
N ALA A 30 3.19 1.64 4.33
CA ALA A 30 3.81 2.93 4.74
C ALA A 30 3.83 3.89 3.56
N LEU A 31 4.11 3.40 2.38
CA LEU A 31 4.14 4.29 1.19
C LEU A 31 2.73 4.82 0.91
N ALA A 32 1.75 3.96 0.95
CA ALA A 32 0.35 4.42 0.69
C ALA A 32 -0.10 5.33 1.83
N THR A 33 0.02 4.87 3.05
CA THR A 33 -0.40 5.71 4.21
C THR A 33 0.16 7.12 4.04
N ALA A 34 1.41 7.24 3.67
CA ALA A 34 2.01 8.59 3.49
C ALA A 34 1.49 9.20 2.19
N THR A 35 1.23 8.40 1.20
CA THR A 35 0.72 8.94 -0.09
C THR A 35 -0.61 9.64 0.15
N LYS A 36 -1.53 8.99 0.81
CA LYS A 36 -2.86 9.62 1.08
C LYS A 36 -2.65 10.90 1.89
N LYS A 37 -1.63 10.95 2.70
CA LYS A 37 -1.39 12.17 3.50
C LYS A 37 -1.22 13.37 2.57
N LYS A 38 -0.56 13.20 1.47
CA LYS A 38 -0.36 14.33 0.51
C LYS A 38 -1.74 14.84 0.06
N TYR A 39 -2.65 13.95 -0.22
CA TYR A 39 -4.00 14.38 -0.68
C TYR A 39 -4.78 14.92 0.52
N GLU A 40 -4.58 14.35 1.68
CA GLU A 40 -5.32 14.83 2.88
C GLU A 40 -6.82 14.62 2.68
N GLN A 41 -7.19 13.85 1.69
CA GLN A 41 -8.64 13.60 1.44
C GLN A 41 -9.00 12.17 1.88
N GLU A 42 -8.20 11.59 2.73
CA GLU A 42 -8.49 10.21 3.19
C GLU A 42 -8.87 9.34 1.98
N ILE A 43 -8.04 9.31 0.98
CA ILE A 43 -8.37 8.49 -0.23
C ILE A 43 -7.70 7.12 -0.10
N ASP A 44 -8.33 6.09 -0.61
CA ASP A 44 -7.74 4.73 -0.52
C ASP A 44 -6.61 4.60 -1.55
N VAL A 45 -5.39 4.41 -1.10
CA VAL A 45 -4.27 4.28 -2.05
C VAL A 45 -3.53 2.96 -1.81
N ARG A 46 -3.05 2.34 -2.86
CA ARG A 46 -2.32 1.05 -2.70
C ARG A 46 -0.98 1.15 -3.42
N VAL A 47 0.09 0.86 -2.74
CA VAL A 47 1.43 0.94 -3.41
C VAL A 47 2.03 -0.46 -3.54
N GLN A 48 2.59 -0.75 -4.70
CA GLN A 48 3.20 -2.09 -4.90
C GLN A 48 4.70 -1.92 -5.11
N ILE A 49 5.51 -2.71 -4.45
CA ILE A 49 6.98 -2.58 -4.61
C ILE A 49 7.52 -3.75 -5.44
N ASP A 50 8.53 -3.50 -6.24
CA ASP A 50 9.11 -4.58 -7.06
C ASP A 50 10.51 -4.90 -6.56
N ARG A 51 10.70 -6.08 -6.01
CA ARG A 51 12.05 -6.45 -5.48
C ARG A 51 13.05 -6.52 -6.64
N LYS A 52 12.67 -7.17 -7.71
CA LYS A 52 13.59 -7.28 -8.88
C LYS A 52 14.06 -5.88 -9.27
N SER A 53 13.15 -5.03 -9.65
CA SER A 53 13.53 -3.65 -10.05
C SER A 53 14.01 -2.88 -8.81
N GLY A 54 13.33 -3.04 -7.71
CA GLY A 54 13.75 -2.32 -6.47
C GLY A 54 13.00 -1.00 -6.40
N ASP A 55 11.76 -0.98 -6.82
CA ASP A 55 10.98 0.28 -6.78
C ASP A 55 9.49 -0.05 -6.61
N PHE A 56 8.71 0.89 -6.16
CA PHE A 56 7.27 0.63 -5.97
C PHE A 56 6.45 1.73 -6.63
N ASP A 57 5.29 1.39 -7.12
CA ASP A 57 4.42 2.43 -7.77
C ASP A 57 3.18 2.66 -6.91
N THR A 58 2.66 3.86 -6.92
CA THR A 58 1.46 4.17 -6.09
C THR A 58 0.20 3.98 -6.93
N PHE A 59 -0.83 3.40 -6.37
CA PHE A 59 -2.09 3.20 -7.14
C PHE A 59 -3.28 3.63 -6.28
N ARG A 60 -4.36 4.01 -6.91
CA ARG A 60 -5.56 4.43 -6.14
C ARG A 60 -6.71 3.45 -6.39
N ARG A 61 -7.43 3.07 -5.37
CA ARG A 61 -8.55 2.12 -5.57
C ARG A 61 -9.87 2.78 -5.19
N TRP A 62 -10.97 2.28 -5.70
CA TRP A 62 -12.29 2.88 -5.37
C TRP A 62 -13.31 1.76 -5.12
N LEU A 63 -14.34 2.04 -4.37
CA LEU A 63 -15.36 1.00 -4.07
C LEU A 63 -16.66 1.34 -4.80
N VAL A 64 -17.19 0.40 -5.56
CA VAL A 64 -18.45 0.66 -6.31
C VAL A 64 -19.59 0.90 -5.32
N VAL A 65 -20.25 2.04 -5.41
CA VAL A 65 -21.36 2.31 -4.46
C VAL A 65 -22.62 2.73 -5.23
N ASP A 66 -23.77 2.31 -4.79
CA ASP A 66 -25.02 2.72 -5.47
C ASP A 66 -25.26 4.20 -5.17
N GLU A 67 -24.59 4.72 -4.18
CA GLU A 67 -24.75 6.15 -3.81
C GLU A 67 -23.49 6.62 -3.09
N VAL A 68 -22.37 6.58 -3.76
CA VAL A 68 -21.09 7.00 -3.13
C VAL A 68 -21.32 8.19 -2.18
N THR A 69 -21.10 7.99 -0.91
CA THR A 69 -21.29 9.11 0.05
C THR A 69 -19.96 9.87 0.18
N GLN A 70 -18.89 9.26 -0.26
CA GLN A 70 -17.56 9.93 -0.18
C GLN A 70 -16.71 9.47 -1.37
N PRO A 71 -16.74 10.25 -2.46
CA PRO A 71 -15.98 9.94 -3.68
C PRO A 71 -14.46 10.03 -3.45
N THR A 72 -14.05 10.49 -2.30
CA THR A 72 -12.59 10.59 -2.02
C THR A 72 -11.96 9.21 -2.17
N LYS A 73 -12.69 8.18 -1.85
CA LYS A 73 -12.14 6.80 -1.98
C LYS A 73 -13.26 5.83 -2.36
N GLU A 74 -14.38 6.35 -2.79
CA GLU A 74 -15.52 5.47 -3.18
C GLU A 74 -15.99 5.83 -4.58
N ILE A 75 -16.40 4.85 -5.35
CA ILE A 75 -16.89 5.15 -6.73
C ILE A 75 -18.35 4.70 -6.86
N THR A 76 -19.17 5.49 -7.48
CA THR A 76 -20.60 5.10 -7.63
C THR A 76 -20.72 3.97 -8.65
N LEU A 77 -21.83 3.29 -8.66
CA LEU A 77 -22.02 2.18 -9.64
C LEU A 77 -21.89 2.73 -11.05
N GLU A 78 -22.59 3.79 -11.35
CA GLU A 78 -22.50 4.38 -12.72
C GLU A 78 -21.04 4.78 -13.00
N ALA A 79 -20.45 5.52 -12.10
CA ALA A 79 -19.04 5.94 -12.30
C ALA A 79 -18.16 4.70 -12.49
N ALA A 80 -18.40 3.67 -11.73
CA ALA A 80 -17.58 2.42 -11.87
C ALA A 80 -17.66 1.94 -13.32
N ARG A 81 -18.81 2.05 -13.93
CA ARG A 81 -18.95 1.60 -15.34
C ARG A 81 -18.11 2.50 -16.24
N TYR A 82 -18.19 3.78 -16.06
CA TYR A 82 -17.39 4.71 -16.91
C TYR A 82 -15.91 4.31 -16.83
N GLU A 83 -15.48 3.83 -15.71
CA GLU A 83 -14.06 3.42 -15.56
C GLU A 83 -13.90 1.97 -16.02
N ASP A 84 -14.94 1.18 -15.90
CA ASP A 84 -14.84 -0.24 -16.33
C ASP A 84 -16.19 -0.94 -16.07
N GLU A 85 -17.00 -1.06 -17.09
CA GLU A 85 -18.32 -1.73 -16.92
C GLU A 85 -18.13 -3.04 -16.16
N SER A 86 -16.96 -3.60 -16.21
CA SER A 86 -16.71 -4.88 -15.49
C SER A 86 -16.90 -4.68 -13.99
N LEU A 87 -16.85 -3.45 -13.54
CA LEU A 87 -17.02 -3.18 -12.09
C LEU A 87 -18.50 -3.36 -11.72
N ASN A 88 -18.76 -3.83 -10.52
CA ASN A 88 -20.17 -4.04 -10.10
C ASN A 88 -20.35 -3.55 -8.67
N LEU A 89 -21.57 -3.48 -8.19
CA LEU A 89 -21.80 -3.01 -6.80
C LEU A 89 -21.04 -3.91 -5.83
N GLY A 90 -20.18 -3.33 -5.02
CA GLY A 90 -19.42 -4.15 -4.05
C GLY A 90 -18.04 -4.50 -4.63
N ASP A 91 -17.73 -3.98 -5.78
CA ASP A 91 -16.42 -4.29 -6.41
C ASP A 91 -15.44 -3.14 -6.15
N TYR A 92 -14.18 -3.36 -6.34
CA TYR A 92 -13.17 -2.28 -6.10
C TYR A 92 -12.52 -1.89 -7.43
N VAL A 93 -12.39 -0.62 -7.69
CA VAL A 93 -11.76 -0.17 -8.97
C VAL A 93 -10.28 0.11 -8.73
N GLU A 94 -9.45 -0.15 -9.71
CA GLU A 94 -8.00 0.11 -9.53
C GLU A 94 -7.56 1.24 -10.45
N ASP A 95 -6.56 1.99 -10.05
CA ASP A 95 -6.08 3.11 -10.91
C ASP A 95 -4.64 3.46 -10.55
N GLN A 96 -3.89 3.97 -11.48
CA GLN A 96 -2.47 4.33 -11.20
C GLN A 96 -2.38 5.83 -10.87
N ILE A 97 -1.68 6.17 -9.83
CA ILE A 97 -1.56 7.61 -9.46
C ILE A 97 -0.09 7.95 -9.21
N GLU A 98 0.24 9.22 -9.21
CA GLU A 98 1.65 9.61 -8.98
C GLU A 98 2.25 8.79 -7.83
N SER A 99 3.48 8.39 -7.94
CA SER A 99 4.10 7.60 -6.84
C SER A 99 4.96 8.51 -5.97
N VAL A 100 5.38 8.04 -4.83
CA VAL A 100 6.21 8.88 -3.92
C VAL A 100 7.65 8.36 -3.93
N THR A 101 8.62 9.24 -3.94
CA THR A 101 10.03 8.79 -3.94
C THR A 101 10.41 8.27 -2.55
N PHE A 102 11.37 7.40 -2.47
CA PHE A 102 11.78 6.86 -1.14
C PHE A 102 13.26 7.16 -0.90
N ASP A 103 13.95 7.60 -1.92
CA ASP A 103 15.40 7.92 -1.74
C ASP A 103 15.55 9.05 -0.73
N ARG A 104 14.65 10.00 -0.74
CA ARG A 104 14.76 11.13 0.22
C ARG A 104 13.91 10.84 1.45
N ILE A 105 12.72 10.33 1.26
CA ILE A 105 11.84 10.03 2.42
C ILE A 105 12.47 8.89 3.24
N THR A 106 13.24 8.06 2.63
CA THR A 106 13.88 6.94 3.38
C THR A 106 14.44 7.46 4.71
N THR A 107 13.69 7.34 5.77
CA THR A 107 14.18 7.82 7.09
C THR A 107 14.01 6.72 8.13
N GLN A 108 14.65 6.86 9.26
CA GLN A 108 14.52 5.81 10.32
C GLN A 108 13.05 5.67 10.72
N THR A 109 12.30 6.72 10.64
CA THR A 109 10.85 6.64 11.01
C THR A 109 10.17 5.55 10.17
N ALA A 110 10.49 5.48 8.91
CA ALA A 110 9.87 4.44 8.05
C ALA A 110 10.20 3.05 8.58
N LYS A 111 11.40 2.87 9.06
CA LYS A 111 11.79 1.54 9.61
C LYS A 111 10.93 1.20 10.83
N GLN A 112 10.56 2.20 11.59
CA GLN A 112 9.72 1.94 12.80
C GLN A 112 8.39 1.33 12.37
N VAL A 113 7.85 1.77 11.26
CA VAL A 113 6.55 1.22 10.79
C VAL A 113 6.73 -0.25 10.41
N ILE A 114 7.83 -0.58 9.79
CA ILE A 114 8.07 -2.01 9.40
C ILE A 114 8.11 -2.88 10.64
N VAL A 115 8.78 -2.43 11.67
CA VAL A 115 8.86 -3.25 12.92
C VAL A 115 7.48 -3.35 13.56
N GLN A 116 6.76 -2.26 13.63
CA GLN A 116 5.41 -2.30 14.24
C GLN A 116 4.49 -3.19 13.40
N LYS A 117 4.59 -3.09 12.10
CA LYS A 117 3.72 -3.94 11.23
C LYS A 117 4.04 -5.42 11.46
N VAL A 118 5.30 -5.76 11.44
CA VAL A 118 5.67 -7.19 11.66
C VAL A 118 5.46 -7.55 13.14
N ARG A 119 5.65 -6.62 14.02
CA ARG A 119 5.46 -6.90 15.47
C ARG A 119 4.04 -7.41 15.70
N GLU A 120 3.08 -6.84 15.03
CA GLU A 120 1.66 -7.29 15.22
C GLU A 120 1.54 -8.77 14.83
N ALA A 121 2.30 -9.19 13.87
CA ALA A 121 2.22 -10.62 13.44
C ALA A 121 2.65 -11.52 14.61
N GLU A 122 3.59 -11.08 15.40
CA GLU A 122 4.05 -11.91 16.55
C GLU A 122 2.87 -12.17 17.50
N ARG A 123 1.99 -11.22 17.63
CA ARG A 123 0.81 -11.40 18.53
C ARG A 123 0.05 -12.66 18.12
N ALA A 124 -0.08 -12.89 16.84
CA ALA A 124 -0.83 -14.09 16.36
C ALA A 124 0.06 -15.33 16.53
N MET A 125 -0.50 -16.41 17.02
CA MET A 125 0.31 -17.64 17.19
C MET A 125 -0.46 -18.84 16.62
N LEU A 126 0.24 -19.89 16.30
CA LEU A 126 -0.45 -21.09 15.73
C LEU A 126 -0.77 -22.07 16.87
N VAL A 127 -1.89 -22.74 16.79
CA VAL A 127 -2.25 -23.70 17.86
C VAL A 127 -2.27 -25.13 17.29
N PRO A 128 -2.17 -26.13 18.16
CA PRO A 128 -2.16 -27.54 17.76
C PRO A 128 -3.53 -27.99 17.25
N ARG A 129 -4.57 -27.26 17.59
CA ARG A 129 -5.94 -27.65 17.14
C ARG A 129 -6.96 -26.64 17.68
N MET A 1 14.37 2.28 -10.29
CA MET A 1 15.02 1.11 -9.63
C MET A 1 15.77 1.58 -8.39
N ASN A 2 15.20 1.42 -7.22
CA ASN A 2 15.90 1.86 -5.98
C ASN A 2 16.41 0.63 -5.22
N LYS A 3 17.69 0.41 -5.22
CA LYS A 3 18.25 -0.76 -4.50
C LYS A 3 17.98 -0.62 -2.99
N GLU A 4 17.81 0.59 -2.53
CA GLU A 4 17.54 0.80 -1.08
C GLU A 4 16.29 0.03 -0.68
N ILE A 5 15.30 0.00 -1.54
CA ILE A 5 14.04 -0.73 -1.21
C ILE A 5 14.38 -2.18 -0.85
N LEU A 6 15.12 -2.86 -1.70
CA LEU A 6 15.47 -4.27 -1.41
C LEU A 6 16.45 -4.33 -0.23
N ALA A 7 17.27 -3.33 -0.08
CA ALA A 7 18.25 -3.33 1.05
C ALA A 7 17.49 -3.25 2.38
N VAL A 8 16.58 -2.33 2.51
CA VAL A 8 15.82 -2.21 3.78
C VAL A 8 14.99 -3.48 4.01
N VAL A 9 14.47 -4.06 2.97
CA VAL A 9 13.66 -5.30 3.14
C VAL A 9 14.57 -6.45 3.55
N GLU A 10 15.80 -6.45 3.11
CA GLU A 10 16.73 -7.55 3.49
C GLU A 10 17.11 -7.43 4.97
N ALA A 11 17.16 -6.23 5.47
CA ALA A 11 17.53 -6.05 6.90
C ALA A 11 16.35 -6.46 7.79
N VAL A 12 15.15 -6.24 7.33
CA VAL A 12 13.96 -6.62 8.15
C VAL A 12 13.69 -8.12 7.98
N SER A 13 14.01 -8.67 6.85
CA SER A 13 13.77 -10.13 6.63
C SER A 13 14.77 -10.95 7.44
N ASN A 14 15.97 -10.45 7.57
CA ASN A 14 17.00 -11.20 8.35
C ASN A 14 16.76 -11.01 9.85
N GLU A 15 16.36 -9.84 10.24
CA GLU A 15 16.10 -9.59 11.69
C GLU A 15 14.85 -10.36 12.14
N LYS A 16 13.81 -10.31 11.36
CA LYS A 16 12.57 -11.04 11.75
C LYS A 16 12.52 -12.38 11.03
N ALA A 17 13.44 -12.63 10.14
CA ALA A 17 13.44 -13.93 9.40
C ALA A 17 12.14 -14.06 8.60
N LEU A 18 11.42 -12.99 8.45
CA LEU A 18 10.14 -13.05 7.68
C LEU A 18 10.45 -13.04 6.19
N PRO A 19 9.43 -13.30 5.36
CA PRO A 19 9.58 -13.31 3.89
C PRO A 19 9.81 -11.91 3.34
N ARG A 20 10.63 -11.78 2.33
CA ARG A 20 10.89 -10.44 1.73
C ARG A 20 9.58 -9.86 1.17
N GLU A 21 8.73 -10.70 0.66
CA GLU A 21 7.44 -10.20 0.10
C GLU A 21 6.64 -9.51 1.21
N LYS A 22 6.44 -10.18 2.32
CA LYS A 22 5.66 -9.57 3.43
C LYS A 22 6.22 -8.17 3.75
N ILE A 23 7.50 -8.08 3.98
CA ILE A 23 8.09 -6.75 4.30
C ILE A 23 7.60 -5.73 3.28
N PHE A 24 7.73 -6.02 2.02
CA PHE A 24 7.27 -5.06 0.97
C PHE A 24 5.82 -4.68 1.26
N GLU A 25 5.06 -5.60 1.82
CA GLU A 25 3.64 -5.29 2.13
C GLU A 25 3.59 -4.17 3.18
N ALA A 26 4.43 -4.24 4.17
CA ALA A 26 4.44 -3.18 5.22
C ALA A 26 4.89 -1.86 4.58
N LEU A 27 5.93 -1.90 3.80
CA LEU A 27 6.42 -0.65 3.15
C LEU A 27 5.28 -0.05 2.30
N GLU A 28 4.60 -0.87 1.55
CA GLU A 28 3.49 -0.35 0.71
C GLU A 28 2.45 0.34 1.61
N SER A 29 2.14 -0.25 2.73
CA SER A 29 1.14 0.37 3.64
C SER A 29 1.64 1.75 4.08
N ALA A 30 2.90 1.86 4.41
CA ALA A 30 3.44 3.18 4.85
C ALA A 30 3.37 4.17 3.68
N LEU A 31 3.80 3.76 2.52
CA LEU A 31 3.77 4.68 1.35
C LEU A 31 2.32 5.06 1.04
N ALA A 32 1.44 4.10 1.05
CA ALA A 32 0.00 4.41 0.75
C ALA A 32 -0.52 5.38 1.80
N THR A 33 -0.36 5.06 3.06
CA THR A 33 -0.87 5.97 4.13
C THR A 33 -0.29 7.38 3.91
N ALA A 34 0.97 7.47 3.59
CA ALA A 34 1.58 8.81 3.35
C ALA A 34 1.11 9.36 2.01
N THR A 35 1.07 8.53 1.00
CA THR A 35 0.62 9.01 -0.34
C THR A 35 -0.72 9.73 -0.20
N LYS A 36 -1.64 9.14 0.52
CA LYS A 36 -2.97 9.80 0.69
C LYS A 36 -2.79 11.15 1.40
N LYS A 37 -1.76 11.28 2.17
CA LYS A 37 -1.52 12.57 2.89
C LYS A 37 -1.40 13.70 1.86
N LYS A 38 -0.81 13.43 0.73
CA LYS A 38 -0.66 14.49 -0.31
C LYS A 38 -2.05 14.95 -0.76
N TYR A 39 -2.96 14.03 -0.94
CA TYR A 39 -4.34 14.41 -1.37
C TYR A 39 -5.08 15.05 -0.20
N GLU A 40 -4.88 14.54 0.99
CA GLU A 40 -5.58 15.12 2.17
C GLU A 40 -7.09 14.98 1.98
N GLN A 41 -7.50 14.15 1.06
CA GLN A 41 -8.96 13.97 0.83
C GLN A 41 -9.39 12.58 1.33
N GLU A 42 -8.65 12.02 2.25
CA GLU A 42 -9.01 10.67 2.76
C GLU A 42 -9.32 9.74 1.60
N ILE A 43 -8.43 9.62 0.65
CA ILE A 43 -8.69 8.73 -0.51
C ILE A 43 -7.94 7.41 -0.32
N ASP A 44 -8.50 6.33 -0.82
CA ASP A 44 -7.82 5.01 -0.68
C ASP A 44 -6.70 4.91 -1.72
N VAL A 45 -5.50 4.62 -1.29
CA VAL A 45 -4.37 4.52 -2.26
C VAL A 45 -3.66 3.18 -2.09
N ARG A 46 -3.32 2.54 -3.17
CA ARG A 46 -2.60 1.24 -3.09
C ARG A 46 -1.26 1.36 -3.81
N VAL A 47 -0.20 0.85 -3.23
CA VAL A 47 1.13 0.97 -3.88
C VAL A 47 1.76 -0.43 -4.03
N GLN A 48 2.34 -0.69 -5.18
CA GLN A 48 2.99 -2.02 -5.39
C GLN A 48 4.50 -1.81 -5.56
N ILE A 49 5.31 -2.63 -4.94
CA ILE A 49 6.78 -2.45 -5.07
C ILE A 49 7.37 -3.58 -5.92
N ASP A 50 8.40 -3.29 -6.67
CA ASP A 50 9.03 -4.34 -7.51
C ASP A 50 10.38 -4.71 -6.90
N ARG A 51 10.50 -5.91 -6.41
CA ARG A 51 11.78 -6.35 -5.79
C ARG A 51 12.88 -6.36 -6.85
N LYS A 52 12.65 -7.02 -7.94
CA LYS A 52 13.69 -7.06 -9.02
C LYS A 52 14.08 -5.64 -9.39
N SER A 53 13.15 -4.87 -9.90
CA SER A 53 13.48 -3.48 -10.30
C SER A 53 13.86 -2.68 -9.05
N GLY A 54 13.18 -2.89 -7.95
CA GLY A 54 13.51 -2.14 -6.72
C GLY A 54 12.74 -0.82 -6.74
N ASP A 55 11.55 -0.84 -7.28
CA ASP A 55 10.76 0.42 -7.34
C ASP A 55 9.27 0.10 -7.11
N PHE A 56 8.53 1.04 -6.60
CA PHE A 56 7.09 0.79 -6.35
C PHE A 56 6.25 1.91 -6.97
N ASP A 57 5.10 1.57 -7.51
CA ASP A 57 4.23 2.62 -8.12
C ASP A 57 3.04 2.90 -7.20
N THR A 58 2.45 4.05 -7.31
CA THR A 58 1.28 4.37 -6.43
C THR A 58 -0.01 4.31 -7.25
N PHE A 59 -1.04 3.69 -6.72
CA PHE A 59 -2.32 3.60 -7.48
C PHE A 59 -3.49 3.96 -6.54
N ARG A 60 -4.57 4.43 -7.09
CA ARG A 60 -5.74 4.78 -6.25
C ARG A 60 -6.85 3.74 -6.47
N ARG A 61 -7.65 3.48 -5.47
CA ARG A 61 -8.72 2.46 -5.64
C ARG A 61 -10.00 2.90 -4.92
N TRP A 62 -11.12 2.42 -5.36
CA TRP A 62 -12.42 2.79 -4.71
C TRP A 62 -13.36 1.58 -4.75
N LEU A 63 -14.29 1.50 -3.84
CA LEU A 63 -15.23 0.34 -3.83
C LEU A 63 -16.51 0.72 -4.59
N VAL A 64 -16.94 -0.11 -5.49
CA VAL A 64 -18.17 0.19 -6.28
C VAL A 64 -19.38 0.23 -5.34
N VAL A 65 -20.05 1.35 -5.25
CA VAL A 65 -21.24 1.44 -4.36
C VAL A 65 -22.45 1.92 -5.15
N ASP A 66 -23.62 1.43 -4.83
CA ASP A 66 -24.83 1.88 -5.55
C ASP A 66 -25.12 3.34 -5.16
N GLU A 67 -24.51 3.80 -4.10
CA GLU A 67 -24.73 5.21 -3.67
C GLU A 67 -23.54 5.66 -2.81
N VAL A 68 -22.34 5.61 -3.36
CA VAL A 68 -21.13 6.03 -2.60
C VAL A 68 -21.45 7.26 -1.75
N THR A 69 -21.37 7.11 -0.45
CA THR A 69 -21.64 8.29 0.43
C THR A 69 -20.40 9.17 0.47
N GLN A 70 -19.27 8.62 0.07
CA GLN A 70 -18.01 9.41 0.07
C GLN A 70 -17.14 8.95 -1.10
N PRO A 71 -17.00 9.80 -2.14
CA PRO A 71 -16.21 9.48 -3.33
C PRO A 71 -14.70 9.48 -3.04
N THR A 72 -14.32 9.70 -1.80
CA THR A 72 -12.87 9.71 -1.47
C THR A 72 -12.35 8.29 -1.33
N LYS A 73 -13.06 7.46 -0.61
CA LYS A 73 -12.62 6.04 -0.43
C LYS A 73 -13.65 5.10 -1.04
N GLU A 74 -14.54 5.62 -1.84
CA GLU A 74 -15.57 4.75 -2.47
C GLU A 74 -15.94 5.31 -3.84
N ILE A 75 -16.28 4.45 -4.77
CA ILE A 75 -16.65 4.94 -6.12
C ILE A 75 -18.09 4.53 -6.41
N THR A 76 -18.92 5.47 -6.82
CA THR A 76 -20.34 5.14 -7.10
C THR A 76 -20.40 4.03 -8.16
N LEU A 77 -21.49 3.33 -8.24
CA LEU A 77 -21.60 2.24 -9.26
C LEU A 77 -21.58 2.85 -10.66
N GLU A 78 -22.34 3.90 -10.87
CA GLU A 78 -22.35 4.54 -12.20
C GLU A 78 -20.93 4.99 -12.57
N ALA A 79 -20.25 5.63 -11.66
CA ALA A 79 -18.87 6.09 -11.97
C ALA A 79 -17.98 4.88 -12.28
N ALA A 80 -18.18 3.80 -11.58
CA ALA A 80 -17.35 2.59 -11.85
C ALA A 80 -17.62 2.10 -13.27
N ARG A 81 -18.82 2.25 -13.74
CA ARG A 81 -19.15 1.81 -15.13
C ARG A 81 -18.45 2.72 -16.13
N TYR A 82 -18.43 3.99 -15.87
CA TYR A 82 -17.76 4.94 -16.83
C TYR A 82 -16.27 4.62 -16.90
N GLU A 83 -15.66 4.30 -15.80
CA GLU A 83 -14.21 3.98 -15.81
C GLU A 83 -14.00 2.56 -16.32
N ASP A 84 -14.92 1.67 -16.04
CA ASP A 84 -14.78 0.27 -16.51
C ASP A 84 -16.09 -0.48 -16.27
N GLU A 85 -16.93 -0.59 -17.28
CA GLU A 85 -18.22 -1.31 -17.11
C GLU A 85 -17.95 -2.68 -16.49
N SER A 86 -16.76 -3.18 -16.61
CA SER A 86 -16.44 -4.51 -16.02
C SER A 86 -16.57 -4.44 -14.50
N LEU A 87 -16.69 -3.26 -13.96
CA LEU A 87 -16.81 -3.12 -12.48
C LEU A 87 -18.29 -3.17 -12.09
N ASN A 88 -18.60 -3.79 -10.98
CA ASN A 88 -20.02 -3.87 -10.55
C ASN A 88 -20.11 -3.57 -9.04
N LEU A 89 -21.24 -3.84 -8.45
CA LEU A 89 -21.38 -3.58 -6.99
C LEU A 89 -20.57 -4.61 -6.19
N GLY A 90 -19.71 -4.16 -5.32
CA GLY A 90 -18.89 -5.13 -4.53
C GLY A 90 -17.50 -5.24 -5.16
N ASP A 91 -17.33 -4.72 -6.34
CA ASP A 91 -15.99 -4.81 -7.00
C ASP A 91 -15.15 -3.60 -6.62
N TYR A 92 -13.85 -3.73 -6.68
CA TYR A 92 -12.97 -2.59 -6.31
C TYR A 92 -12.39 -1.97 -7.59
N VAL A 93 -12.24 -0.68 -7.61
CA VAL A 93 -11.67 -0.02 -8.83
C VAL A 93 -10.22 0.37 -8.56
N GLU A 94 -9.44 0.53 -9.60
CA GLU A 94 -8.01 0.92 -9.39
C GLU A 94 -7.66 2.08 -10.32
N ASP A 95 -6.70 2.88 -9.94
CA ASP A 95 -6.31 4.04 -10.80
C ASP A 95 -4.82 4.32 -10.62
N GLN A 96 -4.18 4.85 -11.64
CA GLN A 96 -2.73 5.15 -11.52
C GLN A 96 -2.53 6.60 -11.08
N ILE A 97 -1.78 6.81 -10.04
CA ILE A 97 -1.55 8.21 -9.56
C ILE A 97 -0.05 8.43 -9.36
N GLU A 98 0.37 9.67 -9.36
CA GLU A 98 1.82 9.96 -9.17
C GLU A 98 2.36 9.12 -8.00
N SER A 99 3.52 8.57 -8.14
CA SER A 99 4.10 7.75 -7.04
C SER A 99 4.77 8.67 -6.02
N VAL A 100 5.09 8.16 -4.86
CA VAL A 100 5.74 9.00 -3.82
C VAL A 100 7.21 8.58 -3.68
N THR A 101 8.09 9.53 -3.54
CA THR A 101 9.53 9.18 -3.38
C THR A 101 9.73 8.39 -2.09
N PHE A 102 10.52 7.34 -2.14
CA PHE A 102 10.76 6.53 -0.92
C PHE A 102 11.20 7.45 0.22
N ASP A 103 12.45 7.85 0.23
CA ASP A 103 12.94 8.74 1.31
C ASP A 103 14.42 9.03 1.09
N ARG A 104 14.96 9.99 1.81
CA ARG A 104 16.40 10.32 1.64
C ARG A 104 17.24 9.04 1.67
N ILE A 105 18.43 9.09 1.16
CA ILE A 105 19.29 7.88 1.15
C ILE A 105 19.28 7.24 2.55
N THR A 106 19.03 8.02 3.56
CA THR A 106 19.00 7.47 4.93
C THR A 106 17.63 6.85 5.21
N THR A 107 17.53 6.03 6.23
CA THR A 107 16.23 5.40 6.55
C THR A 107 15.84 5.73 8.00
N GLN A 108 14.58 5.58 8.33
CA GLN A 108 14.15 5.90 9.73
C GLN A 108 12.65 5.69 9.85
N THR A 109 11.86 6.55 9.23
CA THR A 109 10.39 6.40 9.31
C THR A 109 9.96 5.08 8.68
N ALA A 110 10.64 4.65 7.66
CA ALA A 110 10.27 3.37 6.99
C ALA A 110 10.42 2.22 8.00
N LYS A 111 11.43 2.27 8.82
CA LYS A 111 11.62 1.18 9.82
C LYS A 111 10.52 1.24 10.87
N GLN A 112 10.01 2.41 11.14
CA GLN A 112 8.93 2.54 12.16
C GLN A 112 7.68 1.79 11.69
N VAL A 113 7.34 1.92 10.44
CA VAL A 113 6.14 1.23 9.92
C VAL A 113 6.38 -0.29 9.90
N ILE A 114 7.60 -0.70 9.63
CA ILE A 114 7.90 -2.15 9.60
C ILE A 114 7.84 -2.72 11.02
N VAL A 115 8.35 -2.00 11.97
CA VAL A 115 8.32 -2.50 13.38
C VAL A 115 6.88 -2.53 13.89
N GLN A 116 6.13 -1.50 13.63
CA GLN A 116 4.72 -1.47 14.11
C GLN A 116 3.94 -2.62 13.47
N LYS A 117 4.20 -2.91 12.22
CA LYS A 117 3.47 -4.02 11.56
C LYS A 117 3.90 -5.36 12.16
N VAL A 118 5.17 -5.54 12.38
CA VAL A 118 5.65 -6.82 12.98
C VAL A 118 5.21 -6.91 14.44
N ARG A 119 5.22 -5.80 15.14
CA ARG A 119 4.81 -5.82 16.57
C ARG A 119 3.35 -6.30 16.68
N GLU A 120 2.52 -5.93 15.73
CA GLU A 120 1.10 -6.36 15.78
C GLU A 120 1.03 -7.90 15.75
N ALA A 121 1.91 -8.52 15.02
CA ALA A 121 1.89 -10.01 14.93
C ALA A 121 2.26 -10.59 16.30
N GLU A 122 3.12 -9.93 17.03
CA GLU A 122 3.52 -10.46 18.36
C GLU A 122 2.30 -10.45 19.29
N ARG A 123 1.43 -9.50 19.14
CA ARG A 123 0.22 -9.45 20.02
C ARG A 123 -0.51 -10.79 19.97
N ALA A 124 -0.58 -11.38 18.81
CA ALA A 124 -1.29 -12.69 18.69
C ALA A 124 -0.48 -13.64 17.80
N MET A 125 0.41 -14.39 18.38
CA MET A 125 1.23 -15.33 17.55
C MET A 125 0.31 -16.31 16.83
N LEU A 126 -0.76 -16.70 17.45
CA LEU A 126 -1.70 -17.66 16.78
C LEU A 126 -2.81 -18.04 17.77
N VAL A 127 -3.66 -17.12 18.11
CA VAL A 127 -4.77 -17.44 19.06
C VAL A 127 -6.11 -17.07 18.44
N PRO A 128 -6.54 -17.84 17.42
CA PRO A 128 -7.81 -17.60 16.73
C PRO A 128 -9.02 -17.92 17.62
N ARG A 129 -10.09 -17.20 17.47
CA ARG A 129 -11.29 -17.46 18.30
C ARG A 129 -11.81 -18.87 18.01
N MET A 1 15.06 1.30 -11.12
CA MET A 1 15.45 0.18 -10.22
C MET A 1 16.17 0.75 -8.99
N ASN A 2 15.54 0.70 -7.85
CA ASN A 2 16.20 1.23 -6.62
C ASN A 2 16.68 0.06 -5.75
N LYS A 3 17.96 -0.18 -5.72
CA LYS A 3 18.48 -1.31 -4.90
C LYS A 3 18.20 -1.04 -3.43
N GLU A 4 18.09 0.20 -3.05
CA GLU A 4 17.80 0.52 -1.62
C GLU A 4 16.52 -0.18 -1.18
N ILE A 5 15.54 -0.26 -2.05
CA ILE A 5 14.27 -0.94 -1.68
C ILE A 5 14.56 -2.39 -1.30
N LEU A 6 15.22 -3.13 -2.16
CA LEU A 6 15.52 -4.55 -1.84
C LEU A 6 16.52 -4.61 -0.68
N ALA A 7 17.34 -3.61 -0.55
CA ALA A 7 18.34 -3.61 0.56
C ALA A 7 17.61 -3.49 1.90
N VAL A 8 16.60 -2.67 1.97
CA VAL A 8 15.86 -2.51 3.25
C VAL A 8 15.08 -3.79 3.57
N VAL A 9 14.70 -4.53 2.56
CA VAL A 9 13.94 -5.79 2.79
C VAL A 9 14.85 -6.83 3.44
N GLU A 10 16.08 -6.93 2.99
CA GLU A 10 17.01 -7.92 3.57
C GLU A 10 17.45 -7.46 4.97
N ALA A 11 17.56 -6.17 5.17
CA ALA A 11 17.99 -5.67 6.51
C ALA A 11 16.95 -6.03 7.57
N VAL A 12 15.69 -5.94 7.23
CA VAL A 12 14.62 -6.28 8.22
C VAL A 12 14.44 -7.79 8.29
N SER A 13 14.66 -8.47 7.19
CA SER A 13 14.49 -9.95 7.18
C SER A 13 15.67 -10.61 7.89
N ASN A 14 16.83 -10.01 7.82
CA ASN A 14 18.02 -10.61 8.48
C ASN A 14 17.88 -10.47 10.00
N GLU A 15 17.33 -9.39 10.47
CA GLU A 15 17.19 -9.20 11.94
C GLU A 15 15.93 -9.92 12.44
N LYS A 16 14.84 -9.79 11.74
CA LYS A 16 13.59 -10.47 12.20
C LYS A 16 13.41 -11.80 11.47
N ALA A 17 14.38 -12.21 10.70
CA ALA A 17 14.25 -13.50 9.97
C ALA A 17 12.86 -13.59 9.34
N LEU A 18 12.26 -12.47 9.06
CA LEU A 18 10.90 -12.47 8.45
C LEU A 18 11.02 -12.68 6.94
N PRO A 19 9.91 -13.10 6.29
CA PRO A 19 9.89 -13.34 4.85
C PRO A 19 10.00 -12.04 4.06
N ARG A 20 10.78 -12.03 3.02
CA ARG A 20 10.94 -10.78 2.20
C ARG A 20 9.57 -10.38 1.64
N GLU A 21 8.77 -11.32 1.24
CA GLU A 21 7.44 -10.98 0.67
C GLU A 21 6.65 -10.17 1.69
N LYS A 22 6.51 -10.67 2.89
CA LYS A 22 5.74 -9.92 3.93
C LYS A 22 6.28 -8.49 4.04
N ILE A 23 7.58 -8.34 4.16
CA ILE A 23 8.16 -6.98 4.27
C ILE A 23 7.58 -6.08 3.18
N PHE A 24 7.67 -6.49 1.95
CA PHE A 24 7.12 -5.67 0.84
C PHE A 24 5.66 -5.35 1.14
N GLU A 25 4.96 -6.25 1.77
CA GLU A 25 3.53 -5.98 2.11
C GLU A 25 3.47 -4.83 3.11
N ALA A 26 4.31 -4.84 4.09
CA ALA A 26 4.30 -3.74 5.11
C ALA A 26 4.74 -2.45 4.44
N LEU A 27 5.80 -2.50 3.66
CA LEU A 27 6.28 -1.27 2.98
C LEU A 27 5.12 -0.66 2.18
N GLU A 28 4.41 -1.47 1.44
CA GLU A 28 3.27 -0.94 0.64
C GLU A 28 2.25 -0.29 1.57
N SER A 29 1.95 -0.92 2.68
CA SER A 29 0.97 -0.35 3.62
C SER A 29 1.46 1.02 4.12
N ALA A 30 2.74 1.16 4.31
CA ALA A 30 3.28 2.47 4.78
C ALA A 30 3.24 3.49 3.64
N LEU A 31 3.61 3.07 2.46
CA LEU A 31 3.60 4.02 1.30
C LEU A 31 2.16 4.43 0.99
N ALA A 32 1.26 3.48 0.93
CA ALA A 32 -0.16 3.83 0.63
C ALA A 32 -0.71 4.71 1.75
N THR A 33 -0.43 4.38 2.99
CA THR A 33 -0.94 5.20 4.12
C THR A 33 -0.34 6.60 4.04
N ALA A 34 0.93 6.70 3.76
CA ALA A 34 1.57 8.04 3.67
C ALA A 34 1.14 8.73 2.37
N THR A 35 0.86 7.97 1.36
CA THR A 35 0.44 8.57 0.06
C THR A 35 -0.91 9.25 0.24
N LYS A 36 -1.88 8.54 0.76
CA LYS A 36 -3.23 9.15 0.95
C LYS A 36 -3.10 10.39 1.84
N LYS A 37 -2.13 10.41 2.71
CA LYS A 37 -1.97 11.59 3.61
C LYS A 37 -1.77 12.85 2.76
N LYS A 38 -1.12 12.73 1.64
CA LYS A 38 -0.90 13.92 0.77
C LYS A 38 -2.26 14.53 0.39
N TYR A 39 -3.22 13.70 0.09
CA TYR A 39 -4.57 14.22 -0.30
C TYR A 39 -5.30 14.70 0.96
N GLU A 40 -5.08 14.05 2.07
CA GLU A 40 -5.77 14.48 3.32
C GLU A 40 -7.26 14.15 3.22
N GLN A 41 -7.65 13.45 2.20
CA GLN A 41 -9.10 13.10 2.05
C GLN A 41 -9.32 11.65 2.47
N GLU A 42 -8.41 11.10 3.23
CA GLU A 42 -8.57 9.67 3.67
C GLU A 42 -9.02 8.83 2.48
N ILE A 43 -8.29 8.87 1.39
CA ILE A 43 -8.68 8.08 0.20
C ILE A 43 -7.99 6.71 0.24
N ASP A 44 -8.61 5.71 -0.31
CA ASP A 44 -7.99 4.35 -0.31
C ASP A 44 -6.92 4.29 -1.40
N VAL A 45 -5.68 4.13 -1.02
CA VAL A 45 -4.59 4.07 -2.03
C VAL A 45 -3.80 2.77 -1.87
N ARG A 46 -3.50 2.10 -2.95
CA ARG A 46 -2.73 0.83 -2.85
C ARG A 46 -1.41 1.00 -3.61
N VAL A 47 -0.33 0.57 -3.02
CA VAL A 47 0.99 0.72 -3.71
C VAL A 47 1.60 -0.65 -3.97
N GLN A 48 2.10 -0.86 -5.17
CA GLN A 48 2.73 -2.17 -5.49
C GLN A 48 4.24 -1.98 -5.65
N ILE A 49 5.03 -2.88 -5.14
CA ILE A 49 6.51 -2.74 -5.26
C ILE A 49 7.07 -3.82 -6.19
N ASP A 50 8.09 -3.50 -6.93
CA ASP A 50 8.70 -4.50 -7.85
C ASP A 50 10.00 -5.00 -7.24
N ARG A 51 10.06 -6.25 -6.87
CA ARG A 51 11.31 -6.79 -6.26
C ARG A 51 12.40 -6.89 -7.31
N LYS A 52 12.05 -7.33 -8.49
CA LYS A 52 13.08 -7.45 -9.57
C LYS A 52 13.69 -6.07 -9.85
N SER A 53 12.87 -5.09 -10.09
CA SER A 53 13.41 -3.72 -10.37
C SER A 53 13.70 -3.00 -9.06
N GLY A 54 12.91 -3.22 -8.05
CA GLY A 54 13.15 -2.54 -6.76
C GLY A 54 12.43 -1.20 -6.78
N ASP A 55 11.27 -1.15 -7.37
CA ASP A 55 10.52 0.13 -7.44
C ASP A 55 9.03 -0.15 -7.20
N PHE A 56 8.33 0.78 -6.59
CA PHE A 56 6.88 0.56 -6.33
C PHE A 56 6.09 1.76 -6.86
N ASP A 57 4.95 1.51 -7.43
CA ASP A 57 4.11 2.63 -7.96
C ASP A 57 2.88 2.82 -7.06
N THR A 58 2.50 4.03 -6.81
CA THR A 58 1.31 4.29 -5.95
C THR A 58 0.03 4.14 -6.77
N PHE A 59 -0.97 3.48 -6.24
CA PHE A 59 -2.23 3.32 -7.01
C PHE A 59 -3.42 3.67 -6.11
N ARG A 60 -4.50 4.11 -6.70
CA ARG A 60 -5.71 4.47 -5.89
C ARG A 60 -6.88 3.58 -6.31
N ARG A 61 -7.79 3.30 -5.43
CA ARG A 61 -8.94 2.42 -5.82
C ARG A 61 -10.19 2.83 -5.05
N TRP A 62 -11.35 2.47 -5.56
CA TRP A 62 -12.62 2.83 -4.88
C TRP A 62 -13.61 1.67 -5.03
N LEU A 63 -14.55 1.56 -4.13
CA LEU A 63 -15.55 0.47 -4.24
C LEU A 63 -16.74 0.95 -5.06
N VAL A 64 -17.22 0.14 -5.96
CA VAL A 64 -18.38 0.56 -6.80
C VAL A 64 -19.64 0.61 -5.95
N VAL A 65 -20.23 1.77 -5.80
CA VAL A 65 -21.46 1.87 -4.97
C VAL A 65 -22.61 2.42 -5.81
N ASP A 66 -23.80 1.97 -5.55
CA ASP A 66 -24.98 2.48 -6.31
C ASP A 66 -25.23 3.93 -5.90
N GLU A 67 -24.66 4.33 -4.79
CA GLU A 67 -24.86 5.73 -4.31
C GLU A 67 -23.70 6.12 -3.39
N VAL A 68 -22.48 6.05 -3.88
CA VAL A 68 -21.30 6.41 -3.05
C VAL A 68 -21.62 7.62 -2.17
N THR A 69 -21.62 7.44 -0.88
CA THR A 69 -21.91 8.58 0.03
C THR A 69 -20.63 9.38 0.25
N GLN A 70 -19.50 8.77 -0.01
CA GLN A 70 -18.20 9.48 0.16
C GLN A 70 -17.24 9.06 -0.96
N PRO A 71 -17.04 9.93 -1.95
CA PRO A 71 -16.15 9.65 -3.09
C PRO A 71 -14.66 9.63 -2.68
N THR A 72 -14.39 9.84 -1.42
CA THR A 72 -12.97 9.84 -0.97
C THR A 72 -12.43 8.41 -0.97
N LYS A 73 -13.26 7.44 -0.68
CA LYS A 73 -12.78 6.03 -0.67
C LYS A 73 -13.81 5.13 -1.37
N GLU A 74 -14.74 5.72 -2.07
CA GLU A 74 -15.76 4.90 -2.77
C GLU A 74 -16.07 5.53 -4.13
N ILE A 75 -16.41 4.73 -5.11
CA ILE A 75 -16.72 5.28 -6.44
C ILE A 75 -18.18 4.95 -6.80
N THR A 76 -18.94 5.93 -7.20
CA THR A 76 -20.37 5.67 -7.54
C THR A 76 -20.43 4.63 -8.65
N LEU A 77 -21.55 3.98 -8.81
CA LEU A 77 -21.68 2.96 -9.88
C LEU A 77 -21.42 3.60 -11.24
N GLU A 78 -22.03 4.73 -11.50
CA GLU A 78 -21.81 5.41 -12.81
C GLU A 78 -20.32 5.68 -13.00
N ALA A 79 -19.66 6.16 -11.99
CA ALA A 79 -18.20 6.44 -12.12
C ALA A 79 -17.46 5.15 -12.43
N ALA A 80 -17.81 4.07 -11.79
CA ALA A 80 -17.12 2.78 -12.06
C ALA A 80 -17.30 2.41 -13.54
N ARG A 81 -18.46 2.68 -14.09
CA ARG A 81 -18.69 2.34 -15.52
C ARG A 81 -17.79 3.21 -16.40
N TYR A 82 -17.65 4.47 -16.07
CA TYR A 82 -16.78 5.36 -16.89
C TYR A 82 -15.34 4.84 -16.88
N GLU A 83 -14.87 4.40 -15.74
CA GLU A 83 -13.47 3.87 -15.67
C GLU A 83 -13.43 2.49 -16.33
N ASP A 84 -14.49 1.76 -16.27
CA ASP A 84 -14.50 0.40 -16.89
C ASP A 84 -15.89 -0.22 -16.73
N GLU A 85 -16.68 -0.20 -17.77
CA GLU A 85 -18.05 -0.79 -17.67
C GLU A 85 -17.95 -2.19 -17.04
N SER A 86 -16.82 -2.82 -17.14
CA SER A 86 -16.67 -4.18 -16.56
C SER A 86 -16.85 -4.10 -15.04
N LEU A 87 -16.83 -2.91 -14.49
CA LEU A 87 -16.99 -2.76 -13.02
C LEU A 87 -18.48 -2.72 -12.67
N ASN A 88 -18.86 -3.36 -11.60
CA ASN A 88 -20.30 -3.37 -11.21
C ASN A 88 -20.42 -3.02 -9.73
N LEU A 89 -21.60 -3.09 -9.18
CA LEU A 89 -21.78 -2.76 -7.74
C LEU A 89 -21.06 -3.82 -6.89
N GLY A 90 -20.21 -3.39 -6.00
CA GLY A 90 -19.49 -4.37 -5.14
C GLY A 90 -18.08 -4.60 -5.71
N ASP A 91 -17.78 -4.05 -6.85
CA ASP A 91 -16.44 -4.25 -7.45
C ASP A 91 -15.51 -3.12 -6.99
N TYR A 92 -14.22 -3.34 -7.07
CA TYR A 92 -13.26 -2.28 -6.63
C TYR A 92 -12.59 -1.67 -7.86
N VAL A 93 -12.60 -0.37 -7.97
CA VAL A 93 -11.96 0.29 -9.14
C VAL A 93 -10.50 0.60 -8.82
N GLU A 94 -9.64 0.53 -9.80
CA GLU A 94 -8.20 0.83 -9.53
C GLU A 94 -7.74 1.98 -10.43
N ASP A 95 -6.77 2.73 -9.98
CA ASP A 95 -6.28 3.88 -10.80
C ASP A 95 -4.84 4.21 -10.38
N GLN A 96 -4.04 4.67 -11.30
CA GLN A 96 -2.63 5.02 -10.95
C GLN A 96 -2.57 6.47 -10.44
N ILE A 97 -1.79 6.72 -9.42
CA ILE A 97 -1.69 8.11 -8.89
C ILE A 97 -0.22 8.47 -8.69
N GLU A 98 0.08 9.74 -8.60
CA GLU A 98 1.49 10.16 -8.41
C GLU A 98 2.09 9.42 -7.21
N SER A 99 3.36 9.15 -7.24
CA SER A 99 4.00 8.42 -6.12
C SER A 99 5.14 9.28 -5.54
N VAL A 100 5.57 8.98 -4.34
CA VAL A 100 6.69 9.77 -3.75
C VAL A 100 8.00 9.00 -3.89
N THR A 101 9.07 9.67 -4.22
CA THR A 101 10.37 8.98 -4.38
C THR A 101 10.77 8.32 -3.04
N PHE A 102 11.19 7.09 -3.09
CA PHE A 102 11.58 6.40 -1.82
C PHE A 102 12.82 7.08 -1.23
N ASP A 103 13.59 7.76 -2.05
CA ASP A 103 14.81 8.44 -1.53
C ASP A 103 14.48 9.15 -0.21
N ARG A 104 13.37 9.83 -0.16
CA ARG A 104 13.00 10.55 1.09
C ARG A 104 12.78 9.54 2.22
N ILE A 105 12.22 8.40 1.90
CA ILE A 105 11.99 7.37 2.96
C ILE A 105 13.32 6.70 3.32
N THR A 106 14.31 6.83 2.47
CA THR A 106 15.63 6.20 2.75
C THR A 106 16.02 6.47 4.21
N THR A 107 15.52 7.53 4.79
CA THR A 107 15.85 7.85 6.20
C THR A 107 15.35 6.73 7.11
N GLN A 108 15.79 6.71 8.33
CA GLN A 108 15.33 5.63 9.27
C GLN A 108 13.83 5.77 9.52
N THR A 109 13.24 6.86 9.09
CA THR A 109 11.78 7.04 9.31
C THR A 109 11.03 5.82 8.77
N ALA A 110 11.50 5.26 7.70
CA ALA A 110 10.81 4.06 7.13
C ALA A 110 10.92 2.90 8.11
N LYS A 111 12.01 2.81 8.82
CA LYS A 111 12.18 1.70 9.80
C LYS A 111 11.19 1.87 10.95
N GLN A 112 10.84 3.09 11.26
CA GLN A 112 9.89 3.33 12.38
C GLN A 112 8.58 2.57 12.11
N VAL A 113 8.17 2.49 10.87
CA VAL A 113 6.91 1.76 10.56
C VAL A 113 7.16 0.25 10.60
N ILE A 114 8.39 -0.15 10.42
CA ILE A 114 8.70 -1.62 10.43
C ILE A 114 8.59 -2.13 11.87
N VAL A 115 8.97 -1.34 12.83
CA VAL A 115 8.89 -1.80 14.25
C VAL A 115 7.44 -1.81 14.71
N GLN A 116 6.66 -0.84 14.30
CA GLN A 116 5.23 -0.79 14.72
C GLN A 116 4.49 -2.00 14.15
N LYS A 117 4.67 -2.29 12.90
CA LYS A 117 3.97 -3.45 12.29
C LYS A 117 4.44 -4.74 12.95
N VAL A 118 5.72 -4.84 13.23
CA VAL A 118 6.25 -6.07 13.88
C VAL A 118 5.72 -6.17 15.31
N ARG A 119 5.53 -5.05 15.96
CA ARG A 119 5.02 -5.07 17.36
C ARG A 119 3.67 -5.79 17.40
N GLU A 120 2.88 -5.67 16.37
CA GLU A 120 1.55 -6.34 16.36
C GLU A 120 1.74 -7.86 16.48
N ALA A 121 2.81 -8.37 15.93
CA ALA A 121 3.05 -9.84 16.02
C ALA A 121 3.24 -10.24 17.48
N GLU A 122 3.68 -9.34 18.31
CA GLU A 122 3.90 -9.67 19.74
C GLU A 122 2.55 -10.08 20.37
N ARG A 123 1.47 -9.54 19.89
CA ARG A 123 0.14 -9.90 20.46
C ARG A 123 -0.02 -11.42 20.44
N ALA A 124 0.44 -12.06 19.39
CA ALA A 124 0.31 -13.55 19.31
C ALA A 124 1.57 -14.20 19.88
N MET A 125 1.50 -14.70 21.09
CA MET A 125 2.69 -15.34 21.70
C MET A 125 3.07 -16.58 20.88
N LEU A 126 2.10 -17.30 20.40
CA LEU A 126 2.41 -18.52 19.59
C LEU A 126 2.15 -18.24 18.11
N VAL A 127 3.02 -18.69 17.25
CA VAL A 127 2.81 -18.43 15.80
C VAL A 127 1.86 -19.49 15.22
N PRO A 128 0.91 -19.05 14.38
CA PRO A 128 -0.06 -19.95 13.76
C PRO A 128 0.58 -20.86 12.71
N ARG A 129 1.75 -20.49 12.24
CA ARG A 129 2.43 -21.32 11.21
C ARG A 129 3.95 -21.18 11.37
N MET A 1 15.22 2.31 -9.97
CA MET A 1 15.85 1.15 -9.27
C MET A 1 16.54 1.63 -7.99
N ASN A 2 15.89 1.50 -6.87
CA ASN A 2 16.50 1.95 -5.59
C ASN A 2 17.08 0.74 -4.85
N LYS A 3 18.38 0.62 -4.82
CA LYS A 3 18.99 -0.53 -4.11
C LYS A 3 18.78 -0.38 -2.60
N GLU A 4 18.70 0.82 -2.12
CA GLU A 4 18.48 1.04 -0.66
C GLU A 4 17.16 0.39 -0.24
N ILE A 5 16.16 0.47 -1.07
CA ILE A 5 14.84 -0.14 -0.73
C ILE A 5 15.01 -1.65 -0.58
N LEU A 6 15.75 -2.27 -1.45
CA LEU A 6 15.95 -3.74 -1.36
C LEU A 6 16.93 -4.05 -0.22
N ALA A 7 17.80 -3.12 0.11
CA ALA A 7 18.77 -3.36 1.21
C ALA A 7 18.05 -3.36 2.56
N VAL A 8 17.14 -2.44 2.75
CA VAL A 8 16.40 -2.39 4.04
C VAL A 8 15.55 -3.65 4.19
N VAL A 9 15.14 -4.23 3.10
CA VAL A 9 14.29 -5.46 3.19
C VAL A 9 15.15 -6.63 3.71
N GLU A 10 16.36 -6.73 3.27
CA GLU A 10 17.23 -7.84 3.74
C GLU A 10 17.59 -7.63 5.21
N ALA A 11 17.70 -6.40 5.63
CA ALA A 11 18.06 -6.13 7.05
C ALA A 11 16.85 -6.45 7.95
N VAL A 12 15.66 -6.18 7.47
CA VAL A 12 14.46 -6.47 8.29
C VAL A 12 14.16 -7.97 8.27
N SER A 13 14.52 -8.63 7.21
CA SER A 13 14.26 -10.10 7.13
C SER A 13 15.22 -10.85 8.05
N ASN A 14 16.42 -10.35 8.18
CA ASN A 14 17.41 -11.04 9.07
C ASN A 14 17.06 -10.75 10.53
N GLU A 15 16.61 -9.55 10.81
CA GLU A 15 16.26 -9.21 12.23
C GLU A 15 14.91 -9.82 12.58
N LYS A 16 13.96 -9.76 11.68
CA LYS A 16 12.62 -10.34 11.96
C LYS A 16 12.54 -11.77 11.43
N ALA A 17 13.55 -12.21 10.73
CA ALA A 17 13.52 -13.59 10.18
C ALA A 17 12.19 -13.83 9.47
N LEU A 18 11.74 -12.88 8.70
CA LEU A 18 10.44 -13.06 7.98
C LEU A 18 10.68 -12.96 6.47
N PRO A 19 9.67 -13.32 5.66
CA PRO A 19 9.77 -13.27 4.20
C PRO A 19 9.85 -11.85 3.68
N ARG A 20 10.76 -11.59 2.77
CA ARG A 20 10.89 -10.20 2.23
C ARG A 20 9.53 -9.73 1.72
N GLU A 21 8.77 -10.58 1.11
CA GLU A 21 7.44 -10.17 0.60
C GLU A 21 6.66 -9.46 1.71
N LYS A 22 6.66 -10.02 2.89
CA LYS A 22 5.92 -9.37 4.01
C LYS A 22 6.47 -7.95 4.24
N ILE A 23 7.76 -7.80 4.25
CA ILE A 23 8.35 -6.45 4.46
C ILE A 23 7.82 -5.49 3.39
N PHE A 24 7.89 -5.89 2.15
CA PHE A 24 7.39 -4.99 1.06
C PHE A 24 5.96 -4.58 1.36
N GLU A 25 5.17 -5.47 1.89
CA GLU A 25 3.77 -5.12 2.22
C GLU A 25 3.76 -3.93 3.19
N ALA A 26 4.61 -3.95 4.17
CA ALA A 26 4.67 -2.82 5.14
C ALA A 26 5.04 -1.54 4.39
N LEU A 27 6.06 -1.59 3.58
CA LEU A 27 6.46 -0.38 2.82
C LEU A 27 5.30 0.07 1.94
N GLU A 28 4.65 -0.84 1.28
CA GLU A 28 3.50 -0.47 0.41
C GLU A 28 2.49 0.33 1.23
N SER A 29 2.27 -0.05 2.45
CA SER A 29 1.28 0.69 3.30
C SER A 29 1.84 2.08 3.63
N ALA A 30 3.13 2.19 3.82
CA ALA A 30 3.74 3.51 4.14
C ALA A 30 3.75 4.38 2.88
N LEU A 31 4.02 3.79 1.76
CA LEU A 31 4.04 4.59 0.49
C LEU A 31 2.62 5.01 0.13
N ALA A 32 1.67 4.13 0.27
CA ALA A 32 0.26 4.49 -0.07
C ALA A 32 -0.25 5.51 0.94
N THR A 33 0.13 5.38 2.18
CA THR A 33 -0.34 6.36 3.22
C THR A 33 0.23 7.74 2.90
N ALA A 34 1.49 7.81 2.54
CA ALA A 34 2.10 9.13 2.21
C ALA A 34 1.58 9.60 0.85
N THR A 35 1.25 8.68 -0.02
CA THR A 35 0.73 9.07 -1.37
C THR A 35 -0.62 9.75 -1.22
N LYS A 36 -1.53 9.14 -0.50
CA LYS A 36 -2.88 9.74 -0.32
C LYS A 36 -2.74 11.10 0.37
N LYS A 37 -1.69 11.29 1.14
CA LYS A 37 -1.50 12.58 1.84
C LYS A 37 -1.45 13.72 0.81
N LYS A 38 -0.84 13.49 -0.31
CA LYS A 38 -0.77 14.55 -1.36
C LYS A 38 -2.18 15.02 -1.71
N TYR A 39 -3.09 14.09 -1.90
CA TYR A 39 -4.49 14.48 -2.25
C TYR A 39 -5.17 15.07 -1.02
N GLU A 40 -4.79 14.65 0.15
CA GLU A 40 -5.43 15.19 1.38
C GLU A 40 -6.92 14.89 1.36
N GLN A 41 -7.33 13.93 0.58
CA GLN A 41 -8.78 13.58 0.50
C GLN A 41 -9.02 12.22 1.18
N GLU A 42 -8.04 11.71 1.86
CA GLU A 42 -8.22 10.39 2.53
C GLU A 42 -8.70 9.37 1.51
N ILE A 43 -8.04 9.29 0.39
CA ILE A 43 -8.46 8.31 -0.66
C ILE A 43 -7.74 6.97 -0.44
N ASP A 44 -8.25 5.93 -1.03
CA ASP A 44 -7.60 4.59 -0.86
C ASP A 44 -6.58 4.38 -1.97
N VAL A 45 -5.32 4.27 -1.63
CA VAL A 45 -4.27 4.08 -2.67
C VAL A 45 -3.47 2.80 -2.37
N ARG A 46 -3.18 2.03 -3.39
CA ARG A 46 -2.39 0.79 -3.17
C ARG A 46 -1.02 0.93 -3.83
N VAL A 47 0.02 0.52 -3.17
CA VAL A 47 1.38 0.63 -3.77
C VAL A 47 2.00 -0.75 -3.93
N GLN A 48 2.49 -1.05 -5.11
CA GLN A 48 3.13 -2.39 -5.33
C GLN A 48 4.64 -2.20 -5.46
N ILE A 49 5.42 -3.06 -4.87
CA ILE A 49 6.90 -2.91 -4.97
C ILE A 49 7.49 -4.05 -5.80
N ASP A 50 8.53 -3.77 -6.54
CA ASP A 50 9.17 -4.83 -7.36
C ASP A 50 10.54 -5.16 -6.78
N ARG A 51 10.71 -6.33 -6.24
CA ARG A 51 12.01 -6.72 -5.65
C ARG A 51 13.07 -6.77 -6.75
N LYS A 52 12.78 -7.44 -7.83
CA LYS A 52 13.77 -7.53 -8.94
C LYS A 52 14.23 -6.11 -9.32
N SER A 53 13.31 -5.30 -9.75
CA SER A 53 13.68 -3.90 -10.14
C SER A 53 14.08 -3.12 -8.90
N GLY A 54 13.38 -3.31 -7.81
CA GLY A 54 13.72 -2.57 -6.57
C GLY A 54 12.94 -1.25 -6.56
N ASP A 55 11.76 -1.25 -7.11
CA ASP A 55 10.95 0.00 -7.15
C ASP A 55 9.47 -0.35 -6.96
N PHE A 56 8.68 0.59 -6.51
CA PHE A 56 7.24 0.31 -6.30
C PHE A 56 6.40 1.41 -6.97
N ASP A 57 5.24 1.05 -7.46
CA ASP A 57 4.37 2.07 -8.11
C ASP A 57 3.17 2.36 -7.22
N THR A 58 2.55 3.49 -7.36
CA THR A 58 1.38 3.83 -6.52
C THR A 58 0.10 3.77 -7.35
N PHE A 59 -0.91 3.09 -6.87
CA PHE A 59 -2.19 3.00 -7.64
C PHE A 59 -3.36 3.38 -6.74
N ARG A 60 -4.43 3.85 -7.32
CA ARG A 60 -5.61 4.23 -6.50
C ARG A 60 -6.78 3.29 -6.83
N ARG A 61 -7.61 2.99 -5.88
CA ARG A 61 -8.75 2.07 -6.16
C ARG A 61 -10.00 2.54 -5.42
N TRP A 62 -11.16 2.13 -5.90
CA TRP A 62 -12.43 2.53 -5.23
C TRP A 62 -13.41 1.37 -5.28
N LEU A 63 -14.34 1.32 -4.37
CA LEU A 63 -15.33 0.21 -4.37
C LEU A 63 -16.66 0.71 -4.95
N VAL A 64 -17.34 -0.13 -5.69
CA VAL A 64 -18.65 0.29 -6.28
C VAL A 64 -19.72 0.30 -5.19
N VAL A 65 -20.35 1.42 -4.96
CA VAL A 65 -21.40 1.49 -3.91
C VAL A 65 -22.69 2.06 -4.47
N ASP A 66 -23.81 1.58 -4.00
CA ASP A 66 -25.10 2.11 -4.49
C ASP A 66 -25.29 3.51 -3.91
N GLU A 67 -24.54 3.84 -2.89
CA GLU A 67 -24.65 5.18 -2.26
C GLU A 67 -23.31 5.51 -1.59
N VAL A 68 -22.26 5.57 -2.36
CA VAL A 68 -20.91 5.87 -1.80
C VAL A 68 -21.02 6.88 -0.65
N THR A 69 -20.68 6.47 0.54
CA THR A 69 -20.74 7.40 1.69
C THR A 69 -19.47 8.25 1.70
N GLN A 70 -18.47 7.81 0.98
CA GLN A 70 -17.19 8.57 0.92
C GLN A 70 -16.51 8.29 -0.43
N PRO A 71 -16.67 9.21 -1.38
CA PRO A 71 -16.10 9.08 -2.74
C PRO A 71 -14.57 9.12 -2.72
N THR A 72 -13.97 9.34 -1.58
CA THR A 72 -12.49 9.39 -1.52
C THR A 72 -11.93 7.97 -1.52
N LYS A 73 -12.61 7.05 -0.87
CA LYS A 73 -12.12 5.65 -0.83
C LYS A 73 -13.21 4.72 -1.37
N GLU A 74 -14.27 5.28 -1.89
CA GLU A 74 -15.37 4.43 -2.43
C GLU A 74 -15.93 5.06 -3.71
N ILE A 75 -16.44 4.26 -4.59
CA ILE A 75 -17.01 4.81 -5.86
C ILE A 75 -18.45 4.32 -6.03
N THR A 76 -19.34 5.19 -6.41
CA THR A 76 -20.76 4.76 -6.58
C THR A 76 -20.88 3.87 -7.82
N LEU A 77 -21.98 3.18 -7.95
CA LEU A 77 -22.17 2.30 -9.14
C LEU A 77 -22.22 3.16 -10.40
N GLU A 78 -22.97 4.24 -10.36
CA GLU A 78 -23.06 5.12 -11.56
C GLU A 78 -21.66 5.58 -11.96
N ALA A 79 -20.92 6.13 -11.03
CA ALA A 79 -19.54 6.60 -11.36
C ALA A 79 -18.71 5.41 -11.85
N ALA A 80 -18.93 4.25 -11.29
CA ALA A 80 -18.16 3.06 -11.72
C ALA A 80 -18.46 2.76 -13.19
N ARG A 81 -19.68 2.91 -13.60
CA ARG A 81 -20.05 2.65 -15.02
C ARG A 81 -19.36 3.67 -15.92
N TYR A 82 -19.34 4.91 -15.51
CA TYR A 82 -18.69 5.97 -16.33
C TYR A 82 -17.20 5.66 -16.47
N GLU A 83 -16.60 5.13 -15.45
CA GLU A 83 -15.15 4.81 -15.52
C GLU A 83 -14.96 3.44 -16.18
N ASP A 84 -15.84 2.52 -15.92
CA ASP A 84 -15.72 1.17 -16.54
C ASP A 84 -17.03 0.41 -16.39
N GLU A 85 -17.85 0.41 -17.41
CA GLU A 85 -19.15 -0.30 -17.33
C GLU A 85 -18.93 -1.72 -16.79
N SER A 86 -17.74 -2.24 -16.95
CA SER A 86 -17.45 -3.62 -16.44
C SER A 86 -17.52 -3.62 -14.92
N LEU A 87 -17.57 -2.46 -14.31
CA LEU A 87 -17.65 -2.41 -12.82
C LEU A 87 -19.08 -2.67 -12.37
N ASN A 88 -19.24 -3.34 -11.26
CA ASN A 88 -20.62 -3.63 -10.76
C ASN A 88 -20.67 -3.40 -9.24
N LEU A 89 -21.82 -3.59 -8.64
CA LEU A 89 -21.93 -3.38 -7.17
C LEU A 89 -21.02 -4.37 -6.45
N GLY A 90 -20.16 -3.88 -5.60
CA GLY A 90 -19.24 -4.80 -4.86
C GLY A 90 -17.95 -4.98 -5.66
N ASP A 91 -17.81 -4.28 -6.76
CA ASP A 91 -16.57 -4.41 -7.57
C ASP A 91 -15.52 -3.42 -7.06
N TYR A 92 -14.31 -3.51 -7.56
CA TYR A 92 -13.25 -2.57 -7.10
C TYR A 92 -12.63 -1.88 -8.32
N VAL A 93 -12.66 -0.58 -8.34
CA VAL A 93 -12.06 0.16 -9.50
C VAL A 93 -10.57 0.39 -9.24
N GLU A 94 -9.77 0.35 -10.27
CA GLU A 94 -8.31 0.57 -10.09
C GLU A 94 -7.87 1.81 -10.87
N ASP A 95 -6.82 2.46 -10.44
CA ASP A 95 -6.35 3.67 -11.15
C ASP A 95 -4.84 3.86 -10.90
N GLN A 96 -4.12 4.37 -11.85
CA GLN A 96 -2.66 4.58 -11.66
C GLN A 96 -2.40 6.03 -11.26
N ILE A 97 -1.62 6.24 -10.24
CA ILE A 97 -1.33 7.65 -9.81
C ILE A 97 0.17 7.81 -9.60
N GLU A 98 0.67 9.01 -9.70
CA GLU A 98 2.13 9.24 -9.51
C GLU A 98 2.61 8.45 -8.29
N SER A 99 3.77 7.88 -8.37
CA SER A 99 4.31 7.10 -7.21
C SER A 99 5.08 8.03 -6.27
N VAL A 100 5.37 7.58 -5.09
CA VAL A 100 6.14 8.43 -4.14
C VAL A 100 7.61 8.02 -4.14
N THR A 101 8.51 8.96 -4.05
CA THR A 101 9.95 8.62 -4.05
C THR A 101 10.34 8.03 -2.69
N PHE A 102 11.44 7.34 -2.61
CA PHE A 102 11.88 6.76 -1.32
C PHE A 102 12.69 7.80 -0.53
N ASP A 103 12.31 8.06 0.68
CA ASP A 103 13.06 9.06 1.49
C ASP A 103 14.43 8.50 1.88
N ARG A 104 15.44 9.32 1.85
CA ARG A 104 16.81 8.83 2.21
C ARG A 104 17.28 9.52 3.49
N ILE A 105 18.29 9.00 4.12
CA ILE A 105 18.82 9.64 5.37
C ILE A 105 17.76 9.53 6.48
N THR A 106 16.61 10.12 6.28
CA THR A 106 15.56 10.06 7.32
C THR A 106 14.71 8.80 7.12
N THR A 107 15.23 7.82 6.43
CA THR A 107 14.46 6.57 6.21
C THR A 107 14.03 5.98 7.56
N GLN A 108 14.67 6.40 8.62
CA GLN A 108 14.29 5.87 9.97
C GLN A 108 12.76 5.84 10.08
N THR A 109 12.09 6.74 9.45
CA THR A 109 10.60 6.76 9.54
C THR A 109 10.04 5.49 8.91
N ALA A 110 10.63 5.03 7.84
CA ALA A 110 10.13 3.78 7.18
C ALA A 110 10.30 2.60 8.14
N LYS A 111 11.24 2.68 9.03
CA LYS A 111 11.47 1.55 9.98
C LYS A 111 10.31 1.49 10.98
N GLN A 112 9.72 2.61 11.28
CA GLN A 112 8.57 2.62 12.24
C GLN A 112 7.43 1.76 11.70
N VAL A 113 7.13 1.90 10.44
CA VAL A 113 6.02 1.09 9.85
C VAL A 113 6.43 -0.39 9.83
N ILE A 114 7.69 -0.67 9.70
CA ILE A 114 8.15 -2.09 9.67
C ILE A 114 7.86 -2.73 11.03
N VAL A 115 8.07 -2.02 12.10
CA VAL A 115 7.81 -2.61 13.44
C VAL A 115 6.30 -2.83 13.62
N GLN A 116 5.49 -1.92 13.16
CA GLN A 116 4.02 -2.09 13.30
C GLN A 116 3.57 -3.32 12.52
N LYS A 117 4.10 -3.53 11.36
CA LYS A 117 3.70 -4.71 10.54
C LYS A 117 4.09 -5.99 11.29
N VAL A 118 5.28 -6.04 11.83
CA VAL A 118 5.71 -7.26 12.56
C VAL A 118 4.98 -7.33 13.90
N ARG A 119 4.66 -6.21 14.48
CA ARG A 119 3.96 -6.22 15.79
C ARG A 119 2.57 -6.85 15.62
N GLU A 120 1.99 -6.72 14.46
CA GLU A 120 0.63 -7.29 14.23
C GLU A 120 0.72 -8.82 14.30
N ALA A 121 1.85 -9.38 13.94
CA ALA A 121 1.99 -10.86 13.99
C ALA A 121 1.91 -11.34 15.45
N GLU A 122 2.41 -10.55 16.37
CA GLU A 122 2.36 -10.95 17.80
C GLU A 122 0.91 -10.89 18.30
N ARG A 123 0.12 -10.02 17.73
CA ARG A 123 -1.30 -9.91 18.18
C ARG A 123 -1.96 -11.29 18.10
N ALA A 124 -1.74 -12.01 17.02
CA ALA A 124 -2.34 -13.36 16.88
C ALA A 124 -1.29 -14.43 17.19
N MET A 125 -1.66 -15.46 17.90
CA MET A 125 -0.68 -16.54 18.23
C MET A 125 -0.27 -17.25 16.95
N LEU A 126 -1.20 -17.44 16.04
CA LEU A 126 -0.86 -18.14 14.77
C LEU A 126 -0.66 -17.12 13.65
N VAL A 127 0.32 -17.30 12.82
CA VAL A 127 0.57 -16.34 11.72
C VAL A 127 -0.68 -16.23 10.84
N PRO A 128 -1.19 -15.01 10.67
CA PRO A 128 -2.40 -14.77 9.85
C PRO A 128 -2.12 -14.95 8.36
N ARG A 129 -3.09 -15.42 7.62
CA ARG A 129 -2.88 -15.62 6.16
C ARG A 129 -3.22 -14.34 5.41
N MET A 1 12.76 1.55 -9.32
CA MET A 1 14.13 0.99 -9.55
C MET A 1 15.07 1.49 -8.46
N ASN A 2 14.67 1.39 -7.22
CA ASN A 2 15.55 1.86 -6.12
C ASN A 2 16.22 0.66 -5.45
N LYS A 3 17.44 0.38 -5.79
CA LYS A 3 18.14 -0.79 -5.17
C LYS A 3 18.27 -0.57 -3.66
N GLU A 4 18.28 0.66 -3.23
CA GLU A 4 18.41 0.93 -1.77
C GLU A 4 17.21 0.33 -1.04
N ILE A 5 16.04 0.43 -1.61
CA ILE A 5 14.83 -0.14 -0.95
C ILE A 5 15.07 -1.61 -0.62
N LEU A 6 15.59 -2.36 -1.56
CA LEU A 6 15.85 -3.80 -1.31
C LEU A 6 16.91 -3.95 -0.21
N ALA A 7 17.82 -3.02 -0.13
CA ALA A 7 18.88 -3.10 0.92
C ALA A 7 18.24 -2.98 2.31
N VAL A 8 17.36 -2.02 2.48
CA VAL A 8 16.70 -1.85 3.80
C VAL A 8 15.86 -3.08 4.12
N VAL A 9 15.28 -3.70 3.14
CA VAL A 9 14.45 -4.91 3.39
C VAL A 9 15.34 -6.06 3.85
N GLU A 10 16.57 -6.09 3.39
CA GLU A 10 17.49 -7.19 3.79
C GLU A 10 17.80 -7.07 5.29
N ALA A 11 17.83 -5.88 5.81
CA ALA A 11 18.13 -5.70 7.26
C ALA A 11 16.95 -6.20 8.09
N VAL A 12 15.75 -6.03 7.61
CA VAL A 12 14.56 -6.50 8.38
C VAL A 12 14.36 -7.99 8.13
N SER A 13 14.85 -8.50 7.03
CA SER A 13 14.68 -9.95 6.74
C SER A 13 15.60 -10.76 7.64
N ASN A 14 16.85 -10.41 7.70
CA ASN A 14 17.81 -11.18 8.56
C ASN A 14 17.62 -10.75 10.02
N GLU A 15 17.36 -9.50 10.26
CA GLU A 15 17.18 -9.03 11.66
C GLU A 15 15.96 -9.72 12.28
N LYS A 16 14.87 -9.77 11.55
CA LYS A 16 13.64 -10.43 12.10
C LYS A 16 13.53 -11.84 11.52
N ALA A 17 14.49 -12.26 10.73
CA ALA A 17 14.42 -13.61 10.15
C ALA A 17 13.17 -13.75 9.29
N LEU A 18 12.54 -12.64 8.96
CA LEU A 18 11.30 -12.70 8.13
C LEU A 18 11.69 -12.69 6.65
N PRO A 19 10.78 -13.18 5.79
CA PRO A 19 11.02 -13.23 4.34
C PRO A 19 11.02 -11.84 3.71
N ARG A 20 11.92 -11.58 2.81
CA ARG A 20 11.97 -10.24 2.16
C ARG A 20 10.60 -9.93 1.55
N GLU A 21 10.00 -10.88 0.90
CA GLU A 21 8.67 -10.64 0.27
C GLU A 21 7.72 -10.05 1.33
N LYS A 22 7.48 -10.78 2.39
CA LYS A 22 6.56 -10.26 3.44
C LYS A 22 6.91 -8.81 3.75
N ILE A 23 8.16 -8.53 4.04
CA ILE A 23 8.57 -7.14 4.34
C ILE A 23 8.01 -6.21 3.26
N PHE A 24 8.21 -6.55 2.01
CA PHE A 24 7.69 -5.69 0.92
C PHE A 24 6.21 -5.44 1.14
N GLU A 25 5.52 -6.39 1.70
CA GLU A 25 4.06 -6.19 1.96
C GLU A 25 3.89 -5.06 2.98
N ALA A 26 4.66 -5.07 4.02
CA ALA A 26 4.55 -3.99 5.05
C ALA A 26 4.98 -2.67 4.42
N LEU A 27 6.09 -2.66 3.73
CA LEU A 27 6.56 -1.40 3.10
C LEU A 27 5.44 -0.83 2.23
N GLU A 28 4.81 -1.66 1.44
CA GLU A 28 3.70 -1.16 0.57
C GLU A 28 2.60 -0.56 1.45
N SER A 29 2.31 -1.18 2.56
CA SER A 29 1.26 -0.63 3.46
C SER A 29 1.71 0.72 4.02
N ALA A 30 2.98 0.86 4.29
CA ALA A 30 3.48 2.15 4.83
C ALA A 30 3.42 3.22 3.74
N LEU A 31 3.83 2.89 2.54
CA LEU A 31 3.80 3.89 1.44
C LEU A 31 2.34 4.28 1.17
N ALA A 32 1.45 3.34 1.14
CA ALA A 32 0.02 3.65 0.88
C ALA A 32 -0.52 4.50 2.03
N THR A 33 -0.32 4.07 3.25
CA THR A 33 -0.82 4.86 4.42
C THR A 33 -0.32 6.30 4.30
N ALA A 34 0.93 6.49 3.95
CA ALA A 34 1.47 7.87 3.82
C ALA A 34 0.93 8.51 2.54
N THR A 35 0.90 7.76 1.47
CA THR A 35 0.38 8.32 0.19
C THR A 35 -0.99 8.97 0.44
N LYS A 36 -1.85 8.29 1.13
CA LYS A 36 -3.20 8.86 1.41
C LYS A 36 -3.05 10.14 2.22
N LYS A 37 -2.04 10.23 3.05
CA LYS A 37 -1.84 11.45 3.86
C LYS A 37 -1.70 12.67 2.93
N LYS A 38 -1.08 12.49 1.80
CA LYS A 38 -0.91 13.62 0.86
C LYS A 38 -2.28 14.14 0.44
N TYR A 39 -3.20 13.25 0.14
CA TYR A 39 -4.55 13.69 -0.28
C TYR A 39 -5.32 14.20 0.95
N GLU A 40 -5.09 13.62 2.09
CA GLU A 40 -5.81 14.07 3.32
C GLU A 40 -7.31 13.84 3.15
N GLN A 41 -7.69 13.04 2.19
CA GLN A 41 -9.14 12.77 1.97
C GLN A 41 -9.45 11.32 2.36
N GLU A 42 -8.62 10.73 3.18
CA GLU A 42 -8.87 9.32 3.60
C GLU A 42 -9.27 8.49 2.37
N ILE A 43 -8.47 8.50 1.35
CA ILE A 43 -8.80 7.72 0.12
C ILE A 43 -8.11 6.36 0.18
N ASP A 44 -8.67 5.39 -0.49
CA ASP A 44 -8.03 4.03 -0.49
C ASP A 44 -6.89 4.02 -1.49
N VAL A 45 -5.70 3.69 -1.05
CA VAL A 45 -4.54 3.67 -1.99
C VAL A 45 -3.77 2.35 -1.84
N ARG A 46 -3.31 1.81 -2.93
CA ARG A 46 -2.54 0.54 -2.86
C ARG A 46 -1.23 0.71 -3.62
N VAL A 47 -0.13 0.28 -3.04
CA VAL A 47 1.18 0.43 -3.74
C VAL A 47 1.81 -0.94 -3.98
N GLN A 48 2.32 -1.17 -5.16
CA GLN A 48 2.96 -2.48 -5.45
C GLN A 48 4.47 -2.26 -5.64
N ILE A 49 5.28 -3.14 -5.11
CA ILE A 49 6.75 -2.96 -5.25
C ILE A 49 7.32 -4.11 -6.09
N ASP A 50 8.31 -3.83 -6.90
CA ASP A 50 8.92 -4.90 -7.72
C ASP A 50 10.27 -5.28 -7.13
N ARG A 51 10.32 -6.38 -6.41
CA ARG A 51 11.59 -6.80 -5.78
C ARG A 51 12.61 -7.18 -6.87
N LYS A 52 12.14 -7.60 -8.01
CA LYS A 52 13.08 -7.98 -9.10
C LYS A 52 14.07 -6.84 -9.35
N SER A 53 13.65 -5.62 -9.17
CA SER A 53 14.57 -4.48 -9.41
C SER A 53 14.43 -3.44 -8.30
N GLY A 54 13.28 -3.34 -7.69
CA GLY A 54 13.09 -2.33 -6.61
C GLY A 54 12.19 -1.22 -7.16
N ASP A 55 11.33 -1.56 -8.07
CA ASP A 55 10.42 -0.53 -8.66
C ASP A 55 9.02 -0.72 -8.09
N PHE A 56 8.48 0.28 -7.46
CA PHE A 56 7.12 0.14 -6.89
C PHE A 56 6.18 1.20 -7.48
N ASP A 57 4.92 0.92 -7.55
CA ASP A 57 3.95 1.91 -8.12
C ASP A 57 2.81 2.13 -7.13
N THR A 58 2.21 3.29 -7.15
CA THR A 58 1.09 3.56 -6.22
C THR A 58 -0.22 3.64 -7.00
N PHE A 59 -1.26 3.02 -6.52
CA PHE A 59 -2.57 3.05 -7.23
C PHE A 59 -3.69 3.41 -6.26
N ARG A 60 -4.75 3.99 -6.76
CA ARG A 60 -5.88 4.37 -5.86
C ARG A 60 -6.94 3.27 -5.89
N ARG A 61 -7.81 3.24 -4.92
CA ARG A 61 -8.86 2.18 -4.88
C ARG A 61 -10.24 2.84 -4.71
N TRP A 62 -11.23 2.35 -5.39
CA TRP A 62 -12.60 2.93 -5.25
C TRP A 62 -13.63 1.81 -5.21
N LEU A 63 -14.76 2.06 -4.62
CA LEU A 63 -15.83 1.03 -4.55
C LEU A 63 -17.04 1.48 -5.36
N VAL A 64 -17.70 0.57 -6.02
CA VAL A 64 -18.90 0.96 -6.83
C VAL A 64 -20.09 1.19 -5.90
N VAL A 65 -20.63 2.37 -5.89
CA VAL A 65 -21.80 2.66 -5.01
C VAL A 65 -22.95 3.22 -5.83
N ASP A 66 -24.15 2.79 -5.58
CA ASP A 66 -25.31 3.33 -6.33
C ASP A 66 -25.40 4.84 -6.07
N GLU A 67 -24.74 5.30 -5.04
CA GLU A 67 -24.79 6.76 -4.72
C GLU A 67 -23.60 7.11 -3.82
N VAL A 68 -22.39 6.93 -4.30
CA VAL A 68 -21.19 7.26 -3.48
C VAL A 68 -21.43 8.56 -2.70
N THR A 69 -21.44 8.48 -1.39
CA THR A 69 -21.65 9.70 -0.57
C THR A 69 -20.33 10.47 -0.47
N GLN A 70 -19.24 9.83 -0.79
CA GLN A 70 -17.92 10.52 -0.71
C GLN A 70 -16.96 9.88 -1.71
N PRO A 71 -16.68 10.59 -2.81
CA PRO A 71 -15.77 10.10 -3.86
C PRO A 71 -14.32 10.06 -3.39
N THR A 72 -14.06 10.45 -2.17
CA THR A 72 -12.66 10.43 -1.66
C THR A 72 -12.16 8.99 -1.60
N LYS A 73 -13.03 8.05 -1.40
CA LYS A 73 -12.60 6.63 -1.33
C LYS A 73 -13.69 5.72 -1.91
N GLU A 74 -14.63 6.30 -2.62
CA GLU A 74 -15.71 5.47 -3.22
C GLU A 74 -16.02 5.97 -4.63
N ILE A 75 -16.47 5.11 -5.49
CA ILE A 75 -16.79 5.55 -6.88
C ILE A 75 -18.27 5.32 -7.15
N THR A 76 -18.97 6.33 -7.62
CA THR A 76 -20.42 6.16 -7.89
C THR A 76 -20.63 5.03 -8.90
N LEU A 77 -21.77 4.40 -8.87
CA LEU A 77 -22.04 3.28 -9.82
C LEU A 77 -21.84 3.78 -11.25
N GLU A 78 -22.52 4.83 -11.63
CA GLU A 78 -22.37 5.36 -13.01
C GLU A 78 -20.89 5.58 -13.30
N ALA A 79 -20.18 6.24 -12.41
CA ALA A 79 -18.74 6.48 -12.64
C ALA A 79 -18.03 5.13 -12.84
N ALA A 80 -18.42 4.13 -12.11
CA ALA A 80 -17.76 2.80 -12.27
C ALA A 80 -17.92 2.32 -13.71
N ARG A 81 -19.07 2.53 -14.29
CA ARG A 81 -19.29 2.10 -15.69
C ARG A 81 -18.37 2.90 -16.62
N TYR A 82 -18.26 4.19 -16.39
CA TYR A 82 -17.39 5.03 -17.26
C TYR A 82 -15.95 4.53 -17.15
N GLU A 83 -15.53 4.14 -15.98
CA GLU A 83 -14.13 3.65 -15.81
C GLU A 83 -14.04 2.21 -16.30
N ASP A 84 -15.08 1.45 -16.11
CA ASP A 84 -15.06 0.03 -16.57
C ASP A 84 -16.47 -0.56 -16.48
N GLU A 85 -17.14 -0.66 -17.59
CA GLU A 85 -18.52 -1.23 -17.56
C GLU A 85 -18.51 -2.57 -16.83
N SER A 86 -17.38 -3.22 -16.76
CA SER A 86 -17.30 -4.52 -16.06
C SER A 86 -17.47 -4.30 -14.56
N LEU A 87 -17.44 -3.08 -14.11
CA LEU A 87 -17.61 -2.80 -12.66
C LEU A 87 -19.09 -2.85 -12.30
N ASN A 88 -19.41 -3.35 -11.13
CA ASN A 88 -20.84 -3.43 -10.73
C ASN A 88 -20.99 -2.90 -9.30
N LEU A 89 -22.20 -2.83 -8.81
CA LEU A 89 -22.41 -2.33 -7.43
C LEU A 89 -21.68 -3.23 -6.43
N GLY A 90 -20.87 -2.66 -5.58
CA GLY A 90 -20.12 -3.49 -4.59
C GLY A 90 -18.78 -3.93 -5.18
N ASP A 91 -18.47 -3.46 -6.36
CA ASP A 91 -17.17 -3.84 -6.98
C ASP A 91 -16.11 -2.79 -6.63
N TYR A 92 -14.85 -3.13 -6.79
CA TYR A 92 -13.77 -2.15 -6.47
C TYR A 92 -13.05 -1.74 -7.75
N VAL A 93 -12.59 -0.52 -7.82
CA VAL A 93 -11.88 -0.06 -9.04
C VAL A 93 -10.43 0.26 -8.70
N GLU A 94 -9.54 0.12 -9.65
CA GLU A 94 -8.11 0.42 -9.38
C GLU A 94 -7.68 1.60 -10.24
N ASP A 95 -6.77 2.41 -9.75
CA ASP A 95 -6.32 3.58 -10.54
C ASP A 95 -4.85 3.89 -10.21
N GLN A 96 -4.13 4.48 -11.12
CA GLN A 96 -2.70 4.80 -10.86
C GLN A 96 -2.58 6.26 -10.44
N ILE A 97 -1.90 6.53 -9.36
CA ILE A 97 -1.74 7.94 -8.90
C ILE A 97 -0.25 8.26 -8.76
N GLU A 98 0.09 9.51 -8.64
CA GLU A 98 1.52 9.89 -8.48
C GLU A 98 2.14 9.11 -7.32
N SER A 99 3.40 8.80 -7.41
CA SER A 99 4.06 8.04 -6.31
C SER A 99 5.14 8.92 -5.65
N VAL A 100 5.52 8.60 -4.44
CA VAL A 100 6.55 9.41 -3.75
C VAL A 100 7.90 8.70 -3.85
N THR A 101 8.93 9.43 -4.16
CA THR A 101 10.29 8.80 -4.29
C THR A 101 10.75 8.31 -2.91
N PHE A 102 11.49 7.24 -2.87
CA PHE A 102 11.97 6.71 -1.57
C PHE A 102 12.96 7.71 -0.95
N ASP A 103 13.75 8.35 -1.76
CA ASP A 103 14.73 9.34 -1.23
C ASP A 103 13.98 10.43 -0.48
N ARG A 104 12.76 10.70 -0.86
CA ARG A 104 11.98 11.76 -0.17
C ARG A 104 11.77 11.36 1.30
N ILE A 105 11.68 10.08 1.56
CA ILE A 105 11.47 9.63 2.97
C ILE A 105 12.76 9.00 3.49
N THR A 106 13.13 9.32 4.71
CA THR A 106 14.37 8.73 5.28
C THR A 106 14.15 7.26 5.61
N THR A 107 15.13 6.43 5.38
CA THR A 107 14.97 4.98 5.68
C THR A 107 14.71 4.80 7.18
N GLN A 108 15.31 5.61 8.00
CA GLN A 108 15.10 5.47 9.47
C GLN A 108 13.60 5.54 9.78
N THR A 109 12.89 6.43 9.14
CA THR A 109 11.43 6.53 9.39
C THR A 109 10.73 5.27 8.90
N ALA A 110 11.16 4.74 7.78
CA ALA A 110 10.51 3.50 7.25
C ALA A 110 10.75 2.34 8.21
N LYS A 111 11.93 2.22 8.74
CA LYS A 111 12.22 1.11 9.69
C LYS A 111 11.29 1.22 10.89
N GLN A 112 11.00 2.41 11.33
CA GLN A 112 10.09 2.59 12.50
C GLN A 112 8.76 1.88 12.22
N VAL A 113 8.26 2.01 11.03
CA VAL A 113 6.96 1.36 10.69
C VAL A 113 7.14 -0.16 10.70
N ILE A 114 8.25 -0.64 10.20
CA ILE A 114 8.48 -2.11 10.17
C ILE A 114 8.47 -2.66 11.60
N VAL A 115 9.06 -1.93 12.51
CA VAL A 115 9.09 -2.41 13.93
C VAL A 115 7.67 -2.41 14.50
N GLN A 116 6.91 -1.38 14.24
CA GLN A 116 5.52 -1.33 14.77
C GLN A 116 4.70 -2.47 14.14
N LYS A 117 4.83 -2.66 12.86
CA LYS A 117 4.05 -3.75 12.20
C LYS A 117 4.48 -5.10 12.76
N VAL A 118 5.76 -5.28 12.99
CA VAL A 118 6.25 -6.58 13.54
C VAL A 118 5.79 -6.71 14.99
N ARG A 119 5.96 -5.67 15.77
CA ARG A 119 5.53 -5.74 17.21
C ARG A 119 4.03 -6.01 17.27
N GLU A 120 3.27 -5.39 16.42
CA GLU A 120 1.79 -5.62 16.44
C GLU A 120 1.48 -7.05 16.00
N ALA A 121 2.33 -7.62 15.18
CA ALA A 121 2.08 -9.01 14.72
C ALA A 121 1.97 -9.95 15.92
N GLU A 122 2.67 -9.64 16.98
CA GLU A 122 2.61 -10.51 18.19
C GLU A 122 1.15 -10.74 18.59
N ARG A 123 0.32 -9.74 18.44
CA ARG A 123 -1.11 -9.91 18.82
C ARG A 123 -1.73 -11.02 17.97
N ALA A 124 -1.31 -11.16 16.74
CA ALA A 124 -1.87 -12.23 15.87
C ALA A 124 -1.53 -13.60 16.45
N MET A 125 -2.36 -14.58 16.23
CA MET A 125 -2.07 -15.93 16.78
C MET A 125 -1.88 -16.92 15.63
N LEU A 126 -1.35 -18.08 15.90
CA LEU A 126 -1.14 -19.08 14.81
C LEU A 126 -2.49 -19.42 14.17
N VAL A 127 -3.53 -19.47 14.94
CA VAL A 127 -4.87 -19.79 14.37
C VAL A 127 -5.85 -18.67 14.70
N PRO A 128 -5.79 -17.56 13.95
CA PRO A 128 -6.67 -16.41 14.15
C PRO A 128 -8.12 -16.73 13.77
N ARG A 129 -8.33 -17.74 12.98
CA ARG A 129 -9.71 -18.11 12.57
C ARG A 129 -10.12 -19.42 13.24
N MET A 1 12.80 0.51 -9.87
CA MET A 1 14.12 -0.18 -9.69
C MET A 1 14.96 0.59 -8.65
N ASN A 2 14.47 0.68 -7.44
CA ASN A 2 15.23 1.42 -6.40
C ASN A 2 16.02 0.42 -5.56
N LYS A 3 17.31 0.33 -5.77
CA LYS A 3 18.14 -0.62 -4.97
C LYS A 3 18.08 -0.24 -3.49
N GLU A 4 17.85 1.00 -3.20
CA GLU A 4 17.79 1.43 -1.77
C GLU A 4 16.65 0.70 -1.07
N ILE A 5 15.51 0.61 -1.70
CA ILE A 5 14.35 -0.09 -1.07
C ILE A 5 14.67 -1.59 -0.95
N LEU A 6 15.33 -2.14 -1.93
CA LEU A 6 15.67 -3.59 -1.87
C LEU A 6 16.73 -3.83 -0.79
N ALA A 7 17.59 -2.87 -0.57
CA ALA A 7 18.65 -3.04 0.46
C ALA A 7 18.02 -3.00 1.85
N VAL A 8 17.12 -2.07 2.07
CA VAL A 8 16.48 -1.97 3.42
C VAL A 8 15.68 -3.26 3.70
N VAL A 9 15.20 -3.90 2.68
CA VAL A 9 14.42 -5.15 2.89
C VAL A 9 15.35 -6.25 3.43
N GLU A 10 16.55 -6.32 2.93
CA GLU A 10 17.49 -7.36 3.42
C GLU A 10 17.98 -6.99 4.82
N ALA A 11 18.09 -5.73 5.10
CA ALA A 11 18.56 -5.30 6.46
C ALA A 11 17.50 -5.68 7.50
N VAL A 12 16.24 -5.57 7.15
CA VAL A 12 15.17 -5.92 8.13
C VAL A 12 15.09 -7.45 8.27
N SER A 13 15.30 -8.16 7.20
CA SER A 13 15.23 -9.65 7.27
C SER A 13 16.44 -10.18 8.04
N ASN A 14 17.52 -9.45 8.03
CA ASN A 14 18.74 -9.92 8.75
C ASN A 14 18.59 -9.65 10.25
N GLU A 15 17.98 -8.55 10.61
CA GLU A 15 17.79 -8.23 12.05
C GLU A 15 16.68 -9.10 12.64
N LYS A 16 15.60 -9.27 11.93
CA LYS A 16 14.48 -10.09 12.45
C LYS A 16 14.50 -11.47 11.78
N ALA A 17 15.52 -11.77 11.04
CA ALA A 17 15.59 -13.10 10.37
C ALA A 17 14.24 -13.39 9.70
N LEU A 18 13.50 -12.37 9.36
CA LEU A 18 12.18 -12.58 8.71
C LEU A 18 12.37 -12.67 7.20
N PRO A 19 11.38 -13.23 6.49
CA PRO A 19 11.42 -13.38 5.03
C PRO A 19 11.33 -12.03 4.31
N ARG A 20 12.09 -11.83 3.28
CA ARG A 20 12.05 -10.54 2.54
C ARG A 20 10.60 -10.24 2.12
N GLU A 21 9.90 -11.23 1.65
CA GLU A 21 8.48 -10.99 1.22
C GLU A 21 7.73 -10.29 2.35
N LYS A 22 7.69 -10.86 3.51
CA LYS A 22 6.97 -10.22 4.64
C LYS A 22 7.36 -8.74 4.73
N ILE A 23 8.63 -8.45 4.76
CA ILE A 23 9.08 -7.04 4.84
C ILE A 23 8.35 -6.21 3.77
N PHE A 24 8.35 -6.68 2.55
CA PHE A 24 7.66 -5.94 1.47
C PHE A 24 6.21 -5.66 1.88
N GLU A 25 5.61 -6.57 2.60
CA GLU A 25 4.20 -6.36 3.04
C GLU A 25 4.12 -5.08 3.89
N ALA A 26 5.02 -4.92 4.82
CA ALA A 26 4.99 -3.71 5.68
C ALA A 26 5.33 -2.48 4.84
N LEU A 27 6.32 -2.59 4.00
CA LEU A 27 6.71 -1.43 3.14
C LEU A 27 5.50 -0.98 2.32
N GLU A 28 4.82 -1.90 1.70
CA GLU A 28 3.63 -1.53 0.88
C GLU A 28 2.59 -0.86 1.78
N SER A 29 2.39 -1.38 2.96
CA SER A 29 1.38 -0.76 3.88
C SER A 29 1.86 0.61 4.32
N ALA A 30 3.15 0.80 4.43
CA ALA A 30 3.68 2.12 4.87
C ALA A 30 3.53 3.14 3.73
N LEU A 31 3.83 2.73 2.52
CA LEU A 31 3.70 3.67 1.37
C LEU A 31 2.22 3.98 1.12
N ALA A 32 1.39 2.99 1.09
CA ALA A 32 -0.07 3.23 0.86
C ALA A 32 -0.63 4.07 2.00
N THR A 33 -0.32 3.72 3.22
CA THR A 33 -0.85 4.51 4.38
C THR A 33 -0.28 5.93 4.33
N ALA A 34 0.98 6.06 4.03
CA ALA A 34 1.59 7.43 3.98
C ALA A 34 1.12 8.14 2.71
N THR A 35 0.85 7.40 1.66
CA THR A 35 0.38 8.04 0.40
C THR A 35 -1.00 8.67 0.61
N LYS A 36 -1.94 7.91 1.11
CA LYS A 36 -3.30 8.45 1.34
C LYS A 36 -3.22 9.66 2.28
N LYS A 37 -2.26 9.67 3.16
CA LYS A 37 -2.13 10.81 4.10
C LYS A 37 -1.95 12.10 3.31
N LYS A 38 -1.25 12.05 2.21
CA LYS A 38 -1.03 13.28 1.40
C LYS A 38 -2.40 13.87 1.01
N TYR A 39 -3.32 13.05 0.61
CA TYR A 39 -4.66 13.57 0.21
C TYR A 39 -5.41 14.06 1.45
N GLU A 40 -5.20 13.42 2.57
CA GLU A 40 -5.90 13.84 3.82
C GLU A 40 -7.41 13.70 3.62
N GLN A 41 -7.83 12.98 2.61
CA GLN A 41 -9.29 12.80 2.38
C GLN A 41 -9.69 11.37 2.74
N GLU A 42 -8.90 10.71 3.55
CA GLU A 42 -9.24 9.30 3.94
C GLU A 42 -9.56 8.50 2.68
N ILE A 43 -8.69 8.52 1.71
CA ILE A 43 -8.96 7.75 0.46
C ILE A 43 -8.24 6.40 0.52
N ASP A 44 -8.76 5.42 -0.18
CA ASP A 44 -8.10 4.08 -0.16
C ASP A 44 -7.00 4.03 -1.22
N VAL A 45 -5.78 3.83 -0.81
CA VAL A 45 -4.66 3.77 -1.79
C VAL A 45 -3.96 2.42 -1.71
N ARG A 46 -3.69 1.81 -2.84
CA ARG A 46 -3.00 0.49 -2.82
C ARG A 46 -1.62 0.64 -3.48
N VAL A 47 -0.58 0.25 -2.78
CA VAL A 47 0.78 0.37 -3.38
C VAL A 47 1.36 -1.03 -3.62
N GLN A 48 1.89 -1.28 -4.78
CA GLN A 48 2.47 -2.61 -5.08
C GLN A 48 3.97 -2.45 -5.38
N ILE A 49 4.80 -3.32 -4.86
CA ILE A 49 6.25 -3.21 -5.11
C ILE A 49 6.77 -4.50 -5.76
N ASP A 50 7.78 -4.40 -6.58
CA ASP A 50 8.33 -5.62 -7.23
C ASP A 50 9.66 -5.97 -6.58
N ARG A 51 9.77 -7.16 -6.04
CA ARG A 51 11.05 -7.56 -5.39
C ARG A 51 12.03 -8.07 -6.44
N LYS A 52 11.53 -8.74 -7.45
CA LYS A 52 12.43 -9.26 -8.52
C LYS A 52 13.23 -8.10 -9.13
N SER A 53 12.68 -6.92 -9.12
CA SER A 53 13.41 -5.75 -9.69
C SER A 53 13.51 -4.64 -8.66
N GLY A 54 12.52 -4.50 -7.83
CA GLY A 54 12.55 -3.42 -6.80
C GLY A 54 11.82 -2.20 -7.32
N ASP A 55 10.63 -2.39 -7.86
CA ASP A 55 9.87 -1.23 -8.39
C ASP A 55 8.73 -0.88 -7.42
N PHE A 56 8.68 0.35 -6.99
CA PHE A 56 7.60 0.77 -6.05
C PHE A 56 6.58 1.62 -6.81
N ASP A 57 5.33 1.21 -6.81
CA ASP A 57 4.28 1.99 -7.52
C ASP A 57 3.12 2.26 -6.58
N THR A 58 2.39 3.32 -6.81
CA THR A 58 1.22 3.64 -5.93
C THR A 58 -0.06 3.67 -6.76
N PHE A 59 -1.08 3.00 -6.32
CA PHE A 59 -2.36 3.00 -7.09
C PHE A 59 -3.53 3.31 -6.14
N ARG A 60 -4.58 3.88 -6.65
CA ARG A 60 -5.76 4.21 -5.79
C ARG A 60 -6.91 3.28 -6.15
N ARG A 61 -7.78 2.99 -5.22
CA ARG A 61 -8.93 2.10 -5.54
C ARG A 61 -10.24 2.74 -5.10
N TRP A 62 -11.33 2.39 -5.74
CA TRP A 62 -12.65 2.99 -5.37
C TRP A 62 -13.72 1.89 -5.36
N LEU A 63 -14.77 2.07 -4.62
CA LEU A 63 -15.84 1.04 -4.58
C LEU A 63 -17.05 1.53 -5.39
N VAL A 64 -17.54 0.71 -6.28
CA VAL A 64 -18.71 1.12 -7.11
C VAL A 64 -19.94 1.31 -6.22
N VAL A 65 -20.47 2.50 -6.20
CA VAL A 65 -21.67 2.78 -5.36
C VAL A 65 -22.75 3.42 -6.23
N ASP A 66 -23.98 3.32 -5.83
CA ASP A 66 -25.08 3.92 -6.65
C ASP A 66 -25.37 5.35 -6.18
N GLU A 67 -25.18 5.62 -4.92
CA GLU A 67 -25.44 6.99 -4.41
C GLU A 67 -24.20 7.54 -3.71
N VAL A 68 -23.04 7.07 -4.09
CA VAL A 68 -21.73 7.52 -3.49
C VAL A 68 -21.94 8.46 -2.31
N THR A 69 -21.59 8.05 -1.12
CA THR A 69 -21.75 8.92 0.06
C THR A 69 -20.42 9.62 0.35
N GLN A 70 -19.35 9.13 -0.23
CA GLN A 70 -18.02 9.76 0.00
C GLN A 70 -17.13 9.50 -1.22
N PRO A 71 -16.92 10.54 -2.05
CA PRO A 71 -16.09 10.44 -3.25
C PRO A 71 -14.61 10.26 -2.92
N THR A 72 -14.27 10.29 -1.65
CA THR A 72 -12.84 10.12 -1.26
C THR A 72 -12.47 8.63 -1.32
N LYS A 73 -13.46 7.77 -1.24
CA LYS A 73 -13.17 6.31 -1.28
C LYS A 73 -14.32 5.59 -1.98
N GLU A 74 -15.16 6.31 -2.66
CA GLU A 74 -16.31 5.67 -3.35
C GLU A 74 -16.44 6.25 -4.76
N ILE A 75 -16.86 5.45 -5.70
CA ILE A 75 -17.02 5.96 -7.10
C ILE A 75 -18.46 5.74 -7.55
N THR A 76 -19.09 6.76 -8.09
CA THR A 76 -20.50 6.59 -8.54
C THR A 76 -20.57 5.45 -9.55
N LEU A 77 -21.65 4.72 -9.56
CA LEU A 77 -21.78 3.59 -10.53
C LEU A 77 -21.55 4.11 -11.96
N GLU A 78 -22.20 5.18 -12.31
CA GLU A 78 -22.04 5.74 -13.68
C GLU A 78 -20.55 5.97 -13.96
N ALA A 79 -19.85 6.62 -13.08
CA ALA A 79 -18.40 6.86 -13.30
C ALA A 79 -17.68 5.53 -13.49
N ALA A 80 -18.03 4.54 -12.72
CA ALA A 80 -17.37 3.21 -12.86
C ALA A 80 -17.58 2.68 -14.28
N ARG A 81 -18.75 2.89 -14.83
CA ARG A 81 -19.02 2.40 -16.21
C ARG A 81 -18.12 3.14 -17.19
N TYR A 82 -17.98 4.43 -17.05
CA TYR A 82 -17.11 5.21 -17.97
C TYR A 82 -15.69 4.63 -17.94
N GLU A 83 -15.16 4.40 -16.76
CA GLU A 83 -13.79 3.84 -16.66
C GLU A 83 -13.81 2.38 -17.11
N ASP A 84 -14.91 1.71 -16.91
CA ASP A 84 -15.00 0.28 -17.32
C ASP A 84 -16.44 -0.20 -17.19
N GLU A 85 -17.17 -0.22 -18.26
CA GLU A 85 -18.59 -0.69 -18.18
C GLU A 85 -18.65 -2.04 -17.49
N SER A 86 -17.57 -2.77 -17.49
CA SER A 86 -17.55 -4.10 -16.81
C SER A 86 -17.68 -3.92 -15.30
N LEU A 87 -17.59 -2.70 -14.84
CA LEU A 87 -17.71 -2.45 -13.37
C LEU A 87 -19.20 -2.31 -12.99
N ASN A 88 -19.56 -2.76 -11.83
CA ASN A 88 -20.98 -2.65 -11.40
C ASN A 88 -21.04 -2.33 -9.90
N LEU A 89 -22.21 -2.37 -9.33
CA LEU A 89 -22.33 -2.05 -7.88
C LEU A 89 -21.70 -3.18 -7.06
N GLY A 90 -20.68 -2.88 -6.31
CA GLY A 90 -20.02 -3.93 -5.48
C GLY A 90 -18.63 -4.23 -6.05
N ASP A 91 -18.24 -3.56 -7.10
CA ASP A 91 -16.90 -3.81 -7.69
C ASP A 91 -15.94 -2.69 -7.26
N TYR A 92 -14.66 -2.92 -7.37
CA TYR A 92 -13.68 -1.88 -6.97
C TYR A 92 -13.00 -1.31 -8.21
N VAL A 93 -12.79 -0.02 -8.25
CA VAL A 93 -12.14 0.59 -9.44
C VAL A 93 -10.66 0.81 -9.14
N GLU A 94 -9.81 0.49 -10.08
CA GLU A 94 -8.34 0.69 -9.85
C GLU A 94 -7.85 1.89 -10.65
N ASP A 95 -6.82 2.55 -10.19
CA ASP A 95 -6.30 3.73 -10.94
C ASP A 95 -4.87 4.02 -10.48
N GLN A 96 -4.06 4.56 -11.35
CA GLN A 96 -2.65 4.87 -10.98
C GLN A 96 -2.58 6.27 -10.36
N ILE A 97 -1.90 6.41 -9.26
CA ILE A 97 -1.80 7.75 -8.60
C ILE A 97 -0.35 8.03 -8.21
N GLU A 98 -0.01 9.27 -8.03
CA GLU A 98 1.39 9.61 -7.66
C GLU A 98 1.79 8.79 -6.42
N SER A 99 3.07 8.69 -6.16
CA SER A 99 3.52 7.91 -4.97
C SER A 99 4.36 8.82 -4.06
N VAL A 100 4.41 8.52 -2.80
CA VAL A 100 5.20 9.36 -1.86
C VAL A 100 6.68 9.29 -2.25
N THR A 101 7.08 8.26 -2.95
CA THR A 101 8.50 8.15 -3.36
C THR A 101 9.35 7.77 -2.15
N PHE A 102 10.07 6.68 -2.22
CA PHE A 102 10.92 6.27 -1.07
C PHE A 102 12.02 7.31 -0.84
N ASP A 103 12.53 7.88 -1.90
CA ASP A 103 13.60 8.92 -1.74
C ASP A 103 13.06 10.10 -0.93
N ARG A 104 11.78 10.38 -1.06
CA ARG A 104 11.19 11.51 -0.29
C ARG A 104 11.54 11.38 1.18
N ILE A 105 11.59 10.17 1.67
CA ILE A 105 11.92 9.97 3.12
C ILE A 105 13.25 9.22 3.23
N THR A 106 13.89 9.29 4.36
CA THR A 106 15.19 8.58 4.53
C THR A 106 14.94 7.09 4.70
N THR A 107 15.95 6.28 4.53
CA THR A 107 15.76 4.81 4.69
C THR A 107 15.45 4.49 6.15
N GLN A 108 16.08 5.17 7.07
CA GLN A 108 15.81 4.90 8.50
C GLN A 108 14.35 5.21 8.83
N THR A 109 13.78 6.19 8.18
CA THR A 109 12.35 6.53 8.45
C THR A 109 11.47 5.32 8.17
N ALA A 110 11.74 4.61 7.11
CA ALA A 110 10.92 3.40 6.80
C ALA A 110 11.21 2.30 7.80
N LYS A 111 12.41 2.26 8.32
CA LYS A 111 12.76 1.20 9.31
C LYS A 111 11.88 1.37 10.56
N GLN A 112 11.52 2.58 10.90
CA GLN A 112 10.67 2.79 12.10
C GLN A 112 9.30 2.14 11.89
N VAL A 113 8.78 2.20 10.69
CA VAL A 113 7.46 1.59 10.42
C VAL A 113 7.59 0.06 10.43
N ILE A 114 8.69 -0.45 9.96
CA ILE A 114 8.88 -1.93 9.93
C ILE A 114 8.88 -2.46 11.37
N VAL A 115 9.57 -1.80 12.25
CA VAL A 115 9.62 -2.28 13.67
C VAL A 115 8.24 -2.09 14.31
N GLN A 116 7.61 -0.98 14.09
CA GLN A 116 6.26 -0.75 14.70
C GLN A 116 5.28 -1.79 14.17
N LYS A 117 5.32 -2.06 12.89
CA LYS A 117 4.38 -3.07 12.32
C LYS A 117 4.77 -4.47 12.80
N VAL A 118 6.04 -4.74 12.91
CA VAL A 118 6.48 -6.08 13.37
C VAL A 118 6.02 -6.30 14.82
N ARG A 119 5.97 -5.26 15.60
CA ARG A 119 5.54 -5.41 17.02
C ARG A 119 4.07 -5.83 17.06
N GLU A 120 3.28 -5.34 16.14
CA GLU A 120 1.83 -5.72 16.13
C GLU A 120 1.69 -7.20 15.76
N ALA A 121 2.57 -7.70 14.95
CA ALA A 121 2.49 -9.14 14.57
C ALA A 121 2.73 -10.02 15.79
N GLU A 122 3.62 -9.61 16.66
CA GLU A 122 3.91 -10.43 17.88
C GLU A 122 2.68 -10.42 18.79
N ARG A 123 1.95 -9.34 18.81
CA ARG A 123 0.75 -9.28 19.67
C ARG A 123 -0.19 -10.44 19.34
N ALA A 124 -0.37 -10.73 18.08
CA ALA A 124 -1.27 -11.85 17.69
C ALA A 124 -0.43 -13.12 17.48
N MET A 125 -0.28 -13.91 18.51
CA MET A 125 0.51 -15.17 18.37
C MET A 125 -0.24 -16.14 17.46
N LEU A 126 -1.53 -16.06 17.43
CA LEU A 126 -2.32 -16.98 16.56
C LEU A 126 -1.98 -16.73 15.09
N VAL A 127 -1.77 -15.49 14.73
CA VAL A 127 -1.42 -15.18 13.31
C VAL A 127 -0.21 -16.01 12.89
N PRO A 128 -0.22 -16.52 11.64
CA PRO A 128 0.88 -17.32 11.11
C PRO A 128 2.14 -16.49 10.88
N ARG A 129 3.29 -17.08 11.08
CA ARG A 129 4.56 -16.32 10.88
C ARG A 129 4.61 -15.15 11.86
N MET A 1 13.69 1.59 -10.38
CA MET A 1 14.34 0.44 -9.71
C MET A 1 15.33 0.96 -8.66
N ASN A 2 14.92 1.03 -7.42
CA ASN A 2 15.84 1.51 -6.37
C ASN A 2 16.50 0.32 -5.67
N LYS A 3 17.79 0.18 -5.81
CA LYS A 3 18.49 -0.96 -5.15
C LYS A 3 18.55 -0.72 -3.64
N GLU A 4 18.65 0.51 -3.23
CA GLU A 4 18.70 0.80 -1.77
C GLU A 4 17.45 0.26 -1.09
N ILE A 5 16.32 0.35 -1.75
CA ILE A 5 15.06 -0.17 -1.16
C ILE A 5 15.22 -1.66 -0.86
N LEU A 6 15.73 -2.42 -1.78
CA LEU A 6 15.92 -3.87 -1.54
C LEU A 6 16.99 -4.08 -0.48
N ALA A 7 17.89 -3.16 -0.34
CA ALA A 7 18.97 -3.31 0.68
C ALA A 7 18.36 -3.17 2.08
N VAL A 8 17.46 -2.25 2.26
CA VAL A 8 16.83 -2.08 3.60
C VAL A 8 15.94 -3.29 3.91
N VAL A 9 15.35 -3.87 2.90
CA VAL A 9 14.47 -5.04 3.13
C VAL A 9 15.32 -6.25 3.55
N GLU A 10 16.49 -6.37 3.00
CA GLU A 10 17.36 -7.52 3.37
C GLU A 10 17.88 -7.33 4.79
N ALA A 11 18.11 -6.11 5.20
CA ALA A 11 18.63 -5.87 6.58
C ALA A 11 17.53 -6.21 7.60
N VAL A 12 16.29 -6.03 7.23
CA VAL A 12 15.18 -6.33 8.19
C VAL A 12 14.97 -7.85 8.26
N SER A 13 15.11 -8.53 7.16
CA SER A 13 14.91 -10.01 7.16
C SER A 13 16.07 -10.67 7.93
N ASN A 14 17.26 -10.19 7.74
CA ASN A 14 18.42 -10.79 8.46
C ASN A 14 18.42 -10.32 9.92
N GLU A 15 18.06 -9.09 10.15
CA GLU A 15 18.04 -8.57 11.54
C GLU A 15 16.82 -9.13 12.28
N LYS A 16 15.68 -9.13 11.65
CA LYS A 16 14.45 -9.67 12.31
C LYS A 16 14.22 -11.11 11.86
N ALA A 17 15.17 -11.69 11.16
CA ALA A 17 15.00 -13.09 10.69
C ALA A 17 13.58 -13.27 10.14
N LEU A 18 12.98 -12.21 9.66
CA LEU A 18 11.60 -12.32 9.11
C LEU A 18 11.67 -12.50 7.59
N PRO A 19 10.56 -12.94 6.98
CA PRO A 19 10.49 -13.14 5.53
C PRO A 19 10.52 -11.83 4.75
N ARG A 20 11.27 -11.77 3.68
CA ARG A 20 11.35 -10.51 2.89
C ARG A 20 9.93 -10.09 2.46
N GLU A 21 9.13 -11.03 2.05
CA GLU A 21 7.75 -10.69 1.61
C GLU A 21 7.05 -9.89 2.71
N LYS A 22 7.05 -10.41 3.92
CA LYS A 22 6.39 -9.69 5.04
C LYS A 22 6.93 -8.26 5.13
N ILE A 23 8.23 -8.10 5.04
CA ILE A 23 8.83 -6.74 5.12
C ILE A 23 8.17 -5.83 4.08
N PHE A 24 8.16 -6.25 2.84
CA PHE A 24 7.54 -5.41 1.78
C PHE A 24 6.11 -5.06 2.19
N GLU A 25 5.43 -5.96 2.85
CA GLU A 25 4.04 -5.67 3.28
C GLU A 25 4.03 -4.39 4.11
N ALA A 26 4.90 -4.30 5.08
CA ALA A 26 4.95 -3.07 5.92
C ALA A 26 5.32 -1.87 5.04
N LEU A 27 6.37 -1.99 4.27
CA LEU A 27 6.77 -0.85 3.38
C LEU A 27 5.56 -0.37 2.60
N GLU A 28 4.86 -1.26 1.96
CA GLU A 28 3.67 -0.85 1.18
C GLU A 28 2.71 -0.07 2.08
N SER A 29 2.50 -0.53 3.29
CA SER A 29 1.57 0.19 4.22
C SER A 29 2.03 1.63 4.38
N ALA A 30 3.32 1.87 4.36
CA ALA A 30 3.82 3.27 4.52
C ALA A 30 3.64 4.04 3.22
N LEU A 31 3.86 3.41 2.11
CA LEU A 31 3.69 4.11 0.80
C LEU A 31 2.22 4.42 0.56
N ALA A 32 1.36 3.45 0.69
CA ALA A 32 -0.09 3.69 0.48
C ALA A 32 -0.60 4.69 1.52
N THR A 33 -0.15 4.57 2.74
CA THR A 33 -0.60 5.51 3.81
C THR A 33 0.01 6.89 3.57
N ALA A 34 1.27 6.94 3.22
CA ALA A 34 1.91 8.26 2.97
C ALA A 34 1.41 8.82 1.63
N THR A 35 1.09 7.96 0.70
CA THR A 35 0.60 8.46 -0.62
C THR A 35 -0.74 9.15 -0.44
N LYS A 36 -1.67 8.51 0.22
CA LYS A 36 -3.01 9.14 0.43
C LYS A 36 -2.84 10.43 1.23
N LYS A 37 -1.82 10.51 2.04
CA LYS A 37 -1.60 11.74 2.85
C LYS A 37 -1.45 12.94 1.92
N LYS A 38 -0.85 12.75 0.77
CA LYS A 38 -0.68 13.88 -0.18
C LYS A 38 -2.05 14.46 -0.54
N TYR A 39 -3.01 13.61 -0.79
CA TYR A 39 -4.37 14.12 -1.15
C TYR A 39 -5.06 14.66 0.11
N GLU A 40 -4.86 14.02 1.23
CA GLU A 40 -5.52 14.50 2.48
C GLU A 40 -7.03 14.28 2.40
N GLN A 41 -7.47 13.47 1.47
CA GLN A 41 -8.93 13.22 1.35
C GLN A 41 -9.26 11.81 1.86
N GLU A 42 -8.36 11.22 2.60
CA GLU A 42 -8.61 9.84 3.13
C GLU A 42 -9.07 8.94 1.97
N ILE A 43 -8.32 8.93 0.89
CA ILE A 43 -8.71 8.06 -0.26
C ILE A 43 -8.07 6.69 -0.11
N ASP A 44 -8.55 5.71 -0.84
CA ASP A 44 -7.96 4.36 -0.73
C ASP A 44 -6.89 4.18 -1.81
N VAL A 45 -5.66 4.02 -1.41
CA VAL A 45 -4.57 3.84 -2.41
C VAL A 45 -3.85 2.51 -2.16
N ARG A 46 -3.45 1.84 -3.21
CA ARG A 46 -2.74 0.54 -3.04
C ARG A 46 -1.33 0.66 -3.61
N VAL A 47 -0.35 0.16 -2.91
CA VAL A 47 1.05 0.24 -3.42
C VAL A 47 1.63 -1.16 -3.56
N GLN A 48 2.30 -1.43 -4.65
CA GLN A 48 2.90 -2.78 -4.85
C GLN A 48 4.41 -2.62 -5.07
N ILE A 49 5.21 -3.38 -4.35
CA ILE A 49 6.68 -3.28 -4.51
C ILE A 49 7.20 -4.47 -5.34
N ASP A 50 8.20 -4.24 -6.15
CA ASP A 50 8.76 -5.35 -6.97
C ASP A 50 10.17 -5.67 -6.48
N ARG A 51 10.37 -6.86 -5.97
CA ARG A 51 11.73 -7.23 -5.47
C ARG A 51 12.70 -7.31 -6.66
N LYS A 52 12.33 -8.03 -7.68
CA LYS A 52 13.24 -8.14 -8.87
C LYS A 52 13.64 -6.74 -9.32
N SER A 53 12.68 -5.94 -9.69
CA SER A 53 12.99 -4.56 -10.14
C SER A 53 13.55 -3.76 -8.95
N GLY A 54 12.94 -3.92 -7.80
CA GLY A 54 13.43 -3.17 -6.61
C GLY A 54 12.69 -1.84 -6.53
N ASP A 55 11.47 -1.80 -6.96
CA ASP A 55 10.69 -0.54 -6.93
C ASP A 55 9.21 -0.84 -6.68
N PHE A 56 8.48 0.13 -6.20
CA PHE A 56 7.02 -0.10 -5.94
C PHE A 56 6.21 1.01 -6.60
N ASP A 57 5.05 0.67 -7.12
CA ASP A 57 4.21 1.72 -7.78
C ASP A 57 3.00 2.03 -6.91
N THR A 58 2.43 3.19 -7.08
CA THR A 58 1.24 3.57 -6.25
C THR A 58 -0.02 3.55 -7.12
N PHE A 59 -1.07 2.94 -6.64
CA PHE A 59 -2.33 2.90 -7.45
C PHE A 59 -3.51 3.31 -6.56
N ARG A 60 -4.55 3.85 -7.14
CA ARG A 60 -5.73 4.26 -6.34
C ARG A 60 -6.93 3.41 -6.76
N ARG A 61 -7.79 3.06 -5.83
CA ARG A 61 -8.97 2.23 -6.19
C ARG A 61 -10.21 2.74 -5.46
N TRP A 62 -11.37 2.40 -5.95
CA TRP A 62 -12.63 2.84 -5.29
C TRP A 62 -13.66 1.72 -5.36
N LEU A 63 -14.60 1.71 -4.44
CA LEU A 63 -15.63 0.63 -4.45
C LEU A 63 -16.91 1.15 -5.12
N VAL A 64 -17.49 0.39 -6.00
CA VAL A 64 -18.73 0.85 -6.70
C VAL A 64 -19.86 1.00 -5.67
N VAL A 65 -20.39 2.17 -5.55
CA VAL A 65 -21.50 2.39 -4.56
C VAL A 65 -22.73 2.95 -5.26
N ASP A 66 -23.88 2.38 -5.01
CA ASP A 66 -25.11 2.90 -5.65
C ASP A 66 -25.46 4.25 -5.00
N GLU A 67 -24.99 4.46 -3.79
CA GLU A 67 -25.26 5.73 -3.09
C GLU A 67 -23.97 6.21 -2.42
N VAL A 68 -22.90 6.23 -3.15
CA VAL A 68 -21.58 6.67 -2.60
C VAL A 68 -21.77 7.71 -1.48
N THR A 69 -21.41 7.36 -0.27
CA THR A 69 -21.55 8.32 0.85
C THR A 69 -20.25 9.14 0.95
N GLN A 70 -19.21 8.69 0.29
CA GLN A 70 -17.92 9.44 0.33
C GLN A 70 -17.11 9.08 -0.93
N PRO A 71 -17.03 10.01 -1.88
CA PRO A 71 -16.29 9.80 -3.14
C PRO A 71 -14.78 9.70 -2.91
N THR A 72 -14.33 9.85 -1.69
CA THR A 72 -12.87 9.75 -1.43
C THR A 72 -12.44 8.29 -1.41
N LYS A 73 -13.31 7.41 -1.01
CA LYS A 73 -12.95 5.96 -0.98
C LYS A 73 -14.11 5.15 -1.57
N GLU A 74 -15.01 5.80 -2.24
CA GLU A 74 -16.16 5.07 -2.85
C GLU A 74 -16.51 5.71 -4.20
N ILE A 75 -16.74 4.90 -5.21
CA ILE A 75 -17.08 5.46 -6.54
C ILE A 75 -18.49 5.02 -6.93
N THR A 76 -19.32 5.95 -7.35
CA THR A 76 -20.71 5.59 -7.75
C THR A 76 -20.66 4.62 -8.94
N LEU A 77 -21.66 3.80 -9.09
CA LEU A 77 -21.66 2.85 -10.24
C LEU A 77 -21.62 3.64 -11.54
N GLU A 78 -22.49 4.61 -11.71
CA GLU A 78 -22.49 5.41 -12.96
C GLU A 78 -21.06 5.85 -13.26
N ALA A 79 -20.40 6.46 -12.32
CA ALA A 79 -18.99 6.90 -12.55
C ALA A 79 -18.16 5.68 -12.94
N ALA A 80 -18.43 4.55 -12.33
CA ALA A 80 -17.66 3.33 -12.66
C ALA A 80 -17.88 2.98 -14.13
N ARG A 81 -19.01 3.33 -14.68
CA ARG A 81 -19.27 3.04 -16.12
C ARG A 81 -18.48 4.01 -16.97
N TYR A 82 -18.44 5.26 -16.60
CA TYR A 82 -17.67 6.25 -17.38
C TYR A 82 -16.19 5.86 -17.32
N GLU A 83 -15.84 5.05 -16.35
CA GLU A 83 -14.43 4.61 -16.21
C GLU A 83 -14.20 3.32 -17.02
N ASP A 84 -15.00 2.31 -16.78
CA ASP A 84 -14.82 1.04 -17.54
C ASP A 84 -16.15 0.58 -18.14
N GLU A 85 -17.16 1.37 -18.02
CA GLU A 85 -18.49 1.01 -18.59
C GLU A 85 -18.76 -0.49 -18.37
N SER A 86 -18.22 -1.06 -17.33
CA SER A 86 -18.45 -2.51 -17.08
C SER A 86 -18.31 -2.80 -15.58
N LEU A 87 -18.46 -1.79 -14.76
CA LEU A 87 -18.34 -2.01 -13.29
C LEU A 87 -19.73 -2.15 -12.68
N ASN A 88 -19.91 -3.06 -11.76
CA ASN A 88 -21.25 -3.25 -11.13
C ASN A 88 -21.17 -2.96 -9.64
N LEU A 89 -22.29 -2.90 -8.98
CA LEU A 89 -22.27 -2.62 -7.52
C LEU A 89 -21.50 -3.72 -6.79
N GLY A 90 -20.59 -3.35 -5.93
CA GLY A 90 -19.80 -4.36 -5.19
C GLY A 90 -18.45 -4.58 -5.89
N ASP A 91 -18.29 -4.02 -7.07
CA ASP A 91 -17.01 -4.19 -7.79
C ASP A 91 -16.02 -3.11 -7.35
N TYR A 92 -14.74 -3.38 -7.46
CA TYR A 92 -13.73 -2.37 -7.05
C TYR A 92 -13.06 -1.78 -8.29
N VAL A 93 -12.78 -0.52 -8.29
CA VAL A 93 -12.14 0.12 -9.48
C VAL A 93 -10.67 0.38 -9.16
N GLU A 94 -9.82 0.31 -10.15
CA GLU A 94 -8.36 0.55 -9.91
C GLU A 94 -7.90 1.78 -10.71
N ASP A 95 -6.82 2.38 -10.31
CA ASP A 95 -6.32 3.58 -11.04
C ASP A 95 -4.85 3.80 -10.70
N GLN A 96 -4.08 4.31 -11.63
CA GLN A 96 -2.64 4.55 -11.35
C GLN A 96 -2.43 5.99 -10.88
N ILE A 97 -1.70 6.18 -9.81
CA ILE A 97 -1.47 7.56 -9.31
C ILE A 97 0.02 7.73 -8.99
N GLU A 98 0.49 8.95 -8.99
CA GLU A 98 1.92 9.19 -8.69
C GLU A 98 2.29 8.51 -7.37
N SER A 99 3.50 8.05 -7.25
CA SER A 99 3.92 7.38 -5.99
C SER A 99 4.93 8.27 -5.24
N VAL A 100 4.95 8.20 -3.94
CA VAL A 100 5.90 9.03 -3.16
C VAL A 100 7.33 8.57 -3.42
N THR A 101 8.22 9.48 -3.68
CA THR A 101 9.64 9.10 -3.95
C THR A 101 10.27 8.56 -2.66
N PHE A 102 10.91 7.42 -2.74
CA PHE A 102 11.55 6.84 -1.52
C PHE A 102 12.57 7.82 -0.96
N ASP A 103 13.32 8.47 -1.82
CA ASP A 103 14.34 9.44 -1.34
C ASP A 103 13.66 10.55 -0.55
N ARG A 104 12.49 10.96 -0.96
CA ARG A 104 11.78 12.04 -0.23
C ARG A 104 11.69 11.69 1.25
N ILE A 105 11.51 10.43 1.56
CA ILE A 105 11.42 10.02 2.99
C ILE A 105 12.67 9.24 3.38
N THR A 106 13.18 9.46 4.55
CA THR A 106 14.41 8.74 4.99
C THR A 106 14.06 7.26 5.25
N THR A 107 15.03 6.40 5.21
CA THR A 107 14.76 4.95 5.45
C THR A 107 14.42 4.73 6.92
N GLN A 108 14.88 5.61 7.78
CA GLN A 108 14.58 5.45 9.24
C GLN A 108 13.07 5.40 9.44
N THR A 109 12.34 6.19 8.70
CA THR A 109 10.85 6.19 8.85
C THR A 109 10.30 4.80 8.51
N ALA A 110 10.88 4.16 7.54
CA ALA A 110 10.38 2.80 7.15
C ALA A 110 10.70 1.81 8.27
N LYS A 111 11.77 2.03 8.99
CA LYS A 111 12.14 1.10 10.09
C LYS A 111 11.12 1.22 11.22
N GLN A 112 10.53 2.37 11.38
CA GLN A 112 9.53 2.55 12.46
C GLN A 112 8.30 1.70 12.17
N VAL A 113 7.91 1.61 10.92
CA VAL A 113 6.71 0.78 10.58
C VAL A 113 7.10 -0.69 10.61
N ILE A 114 8.31 -1.02 10.31
CA ILE A 114 8.75 -2.44 10.33
C ILE A 114 8.76 -2.95 11.77
N VAL A 115 9.16 -2.12 12.70
CA VAL A 115 9.20 -2.56 14.12
C VAL A 115 7.78 -2.70 14.65
N GLN A 116 6.91 -1.77 14.32
CA GLN A 116 5.51 -1.85 14.81
C GLN A 116 4.82 -3.07 14.20
N LYS A 117 5.00 -3.27 12.92
CA LYS A 117 4.36 -4.44 12.26
C LYS A 117 4.97 -5.74 12.79
N VAL A 118 6.24 -5.72 13.09
CA VAL A 118 6.91 -6.95 13.61
C VAL A 118 6.31 -7.30 14.98
N ARG A 119 6.01 -6.32 15.78
CA ARG A 119 5.43 -6.61 17.13
C ARG A 119 4.11 -7.36 16.95
N GLU A 120 3.39 -7.09 15.89
CA GLU A 120 2.10 -7.80 15.68
C GLU A 120 2.35 -9.30 15.54
N ALA A 121 3.47 -9.67 14.99
CA ALA A 121 3.78 -11.12 14.82
C ALA A 121 3.82 -11.79 16.19
N GLU A 122 4.33 -11.10 17.18
CA GLU A 122 4.40 -11.71 18.54
C GLU A 122 3.00 -12.04 19.02
N ARG A 123 2.02 -11.25 18.68
CA ARG A 123 0.63 -11.54 19.12
C ARG A 123 0.23 -12.94 18.66
N ALA A 124 0.65 -13.33 17.49
CA ALA A 124 0.29 -14.69 16.98
C ALA A 124 -1.21 -14.91 17.14
N MET A 125 -1.65 -16.13 17.04
CA MET A 125 -3.11 -16.42 17.19
C MET A 125 -3.36 -17.12 18.53
N LEU A 126 -4.47 -16.85 19.15
CA LEU A 126 -4.76 -17.50 20.46
C LEU A 126 -5.77 -18.64 20.24
N VAL A 127 -5.51 -19.79 20.79
CA VAL A 127 -6.45 -20.93 20.61
C VAL A 127 -6.90 -21.44 21.98
N PRO A 128 -8.03 -22.17 22.01
CA PRO A 128 -8.57 -22.72 23.26
C PRO A 128 -7.71 -23.86 23.81
N ARG A 129 -6.80 -24.37 23.02
CA ARG A 129 -5.93 -25.47 23.49
C ARG A 129 -4.56 -24.91 23.89
N MET A 1 13.87 1.95 -10.40
CA MET A 1 14.82 0.89 -9.96
C MET A 1 15.61 1.39 -8.74
N ASN A 2 15.08 1.19 -7.57
CA ASN A 2 15.79 1.66 -6.35
C ASN A 2 16.41 0.45 -5.64
N LYS A 3 17.69 0.25 -5.80
CA LYS A 3 18.35 -0.90 -5.12
C LYS A 3 18.35 -0.70 -3.62
N GLU A 4 18.29 0.53 -3.18
CA GLU A 4 18.29 0.80 -1.71
C GLU A 4 17.04 0.20 -1.08
N ILE A 5 15.92 0.26 -1.77
CA ILE A 5 14.67 -0.32 -1.20
C ILE A 5 14.84 -1.83 -1.04
N LEU A 6 15.38 -2.49 -2.02
CA LEU A 6 15.57 -3.96 -1.92
C LEU A 6 16.53 -4.27 -0.77
N ALA A 7 17.53 -3.44 -0.57
CA ALA A 7 18.49 -3.70 0.53
C ALA A 7 17.82 -3.42 1.88
N VAL A 8 16.98 -2.42 1.94
CA VAL A 8 16.30 -2.10 3.23
C VAL A 8 15.39 -3.26 3.64
N VAL A 9 14.74 -3.88 2.69
CA VAL A 9 13.85 -5.02 3.01
C VAL A 9 14.68 -6.22 3.48
N GLU A 10 15.84 -6.39 2.91
CA GLU A 10 16.70 -7.54 3.32
C GLU A 10 17.20 -7.33 4.74
N ALA A 11 17.39 -6.11 5.15
CA ALA A 11 17.88 -5.84 6.53
C ALA A 11 16.76 -6.15 7.53
N VAL A 12 15.52 -5.96 7.13
CA VAL A 12 14.40 -6.22 8.06
C VAL A 12 14.11 -7.73 8.11
N SER A 13 14.41 -8.43 7.05
CA SER A 13 14.16 -9.90 7.04
C SER A 13 15.24 -10.61 7.85
N ASN A 14 16.42 -10.06 7.91
CA ASN A 14 17.52 -10.70 8.69
C ASN A 14 17.23 -10.58 10.18
N GLU A 15 16.68 -9.47 10.60
CA GLU A 15 16.39 -9.29 12.05
C GLU A 15 15.24 -10.21 12.47
N LYS A 16 14.16 -10.21 11.74
CA LYS A 16 13.01 -11.08 12.11
C LYS A 16 13.02 -12.35 11.25
N ALA A 17 14.07 -12.58 10.52
CA ALA A 17 14.13 -13.80 9.66
C ALA A 17 12.79 -13.97 8.94
N LEU A 18 12.07 -12.91 8.72
CA LEU A 18 10.76 -13.01 8.03
C LEU A 18 10.97 -12.99 6.52
N PRO A 19 9.97 -13.42 5.75
CA PRO A 19 10.05 -13.45 4.28
C PRO A 19 10.04 -12.04 3.68
N ARG A 20 10.88 -11.79 2.72
CA ARG A 20 10.91 -10.44 2.11
C ARG A 20 9.51 -10.05 1.64
N GLU A 21 8.75 -11.00 1.15
CA GLU A 21 7.37 -10.67 0.67
C GLU A 21 6.58 -10.02 1.82
N LYS A 22 6.58 -10.64 2.97
CA LYS A 22 5.82 -10.07 4.11
C LYS A 22 6.32 -8.64 4.38
N ILE A 23 7.61 -8.45 4.43
CA ILE A 23 8.15 -7.09 4.70
C ILE A 23 7.60 -6.11 3.66
N PHE A 24 7.71 -6.44 2.39
CA PHE A 24 7.19 -5.53 1.33
C PHE A 24 5.73 -5.18 1.65
N GLU A 25 5.00 -6.09 2.23
CA GLU A 25 3.57 -5.80 2.55
C GLU A 25 3.51 -4.62 3.53
N ALA A 26 4.33 -4.65 4.55
CA ALA A 26 4.32 -3.53 5.54
C ALA A 26 4.84 -2.25 4.86
N LEU A 27 5.90 -2.35 4.11
CA LEU A 27 6.45 -1.15 3.43
C LEU A 27 5.36 -0.52 2.56
N GLU A 28 4.65 -1.32 1.81
CA GLU A 28 3.57 -0.76 0.94
C GLU A 28 2.52 -0.07 1.82
N SER A 29 2.14 -0.69 2.90
CA SER A 29 1.12 -0.07 3.79
C SER A 29 1.63 1.28 4.31
N ALA A 30 2.91 1.37 4.57
CA ALA A 30 3.47 2.67 5.06
C ALA A 30 3.43 3.71 3.94
N LEU A 31 3.81 3.34 2.76
CA LEU A 31 3.79 4.32 1.63
C LEU A 31 2.35 4.71 1.32
N ALA A 32 1.48 3.73 1.19
CA ALA A 32 0.05 4.04 0.90
C ALA A 32 -0.51 4.92 2.02
N THR A 33 -0.30 4.52 3.25
CA THR A 33 -0.83 5.33 4.38
C THR A 33 -0.34 6.77 4.24
N ALA A 34 0.93 6.96 4.02
CA ALA A 34 1.47 8.34 3.87
C ALA A 34 1.04 8.90 2.51
N THR A 35 0.88 8.05 1.54
CA THR A 35 0.46 8.54 0.19
C THR A 35 -0.89 9.25 0.31
N LYS A 36 -1.85 8.63 0.94
CA LYS A 36 -3.18 9.26 1.09
C LYS A 36 -3.02 10.59 1.83
N LYS A 37 -2.04 10.69 2.69
CA LYS A 37 -1.83 11.96 3.45
C LYS A 37 -1.62 13.11 2.46
N LYS A 38 -1.04 12.84 1.33
CA LYS A 38 -0.82 13.92 0.33
C LYS A 38 -2.15 14.56 -0.04
N TYR A 39 -3.21 13.78 -0.06
CA TYR A 39 -4.54 14.36 -0.41
C TYR A 39 -5.28 14.75 0.88
N GLU A 40 -5.05 14.05 1.95
CA GLU A 40 -5.73 14.39 3.22
C GLU A 40 -7.23 14.11 3.09
N GLN A 41 -7.60 13.32 2.12
CA GLN A 41 -9.04 12.99 1.93
C GLN A 41 -9.33 11.57 2.40
N GLU A 42 -8.44 11.01 3.19
CA GLU A 42 -8.65 9.61 3.67
C GLU A 42 -9.07 8.72 2.51
N ILE A 43 -8.32 8.74 1.44
CA ILE A 43 -8.67 7.89 0.27
C ILE A 43 -8.00 6.53 0.39
N ASP A 44 -8.53 5.53 -0.26
CA ASP A 44 -7.92 4.17 -0.19
C ASP A 44 -6.85 4.04 -1.29
N VAL A 45 -5.60 3.95 -0.91
CA VAL A 45 -4.53 3.83 -1.94
C VAL A 45 -3.72 2.55 -1.69
N ARG A 46 -3.43 1.81 -2.74
CA ARG A 46 -2.64 0.56 -2.57
C ARG A 46 -1.31 0.70 -3.32
N VAL A 47 -0.23 0.39 -2.69
CA VAL A 47 1.10 0.52 -3.38
C VAL A 47 1.73 -0.86 -3.55
N GLN A 48 2.27 -1.13 -4.71
CA GLN A 48 2.92 -2.45 -4.94
C GLN A 48 4.41 -2.23 -5.23
N ILE A 49 5.27 -3.05 -4.67
CA ILE A 49 6.73 -2.86 -4.90
C ILE A 49 7.25 -3.97 -5.80
N ASP A 50 8.23 -3.66 -6.62
CA ASP A 50 8.80 -4.69 -7.53
C ASP A 50 10.12 -5.19 -6.92
N ARG A 51 10.11 -6.40 -6.40
CA ARG A 51 11.35 -6.94 -5.79
C ARG A 51 12.43 -7.11 -6.86
N LYS A 52 12.07 -7.65 -7.99
CA LYS A 52 13.06 -7.84 -9.08
C LYS A 52 13.65 -6.49 -9.48
N SER A 53 12.83 -5.63 -10.03
CA SER A 53 13.34 -4.29 -10.44
C SER A 53 13.73 -3.49 -9.20
N GLY A 54 12.92 -3.52 -8.18
CA GLY A 54 13.24 -2.76 -6.94
C GLY A 54 12.53 -1.41 -7.00
N ASP A 55 11.29 -1.41 -7.41
CA ASP A 55 10.54 -0.13 -7.49
C ASP A 55 9.06 -0.38 -7.17
N PHE A 56 8.41 0.56 -6.53
CA PHE A 56 6.97 0.36 -6.20
C PHE A 56 6.14 1.51 -6.77
N ASP A 57 4.95 1.22 -7.22
CA ASP A 57 4.08 2.29 -7.78
C ASP A 57 2.81 2.39 -6.93
N THR A 58 2.38 3.58 -6.63
CA THR A 58 1.16 3.74 -5.78
C THR A 58 -0.09 3.75 -6.67
N PHE A 59 -1.12 3.06 -6.26
CA PHE A 59 -2.37 3.03 -7.05
C PHE A 59 -3.57 3.27 -6.13
N ARG A 60 -4.62 3.88 -6.64
CA ARG A 60 -5.82 4.13 -5.78
C ARG A 60 -6.92 3.15 -6.18
N ARG A 61 -7.75 2.76 -5.25
CA ARG A 61 -8.84 1.80 -5.58
C ARG A 61 -10.19 2.36 -5.12
N TRP A 62 -11.24 2.06 -5.84
CA TRP A 62 -12.59 2.57 -5.44
C TRP A 62 -13.58 1.40 -5.41
N LEU A 63 -14.63 1.52 -4.64
CA LEU A 63 -15.63 0.42 -4.57
C LEU A 63 -16.88 0.84 -5.33
N VAL A 64 -17.39 -0.01 -6.19
CA VAL A 64 -18.61 0.35 -6.97
C VAL A 64 -19.80 0.43 -6.02
N VAL A 65 -20.37 1.58 -5.86
CA VAL A 65 -21.53 1.72 -4.94
C VAL A 65 -22.70 2.35 -5.70
N ASP A 66 -23.88 1.84 -5.50
CA ASP A 66 -25.06 2.42 -6.20
C ASP A 66 -25.25 3.85 -5.71
N GLU A 67 -24.63 4.19 -4.60
CA GLU A 67 -24.77 5.57 -4.06
C GLU A 67 -23.54 5.89 -3.20
N VAL A 68 -22.36 5.79 -3.76
CA VAL A 68 -21.12 6.08 -2.97
C VAL A 68 -21.36 7.32 -2.09
N THR A 69 -21.25 7.16 -0.80
CA THR A 69 -21.45 8.31 0.11
C THR A 69 -20.11 8.99 0.38
N GLN A 70 -19.03 8.31 0.07
CA GLN A 70 -17.68 8.90 0.30
C GLN A 70 -16.83 8.73 -0.95
N PRO A 71 -16.84 9.73 -1.84
CA PRO A 71 -16.07 9.69 -3.10
C PRO A 71 -14.56 9.79 -2.84
N THR A 72 -14.15 9.88 -1.61
CA THR A 72 -12.70 9.99 -1.32
C THR A 72 -12.03 8.63 -1.57
N LYS A 73 -12.78 7.56 -1.44
CA LYS A 73 -12.19 6.21 -1.68
C LYS A 73 -13.28 5.29 -2.22
N GLU A 74 -14.35 5.85 -2.71
CA GLU A 74 -15.45 5.01 -3.26
C GLU A 74 -15.86 5.55 -4.63
N ILE A 75 -16.44 4.73 -5.46
CA ILE A 75 -16.88 5.20 -6.80
C ILE A 75 -18.36 4.86 -6.99
N THR A 76 -19.17 5.82 -7.36
CA THR A 76 -20.61 5.54 -7.56
C THR A 76 -20.78 4.56 -8.73
N LEU A 77 -21.84 3.80 -8.74
CA LEU A 77 -22.06 2.85 -9.85
C LEU A 77 -21.98 3.60 -11.18
N GLU A 78 -22.69 4.67 -11.31
CA GLU A 78 -22.64 5.46 -12.58
C GLU A 78 -21.19 5.85 -12.86
N ALA A 79 -20.52 6.40 -11.88
CA ALA A 79 -19.10 6.80 -12.08
C ALA A 79 -18.28 5.56 -12.42
N ALA A 80 -18.57 4.46 -11.79
CA ALA A 80 -17.82 3.20 -12.07
C ALA A 80 -17.96 2.88 -13.56
N ARG A 81 -19.16 2.81 -14.05
CA ARG A 81 -19.36 2.50 -15.49
C ARG A 81 -18.50 3.44 -16.34
N TYR A 82 -18.57 4.72 -16.07
CA TYR A 82 -17.76 5.68 -16.87
C TYR A 82 -16.30 5.24 -16.88
N GLU A 83 -15.78 4.87 -15.74
CA GLU A 83 -14.35 4.42 -15.69
C GLU A 83 -14.23 3.05 -16.34
N ASP A 84 -15.28 2.27 -16.31
CA ASP A 84 -15.22 0.92 -16.93
C ASP A 84 -16.59 0.26 -16.80
N GLU A 85 -17.36 0.24 -17.85
CA GLU A 85 -18.71 -0.40 -17.78
C GLU A 85 -18.58 -1.80 -17.20
N SER A 86 -17.42 -2.39 -17.30
CA SER A 86 -17.22 -3.76 -16.76
C SER A 86 -17.23 -3.71 -15.23
N LEU A 87 -17.29 -2.54 -14.66
CA LEU A 87 -17.31 -2.42 -13.18
C LEU A 87 -18.75 -2.54 -12.67
N ASN A 88 -18.93 -3.13 -11.52
CA ASN A 88 -20.31 -3.28 -10.98
C ASN A 88 -20.26 -3.23 -9.44
N LEU A 89 -21.40 -3.12 -8.81
CA LEU A 89 -21.41 -3.06 -7.32
C LEU A 89 -20.67 -4.28 -6.77
N GLY A 90 -19.78 -4.08 -5.84
CA GLY A 90 -19.03 -5.23 -5.27
C GLY A 90 -17.64 -5.30 -5.91
N ASP A 91 -17.45 -4.61 -7.00
CA ASP A 91 -16.12 -4.65 -7.68
C ASP A 91 -15.28 -3.47 -7.20
N TYR A 92 -14.00 -3.50 -7.45
CA TYR A 92 -13.12 -2.38 -7.00
C TYR A 92 -12.41 -1.78 -8.21
N VAL A 93 -12.54 -0.50 -8.42
CA VAL A 93 -11.87 0.15 -9.59
C VAL A 93 -10.40 0.40 -9.24
N GLU A 94 -9.52 0.17 -10.17
CA GLU A 94 -8.07 0.40 -9.88
C GLU A 94 -7.60 1.66 -10.62
N ASP A 95 -6.58 2.31 -10.11
CA ASP A 95 -6.08 3.54 -10.77
C ASP A 95 -4.66 3.84 -10.30
N GLN A 96 -3.86 4.49 -11.10
CA GLN A 96 -2.47 4.80 -10.69
C GLN A 96 -2.37 6.27 -10.30
N ILE A 97 -1.67 6.57 -9.24
CA ILE A 97 -1.54 7.99 -8.81
C ILE A 97 -0.08 8.31 -8.50
N GLU A 98 0.31 9.54 -8.60
CA GLU A 98 1.72 9.92 -8.32
C GLU A 98 2.08 9.49 -6.89
N SER A 99 3.31 9.09 -6.66
CA SER A 99 3.71 8.67 -5.29
C SER A 99 5.05 9.31 -4.93
N VAL A 100 5.36 9.41 -3.67
CA VAL A 100 6.65 10.02 -3.26
C VAL A 100 7.80 9.12 -3.69
N THR A 101 8.74 9.64 -4.44
CA THR A 101 9.88 8.82 -4.89
C THR A 101 10.75 8.42 -3.69
N PHE A 102 11.37 7.28 -3.75
CA PHE A 102 12.24 6.85 -2.61
C PHE A 102 13.70 7.14 -2.92
N ASP A 103 13.95 7.93 -3.94
CA ASP A 103 15.35 8.26 -4.30
C ASP A 103 16.14 8.58 -3.03
N ARG A 104 15.54 9.26 -2.10
CA ARG A 104 16.25 9.59 -0.83
C ARG A 104 16.07 8.46 0.18
N ILE A 105 16.99 8.31 1.09
CA ILE A 105 16.87 7.22 2.10
C ILE A 105 16.08 7.74 3.30
N THR A 106 15.01 7.05 3.65
CA THR A 106 14.21 7.51 4.83
C THR A 106 14.80 6.91 6.11
N THR A 107 14.84 7.67 7.16
CA THR A 107 15.40 7.14 8.44
C THR A 107 14.40 7.37 9.57
N GLN A 108 14.30 6.45 10.49
CA GLN A 108 13.35 6.62 11.62
C GLN A 108 11.91 6.58 11.10
N THR A 109 11.54 7.52 10.28
CA THR A 109 10.15 7.55 9.75
C THR A 109 9.87 6.23 9.01
N ALA A 110 10.78 5.80 8.18
CA ALA A 110 10.56 4.54 7.43
C ALA A 110 10.77 3.34 8.36
N LYS A 111 11.80 3.37 9.17
CA LYS A 111 12.07 2.23 10.10
C LYS A 111 11.01 2.21 11.20
N GLN A 112 10.50 3.36 11.56
CA GLN A 112 9.47 3.41 12.63
C GLN A 112 8.25 2.58 12.22
N VAL A 113 7.84 2.69 10.98
CA VAL A 113 6.66 1.91 10.52
C VAL A 113 7.04 0.42 10.42
N ILE A 114 8.25 0.14 10.06
CA ILE A 114 8.68 -1.29 9.95
C ILE A 114 8.64 -1.95 11.33
N VAL A 115 8.97 -1.21 12.36
CA VAL A 115 8.96 -1.78 13.73
C VAL A 115 7.52 -1.95 14.20
N GLN A 116 6.67 -1.01 13.93
CA GLN A 116 5.25 -1.12 14.35
C GLN A 116 4.58 -2.29 13.63
N LYS A 117 4.80 -2.41 12.35
CA LYS A 117 4.17 -3.53 11.60
C LYS A 117 4.71 -4.86 12.10
N VAL A 118 5.99 -4.94 12.36
CA VAL A 118 6.57 -6.22 12.86
C VAL A 118 6.09 -6.49 14.28
N ARG A 119 6.01 -5.47 15.09
CA ARG A 119 5.55 -5.66 16.49
C ARG A 119 4.14 -6.26 16.49
N GLU A 120 3.30 -5.80 15.60
CA GLU A 120 1.91 -6.34 15.55
C GLU A 120 1.95 -7.79 15.07
N ALA A 121 2.88 -8.13 14.22
CA ALA A 121 2.97 -9.53 13.72
C ALA A 121 3.37 -10.46 14.88
N GLU A 122 4.06 -9.93 15.86
CA GLU A 122 4.49 -10.79 17.01
C GLU A 122 3.25 -11.28 17.76
N ARG A 123 2.24 -10.46 17.86
CA ARG A 123 1.01 -10.88 18.58
C ARG A 123 0.48 -12.18 17.97
N ALA A 124 0.42 -12.25 16.67
CA ALA A 124 -0.08 -13.49 16.00
C ALA A 124 0.22 -13.43 14.51
N MET A 125 0.32 -14.56 13.87
CA MET A 125 0.60 -14.57 12.41
C MET A 125 -0.63 -15.03 11.64
N LEU A 126 -1.04 -14.27 10.66
CA LEU A 126 -2.26 -14.66 9.88
C LEU A 126 -2.03 -16.04 9.24
N VAL A 127 -0.83 -16.29 8.78
CA VAL A 127 -0.55 -17.62 8.14
C VAL A 127 -0.52 -18.69 9.23
N PRO A 128 -1.13 -19.85 8.94
CA PRO A 128 -1.18 -20.98 9.87
C PRO A 128 0.19 -21.64 10.04
N ARG A 129 0.49 -22.11 11.22
CA ARG A 129 1.82 -22.77 11.44
C ARG A 129 1.66 -24.28 11.32
N MET A 1 13.63 2.64 -10.23
CA MET A 1 14.39 1.58 -9.52
C MET A 1 14.95 2.15 -8.21
N ASN A 2 14.40 1.74 -7.10
CA ASN A 2 14.91 2.25 -5.79
C ASN A 2 15.82 1.21 -5.15
N LYS A 3 17.08 1.24 -5.45
CA LYS A 3 18.02 0.24 -4.86
C LYS A 3 18.05 0.41 -3.34
N GLU A 4 17.90 1.62 -2.86
CA GLU A 4 17.93 1.85 -1.39
C GLU A 4 16.79 1.05 -0.74
N ILE A 5 15.62 1.08 -1.32
CA ILE A 5 14.47 0.34 -0.74
C ILE A 5 14.82 -1.16 -0.68
N LEU A 6 15.34 -1.70 -1.74
CA LEU A 6 15.70 -3.15 -1.75
C LEU A 6 16.68 -3.44 -0.61
N ALA A 7 17.58 -2.53 -0.34
CA ALA A 7 18.57 -2.76 0.75
C ALA A 7 17.86 -2.63 2.10
N VAL A 8 17.04 -1.65 2.26
CA VAL A 8 16.32 -1.46 3.56
C VAL A 8 15.55 -2.75 3.89
N VAL A 9 15.00 -3.40 2.91
CA VAL A 9 14.23 -4.64 3.17
C VAL A 9 15.20 -5.75 3.61
N GLU A 10 16.37 -5.78 3.05
CA GLU A 10 17.35 -6.85 3.42
C GLU A 10 17.89 -6.56 4.82
N ALA A 11 18.00 -5.31 5.19
CA ALA A 11 18.52 -4.98 6.54
C ALA A 11 17.51 -5.43 7.61
N VAL A 12 16.25 -5.40 7.29
CA VAL A 12 15.23 -5.82 8.29
C VAL A 12 15.20 -7.35 8.37
N SER A 13 15.53 -8.02 7.30
CA SER A 13 15.53 -9.51 7.33
C SER A 13 16.71 -10.01 8.15
N ASN A 14 17.81 -9.31 8.13
CA ASN A 14 18.99 -9.75 8.90
C ASN A 14 18.80 -9.39 10.38
N GLU A 15 18.19 -8.26 10.65
CA GLU A 15 17.98 -7.86 12.07
C GLU A 15 16.79 -8.61 12.64
N LYS A 16 15.75 -8.78 11.87
CA LYS A 16 14.54 -9.50 12.38
C LYS A 16 14.57 -10.95 11.89
N ALA A 17 15.59 -11.33 11.18
CA ALA A 17 15.66 -12.73 10.67
C ALA A 17 14.30 -13.13 10.09
N LEU A 18 13.54 -12.17 9.63
CA LEU A 18 12.20 -12.50 9.06
C LEU A 18 12.31 -12.59 7.53
N PRO A 19 11.24 -13.04 6.87
CA PRO A 19 11.21 -13.18 5.41
C PRO A 19 11.18 -11.81 4.71
N ARG A 20 11.92 -11.67 3.64
CA ARG A 20 11.93 -10.37 2.92
C ARG A 20 10.52 -10.05 2.42
N GLU A 21 9.79 -11.06 2.02
CA GLU A 21 8.41 -10.82 1.51
C GLU A 21 7.58 -10.13 2.60
N LYS A 22 7.55 -10.69 3.77
CA LYS A 22 6.76 -10.08 4.87
C LYS A 22 7.17 -8.62 5.04
N ILE A 23 8.44 -8.34 5.03
CA ILE A 23 8.90 -6.93 5.19
C ILE A 23 8.27 -6.06 4.11
N PHE A 24 8.38 -6.46 2.87
CA PHE A 24 7.78 -5.66 1.76
C PHE A 24 6.32 -5.39 2.07
N GLU A 25 5.64 -6.33 2.67
CA GLU A 25 4.20 -6.12 3.00
C GLU A 25 4.06 -4.87 3.88
N ALA A 26 4.95 -4.70 4.81
CA ALA A 26 4.87 -3.50 5.70
C ALA A 26 5.20 -2.26 4.87
N LEU A 27 6.22 -2.31 4.07
CA LEU A 27 6.59 -1.13 3.24
C LEU A 27 5.40 -0.75 2.35
N GLU A 28 4.81 -1.72 1.69
CA GLU A 28 3.66 -1.41 0.80
C GLU A 28 2.56 -0.74 1.62
N SER A 29 2.23 -1.28 2.75
CA SER A 29 1.16 -0.65 3.58
C SER A 29 1.57 0.76 3.98
N ALA A 30 2.84 0.98 4.22
CA ALA A 30 3.31 2.33 4.61
C ALA A 30 3.23 3.27 3.40
N LEU A 31 3.63 2.79 2.26
CA LEU A 31 3.59 3.65 1.04
C LEU A 31 2.13 4.00 0.72
N ALA A 32 1.26 3.03 0.77
CA ALA A 32 -0.18 3.30 0.46
C ALA A 32 -0.73 4.32 1.46
N THR A 33 -0.45 4.14 2.72
CA THR A 33 -0.97 5.09 3.74
C THR A 33 -0.29 6.45 3.55
N ALA A 34 0.99 6.45 3.30
CA ALA A 34 1.71 7.75 3.10
C ALA A 34 1.37 8.30 1.72
N THR A 35 1.08 7.46 0.78
CA THR A 35 0.73 7.94 -0.59
C THR A 35 -0.59 8.72 -0.54
N LYS A 36 -1.58 8.17 0.11
CA LYS A 36 -2.90 8.87 0.19
C LYS A 36 -2.73 10.19 0.94
N LYS A 37 -1.73 10.28 1.78
CA LYS A 37 -1.52 11.53 2.55
C LYS A 37 -1.33 12.70 1.58
N LYS A 38 -0.67 12.48 0.49
CA LYS A 38 -0.46 13.59 -0.49
C LYS A 38 -1.82 14.18 -0.89
N TYR A 39 -2.77 13.33 -1.20
CA TYR A 39 -4.12 13.84 -1.60
C TYR A 39 -4.82 14.42 -0.38
N GLU A 40 -4.52 13.93 0.79
CA GLU A 40 -5.18 14.47 2.02
C GLU A 40 -6.68 14.19 1.93
N GLN A 41 -7.09 13.29 1.09
CA GLN A 41 -8.54 12.98 0.96
C GLN A 41 -8.84 11.61 1.59
N GLU A 42 -7.85 10.98 2.15
CA GLU A 42 -8.08 9.65 2.77
C GLU A 42 -8.61 8.68 1.70
N ILE A 43 -7.99 8.65 0.55
CA ILE A 43 -8.46 7.74 -0.53
C ILE A 43 -7.84 6.36 -0.35
N ASP A 44 -8.46 5.34 -0.87
CA ASP A 44 -7.89 3.97 -0.74
C ASP A 44 -6.79 3.79 -1.78
N VAL A 45 -5.59 3.49 -1.35
CA VAL A 45 -4.48 3.33 -2.32
C VAL A 45 -3.70 2.05 -1.98
N ARG A 46 -3.33 1.31 -3.00
CA ARG A 46 -2.57 0.05 -2.76
C ARG A 46 -1.22 0.14 -3.48
N VAL A 47 -0.15 -0.18 -2.80
CA VAL A 47 1.19 -0.10 -3.45
C VAL A 47 1.86 -1.48 -3.43
N GLN A 48 2.42 -1.90 -4.53
CA GLN A 48 3.10 -3.22 -4.57
C GLN A 48 4.60 -2.99 -4.78
N ILE A 49 5.43 -3.72 -4.08
CA ILE A 49 6.91 -3.53 -4.24
C ILE A 49 7.48 -4.58 -5.19
N ASP A 50 8.56 -4.25 -5.85
CA ASP A 50 9.19 -5.23 -6.79
C ASP A 50 10.61 -5.53 -6.32
N ARG A 51 10.87 -6.74 -5.90
CA ARG A 51 12.24 -7.08 -5.41
C ARG A 51 13.20 -7.13 -6.61
N LYS A 52 12.79 -7.72 -7.69
CA LYS A 52 13.69 -7.80 -8.88
C LYS A 52 14.22 -6.40 -9.22
N SER A 53 13.35 -5.43 -9.24
CA SER A 53 13.80 -4.04 -9.57
C SER A 53 14.15 -3.30 -8.28
N GLY A 54 13.36 -3.49 -7.25
CA GLY A 54 13.64 -2.79 -5.97
C GLY A 54 12.80 -1.52 -5.90
N ASP A 55 11.62 -1.57 -6.47
CA ASP A 55 10.74 -0.37 -6.44
C ASP A 55 9.28 -0.81 -6.28
N PHE A 56 8.42 0.07 -5.87
CA PHE A 56 6.99 -0.32 -5.70
C PHE A 56 6.09 0.59 -6.55
N ASP A 57 4.97 0.08 -6.98
CA ASP A 57 4.04 0.90 -7.80
C ASP A 57 2.89 1.38 -6.93
N THR A 58 2.25 2.46 -7.30
CA THR A 58 1.12 2.97 -6.47
C THR A 58 -0.20 2.82 -7.24
N PHE A 59 -1.19 2.25 -6.61
CA PHE A 59 -2.50 2.07 -7.28
C PHE A 59 -3.63 2.50 -6.33
N ARG A 60 -4.76 2.89 -6.86
CA ARG A 60 -5.88 3.30 -5.98
C ARG A 60 -7.14 2.54 -6.37
N ARG A 61 -8.00 2.23 -5.44
CA ARG A 61 -9.23 1.47 -5.79
C ARG A 61 -10.46 2.10 -5.15
N TRP A 62 -11.61 1.91 -5.74
CA TRP A 62 -12.87 2.48 -5.18
C TRP A 62 -13.99 1.45 -5.35
N LEU A 63 -15.00 1.52 -4.53
CA LEU A 63 -16.12 0.54 -4.63
C LEU A 63 -17.34 1.22 -5.27
N VAL A 64 -17.92 0.60 -6.27
CA VAL A 64 -19.10 1.21 -6.94
C VAL A 64 -20.26 1.32 -5.95
N VAL A 65 -20.78 2.50 -5.76
CA VAL A 65 -21.91 2.66 -4.81
C VAL A 65 -23.05 3.44 -5.46
N ASP A 66 -24.26 3.15 -5.09
CA ASP A 66 -25.40 3.91 -5.66
C ASP A 66 -25.50 5.25 -4.95
N GLU A 67 -24.86 5.36 -3.81
CA GLU A 67 -24.88 6.63 -3.04
C GLU A 67 -23.59 6.75 -2.24
N VAL A 68 -22.46 6.67 -2.92
CA VAL A 68 -21.15 6.76 -2.23
C VAL A 68 -21.21 7.74 -1.06
N THR A 69 -21.00 7.28 0.13
CA THR A 69 -21.02 8.19 1.31
C THR A 69 -19.65 8.85 1.43
N GLN A 70 -18.66 8.29 0.79
CA GLN A 70 -17.28 8.86 0.85
C GLN A 70 -16.57 8.56 -0.47
N PRO A 71 -16.57 9.54 -1.40
CA PRO A 71 -15.93 9.39 -2.72
C PRO A 71 -14.40 9.27 -2.62
N THR A 72 -13.86 9.37 -1.44
CA THR A 72 -12.38 9.25 -1.29
C THR A 72 -11.98 7.78 -1.36
N LYS A 73 -12.75 6.91 -0.76
CA LYS A 73 -12.42 5.46 -0.80
C LYS A 73 -13.58 4.70 -1.45
N GLU A 74 -14.56 5.39 -1.95
CA GLU A 74 -15.71 4.72 -2.59
C GLU A 74 -16.06 5.45 -3.89
N ILE A 75 -16.58 4.74 -4.87
CA ILE A 75 -16.94 5.40 -6.15
C ILE A 75 -18.42 5.15 -6.45
N THR A 76 -19.13 6.15 -6.90
CA THR A 76 -20.56 5.95 -7.20
C THR A 76 -20.70 5.18 -8.52
N LEU A 77 -21.89 4.78 -8.87
CA LEU A 77 -22.08 4.03 -10.14
C LEU A 77 -21.80 4.97 -11.31
N GLU A 78 -22.33 6.16 -11.27
CA GLU A 78 -22.10 7.11 -12.40
C GLU A 78 -20.60 7.22 -12.68
N ALA A 79 -19.81 7.49 -11.67
CA ALA A 79 -18.34 7.59 -11.87
C ALA A 79 -17.80 6.21 -12.28
N ALA A 80 -18.41 5.17 -11.77
CA ALA A 80 -17.93 3.80 -12.12
C ALA A 80 -18.04 3.58 -13.63
N ARG A 81 -19.12 4.03 -14.23
CA ARG A 81 -19.28 3.83 -15.69
C ARG A 81 -18.34 4.79 -16.43
N TYR A 82 -18.00 5.90 -15.84
CA TYR A 82 -17.08 6.85 -16.53
C TYR A 82 -15.69 6.21 -16.62
N GLU A 83 -15.29 5.49 -15.61
CA GLU A 83 -13.96 4.83 -15.64
C GLU A 83 -14.08 3.48 -16.36
N ASP A 84 -15.28 3.00 -16.53
CA ASP A 84 -15.46 1.69 -17.22
C ASP A 84 -16.94 1.29 -17.16
N GLU A 85 -17.68 1.62 -18.18
CA GLU A 85 -19.13 1.27 -18.18
C GLU A 85 -19.31 -0.18 -17.73
N SER A 86 -18.30 -0.99 -17.90
CA SER A 86 -18.42 -2.42 -17.48
C SER A 86 -18.59 -2.49 -15.96
N LEU A 87 -18.10 -1.51 -15.24
CA LEU A 87 -18.24 -1.53 -13.76
C LEU A 87 -19.73 -1.50 -13.39
N ASN A 88 -20.09 -2.15 -12.32
CA ASN A 88 -21.52 -2.17 -11.90
C ASN A 88 -21.61 -1.99 -10.38
N LEU A 89 -22.79 -1.96 -9.85
CA LEU A 89 -22.95 -1.79 -8.38
C LEU A 89 -22.34 -2.99 -7.66
N GLY A 90 -21.40 -2.75 -6.78
CA GLY A 90 -20.76 -3.88 -6.04
C GLY A 90 -19.43 -4.23 -6.71
N ASP A 91 -19.05 -3.53 -7.74
CA ASP A 91 -17.76 -3.83 -8.41
C ASP A 91 -16.68 -2.90 -7.88
N TYR A 92 -15.44 -3.30 -7.93
CA TYR A 92 -14.34 -2.45 -7.42
C TYR A 92 -13.64 -1.77 -8.60
N VAL A 93 -13.30 -0.52 -8.46
CA VAL A 93 -12.62 0.20 -9.57
C VAL A 93 -11.12 0.27 -9.28
N GLU A 94 -10.30 0.04 -10.26
CA GLU A 94 -8.83 0.08 -10.02
C GLU A 94 -8.21 1.18 -10.90
N ASP A 95 -7.18 1.83 -10.42
CA ASP A 95 -6.54 2.91 -11.23
C ASP A 95 -5.08 3.05 -10.81
N GLN A 96 -4.23 3.45 -11.72
CA GLN A 96 -2.79 3.59 -11.38
C GLN A 96 -2.50 5.07 -11.04
N ILE A 97 -1.78 5.30 -9.98
CA ILE A 97 -1.46 6.72 -9.60
C ILE A 97 0.06 6.88 -9.47
N GLU A 98 0.53 8.10 -9.48
CA GLU A 98 2.00 8.32 -9.36
C GLU A 98 2.50 7.68 -8.06
N SER A 99 3.74 7.28 -8.03
CA SER A 99 4.29 6.65 -6.79
C SER A 99 5.30 7.59 -6.14
N VAL A 100 5.53 7.43 -4.87
CA VAL A 100 6.51 8.32 -4.18
C VAL A 100 7.89 7.67 -4.20
N THR A 101 8.89 8.38 -4.66
CA THR A 101 10.26 7.81 -4.71
C THR A 101 10.83 7.69 -3.30
N PHE A 102 11.28 6.53 -2.92
CA PHE A 102 11.84 6.35 -1.55
C PHE A 102 13.18 7.09 -1.46
N ASP A 103 14.03 6.92 -2.45
CA ASP A 103 15.35 7.62 -2.41
C ASP A 103 15.13 9.12 -2.33
N ARG A 104 13.98 9.59 -2.72
CA ARG A 104 13.70 11.05 -2.67
C ARG A 104 13.33 11.45 -1.24
N ILE A 105 12.77 10.53 -0.48
CA ILE A 105 12.39 10.85 0.92
C ILE A 105 13.06 9.85 1.86
N THR A 106 13.75 10.33 2.86
CA THR A 106 14.44 9.41 3.81
C THR A 106 13.90 9.64 5.23
N THR A 107 12.99 8.82 5.67
CA THR A 107 12.43 8.99 7.04
C THR A 107 12.54 7.66 7.79
N GLN A 108 12.84 7.71 9.07
CA GLN A 108 12.95 6.45 9.86
C GLN A 108 11.56 5.96 10.25
N THR A 109 10.56 6.77 10.07
CA THR A 109 9.17 6.35 10.43
C THR A 109 8.82 5.05 9.70
N ALA A 110 9.21 4.95 8.45
CA ALA A 110 8.89 3.72 7.67
C ALA A 110 9.44 2.50 8.41
N LYS A 111 10.57 2.64 9.06
CA LYS A 111 11.16 1.49 9.80
C LYS A 111 10.30 1.18 11.03
N GLN A 112 9.69 2.18 11.60
CA GLN A 112 8.83 1.95 12.80
C GLN A 112 7.71 0.97 12.45
N VAL A 113 7.11 1.14 11.31
CA VAL A 113 6.01 0.21 10.92
C VAL A 113 6.57 -1.20 10.71
N ILE A 114 7.85 -1.31 10.43
CA ILE A 114 8.45 -2.65 10.21
C ILE A 114 8.57 -3.37 11.56
N VAL A 115 9.05 -2.69 12.57
CA VAL A 115 9.20 -3.33 13.90
C VAL A 115 7.82 -3.52 14.53
N GLN A 116 6.94 -2.58 14.34
CA GLN A 116 5.57 -2.70 14.93
C GLN A 116 4.90 -3.96 14.40
N LYS A 117 4.89 -4.14 13.10
CA LYS A 117 4.25 -5.35 12.52
C LYS A 117 4.96 -6.60 13.02
N VAL A 118 6.27 -6.60 12.99
CA VAL A 118 7.03 -7.79 13.47
C VAL A 118 6.79 -7.98 14.97
N ARG A 119 6.80 -6.91 15.72
CA ARG A 119 6.57 -7.02 17.19
C ARG A 119 5.18 -7.59 17.44
N GLU A 120 4.22 -7.26 16.62
CA GLU A 120 2.84 -7.79 16.82
C GLU A 120 2.86 -9.31 16.69
N ALA A 121 3.72 -9.84 15.88
CA ALA A 121 3.78 -11.32 15.72
C ALA A 121 4.01 -11.97 17.08
N GLU A 122 4.80 -11.36 17.92
CA GLU A 122 5.07 -11.94 19.26
C GLU A 122 3.76 -12.01 20.06
N ARG A 123 2.85 -11.11 19.81
CA ARG A 123 1.56 -11.13 20.54
C ARG A 123 0.88 -12.49 20.36
N ALA A 124 0.98 -13.05 19.18
CA ALA A 124 0.35 -14.38 18.94
C ALA A 124 1.27 -15.49 19.44
N MET A 125 0.87 -16.20 20.45
CA MET A 125 1.73 -17.30 20.98
C MET A 125 1.95 -18.35 19.88
N LEU A 126 0.95 -18.60 19.09
CA LEU A 126 1.10 -19.62 18.00
C LEU A 126 2.27 -19.22 17.09
N VAL A 127 2.42 -17.96 16.81
CA VAL A 127 3.52 -17.52 15.93
C VAL A 127 4.86 -17.82 16.60
N PRO A 128 5.84 -18.34 15.82
CA PRO A 128 7.16 -18.68 16.33
C PRO A 128 7.98 -17.43 16.69
N ARG A 129 8.78 -17.51 17.71
CA ARG A 129 9.61 -16.33 18.11
C ARG A 129 10.55 -15.96 16.96
N MET A 1 12.03 0.87 -9.81
CA MET A 1 13.28 0.09 -9.62
C MET A 1 14.17 0.79 -8.60
N ASN A 2 13.79 0.76 -7.35
CA ASN A 2 14.61 1.43 -6.30
C ASN A 2 15.43 0.38 -5.55
N LYS A 3 16.72 0.43 -5.67
CA LYS A 3 17.58 -0.57 -4.97
C LYS A 3 17.50 -0.33 -3.46
N GLU A 4 17.31 0.89 -3.04
CA GLU A 4 17.21 1.17 -1.58
C GLU A 4 16.03 0.41 -0.98
N ILE A 5 14.94 0.33 -1.70
CA ILE A 5 13.76 -0.41 -1.17
C ILE A 5 14.10 -1.90 -1.05
N LEU A 6 14.65 -2.48 -2.08
CA LEU A 6 15.00 -3.92 -2.03
C LEU A 6 16.14 -4.13 -1.01
N ALA A 7 17.00 -3.16 -0.87
CA ALA A 7 18.12 -3.30 0.10
C ALA A 7 17.58 -3.22 1.53
N VAL A 8 16.59 -2.39 1.75
CA VAL A 8 16.02 -2.26 3.12
C VAL A 8 15.29 -3.56 3.50
N VAL A 9 14.71 -4.22 2.54
CA VAL A 9 13.99 -5.48 2.84
C VAL A 9 14.99 -6.57 3.24
N GLU A 10 16.14 -6.59 2.62
CA GLU A 10 17.16 -7.62 2.98
C GLU A 10 17.71 -7.35 4.37
N ALA A 11 17.80 -6.10 4.75
CA ALA A 11 18.35 -5.77 6.10
C ALA A 11 17.35 -6.19 7.17
N VAL A 12 16.08 -6.08 6.89
CA VAL A 12 15.04 -6.47 7.90
C VAL A 12 14.85 -7.98 7.86
N SER A 13 15.05 -8.59 6.72
CA SER A 13 14.86 -10.07 6.62
C SER A 13 16.02 -10.78 7.33
N ASN A 14 17.21 -10.25 7.21
CA ASN A 14 18.38 -10.89 7.88
C ASN A 14 18.34 -10.60 9.38
N GLU A 15 17.91 -9.42 9.75
CA GLU A 15 17.86 -9.07 11.20
C GLU A 15 16.67 -9.79 11.86
N LYS A 16 15.52 -9.73 11.23
CA LYS A 16 14.32 -10.40 11.82
C LYS A 16 14.20 -11.83 11.26
N ALA A 17 15.12 -12.22 10.42
CA ALA A 17 15.05 -13.60 9.85
C ALA A 17 13.62 -13.91 9.42
N LEU A 18 12.95 -12.98 8.80
CA LEU A 18 11.55 -13.23 8.36
C LEU A 18 11.48 -13.17 6.84
N PRO A 19 10.33 -13.57 6.26
CA PRO A 19 10.13 -13.56 4.81
C PRO A 19 10.08 -12.14 4.24
N ARG A 20 10.84 -11.86 3.22
CA ARG A 20 10.84 -10.51 2.63
C ARG A 20 9.41 -10.07 2.33
N GLU A 21 8.59 -10.97 1.86
CA GLU A 21 7.18 -10.61 1.55
C GLU A 21 6.57 -9.85 2.72
N LYS A 22 6.69 -10.39 3.91
CA LYS A 22 6.12 -9.70 5.10
C LYS A 22 6.68 -8.27 5.16
N ILE A 23 7.98 -8.13 5.02
CA ILE A 23 8.58 -6.76 5.08
C ILE A 23 7.92 -5.87 4.03
N PHE A 24 7.81 -6.36 2.81
CA PHE A 24 7.18 -5.53 1.75
C PHE A 24 5.80 -5.05 2.23
N GLU A 25 5.12 -5.84 3.01
CA GLU A 25 3.78 -5.41 3.51
C GLU A 25 3.94 -4.16 4.39
N ALA A 26 4.98 -4.12 5.17
CA ALA A 26 5.19 -2.93 6.04
C ALA A 26 5.53 -1.71 5.19
N LEU A 27 6.38 -1.88 4.21
CA LEU A 27 6.75 -0.73 3.35
C LEU A 27 5.53 -0.30 2.52
N GLU A 28 4.74 -1.25 2.08
CA GLU A 28 3.54 -0.90 1.28
C GLU A 28 2.51 -0.19 2.17
N SER A 29 2.46 -0.56 3.42
CA SER A 29 1.48 0.10 4.34
C SER A 29 1.92 1.53 4.62
N ALA A 30 3.20 1.77 4.68
CA ALA A 30 3.68 3.16 4.95
C ALA A 30 3.52 4.02 3.71
N LEU A 31 3.63 3.42 2.55
CA LEU A 31 3.48 4.20 1.29
C LEU A 31 2.01 4.58 1.09
N ALA A 32 1.11 3.66 1.29
CA ALA A 32 -0.34 3.97 1.13
C ALA A 32 -0.83 4.78 2.32
N THR A 33 -0.50 4.37 3.52
CA THR A 33 -0.96 5.12 4.71
C THR A 33 -0.53 6.59 4.59
N ALA A 34 0.68 6.83 4.16
CA ALA A 34 1.16 8.23 4.03
C ALA A 34 0.53 8.88 2.79
N THR A 35 0.47 8.17 1.70
CA THR A 35 -0.12 8.75 0.46
C THR A 35 -1.53 9.28 0.75
N LYS A 36 -2.28 8.58 1.55
CA LYS A 36 -3.66 9.04 1.87
C LYS A 36 -3.62 10.38 2.59
N LYS A 37 -2.72 10.54 3.53
CA LYS A 37 -2.64 11.83 4.26
C LYS A 37 -2.39 12.97 3.27
N LYS A 38 -1.66 12.71 2.22
CA LYS A 38 -1.37 13.77 1.22
C LYS A 38 -2.70 14.32 0.68
N TYR A 39 -3.68 13.47 0.50
CA TYR A 39 -4.99 13.95 -0.02
C TYR A 39 -5.81 14.54 1.13
N GLU A 40 -5.80 13.91 2.27
CA GLU A 40 -6.58 14.44 3.43
C GLU A 40 -8.07 14.29 3.15
N GLN A 41 -8.43 13.46 2.22
CA GLN A 41 -9.88 13.27 1.90
C GLN A 41 -10.29 11.85 2.27
N GLU A 42 -9.60 11.24 3.20
CA GLU A 42 -9.95 9.85 3.61
C GLU A 42 -10.19 9.01 2.35
N ILE A 43 -9.24 8.99 1.45
CA ILE A 43 -9.41 8.19 0.20
C ILE A 43 -8.70 6.84 0.35
N ASP A 44 -9.15 5.85 -0.37
CA ASP A 44 -8.51 4.51 -0.28
C ASP A 44 -7.32 4.44 -1.24
N VAL A 45 -6.14 4.26 -0.72
CA VAL A 45 -4.94 4.18 -1.60
C VAL A 45 -4.22 2.86 -1.39
N ARG A 46 -3.75 2.25 -2.44
CA ARG A 46 -3.04 0.95 -2.30
C ARG A 46 -1.71 1.02 -3.07
N VAL A 47 -0.61 0.99 -2.37
CA VAL A 47 0.71 1.06 -3.06
C VAL A 47 1.25 -0.35 -3.28
N GLN A 48 1.68 -0.64 -4.47
CA GLN A 48 2.23 -2.00 -4.76
C GLN A 48 3.67 -1.85 -5.26
N ILE A 49 4.57 -2.67 -4.79
CA ILE A 49 5.99 -2.56 -5.23
C ILE A 49 6.40 -3.86 -5.94
N ASP A 50 7.31 -3.77 -6.88
CA ASP A 50 7.77 -4.99 -7.60
C ASP A 50 9.12 -5.42 -7.03
N ARG A 51 9.20 -6.59 -6.47
CA ARG A 51 10.49 -7.07 -5.89
C ARG A 51 11.40 -7.59 -7.01
N LYS A 52 10.82 -8.10 -8.06
CA LYS A 52 11.65 -8.64 -9.18
C LYS A 52 12.56 -7.53 -9.71
N SER A 53 12.15 -6.30 -9.58
CA SER A 53 12.99 -5.18 -10.09
C SER A 53 13.08 -4.07 -9.03
N GLY A 54 12.03 -3.87 -8.26
CA GLY A 54 12.06 -2.81 -7.23
C GLY A 54 11.26 -1.60 -7.73
N ASP A 55 10.12 -1.85 -8.30
CA ASP A 55 9.28 -0.73 -8.82
C ASP A 55 8.37 -0.21 -7.71
N PHE A 56 8.42 1.06 -7.44
CA PHE A 56 7.55 1.65 -6.37
C PHE A 56 6.44 2.47 -7.03
N ASP A 57 5.21 2.08 -6.87
CA ASP A 57 4.09 2.84 -7.48
C ASP A 57 2.90 2.90 -6.52
N THR A 58 2.11 3.93 -6.62
CA THR A 58 0.93 4.04 -5.71
C THR A 58 -0.35 3.86 -6.52
N PHE A 59 -1.36 3.26 -5.94
CA PHE A 59 -2.63 3.04 -6.68
C PHE A 59 -3.81 3.47 -5.81
N ARG A 60 -4.90 3.83 -6.41
CA ARG A 60 -6.09 4.25 -5.62
C ARG A 60 -7.27 3.34 -5.97
N ARG A 61 -7.96 2.83 -4.99
CA ARG A 61 -9.10 1.93 -5.29
C ARG A 61 -10.43 2.62 -4.96
N TRP A 62 -11.51 2.17 -5.53
CA TRP A 62 -12.83 2.78 -5.26
C TRP A 62 -13.91 1.70 -5.25
N LEU A 63 -14.97 1.89 -4.50
CA LEU A 63 -16.04 0.87 -4.45
C LEU A 63 -17.18 1.30 -5.39
N VAL A 64 -17.75 0.37 -6.11
CA VAL A 64 -18.86 0.73 -7.04
C VAL A 64 -20.13 1.00 -6.24
N VAL A 65 -20.65 2.20 -6.33
CA VAL A 65 -21.88 2.52 -5.56
C VAL A 65 -22.97 3.02 -6.51
N ASP A 66 -24.19 2.59 -6.33
CA ASP A 66 -25.28 3.06 -7.21
C ASP A 66 -25.51 4.55 -6.94
N GLU A 67 -25.00 5.03 -5.85
CA GLU A 67 -25.16 6.49 -5.51
C GLU A 67 -24.01 6.91 -4.60
N VAL A 68 -22.80 6.70 -5.04
CA VAL A 68 -21.61 7.07 -4.21
C VAL A 68 -21.88 8.39 -3.46
N THR A 69 -21.91 8.33 -2.16
CA THR A 69 -22.16 9.57 -1.37
C THR A 69 -20.82 10.27 -1.11
N GLN A 70 -19.74 9.55 -1.21
CA GLN A 70 -18.41 10.15 -0.98
C GLN A 70 -17.44 9.66 -2.05
N PRO A 71 -17.22 10.46 -3.09
CA PRO A 71 -16.31 10.11 -4.20
C PRO A 71 -14.85 10.11 -3.77
N THR A 72 -14.58 10.40 -2.53
CA THR A 72 -13.17 10.41 -2.06
C THR A 72 -12.72 8.98 -1.76
N LYS A 73 -13.64 8.06 -1.66
CA LYS A 73 -13.25 6.66 -1.36
C LYS A 73 -14.30 5.71 -1.96
N GLU A 74 -15.10 6.21 -2.86
CA GLU A 74 -16.13 5.35 -3.50
C GLU A 74 -16.38 5.85 -4.92
N ILE A 75 -16.85 5.00 -5.80
CA ILE A 75 -17.09 5.46 -7.20
C ILE A 75 -18.50 5.04 -7.64
N THR A 76 -19.26 5.96 -8.16
CA THR A 76 -20.63 5.62 -8.63
C THR A 76 -20.53 4.59 -9.76
N LEU A 77 -21.57 3.83 -9.99
CA LEU A 77 -21.51 2.83 -11.08
C LEU A 77 -21.11 3.51 -12.39
N GLU A 78 -21.81 4.54 -12.75
CA GLU A 78 -21.47 5.26 -14.02
C GLU A 78 -19.97 5.52 -14.05
N ALA A 79 -19.43 6.11 -13.01
CA ALA A 79 -17.96 6.38 -12.99
C ALA A 79 -17.22 5.06 -13.20
N ALA A 80 -17.75 3.99 -12.70
CA ALA A 80 -17.09 2.67 -12.87
C ALA A 80 -17.13 2.28 -14.35
N ARG A 81 -18.28 2.38 -14.96
CA ARG A 81 -18.38 2.02 -16.40
C ARG A 81 -17.34 2.82 -17.19
N TYR A 82 -17.23 4.09 -16.92
CA TYR A 82 -16.23 4.92 -17.64
C TYR A 82 -14.84 4.33 -17.44
N GLU A 83 -14.54 3.87 -16.26
CA GLU A 83 -13.21 3.27 -16.00
C GLU A 83 -13.21 1.81 -16.43
N ASP A 84 -14.37 1.20 -16.44
CA ASP A 84 -14.44 -0.24 -16.85
C ASP A 84 -15.88 -0.73 -16.71
N GLU A 85 -16.55 -0.97 -17.81
CA GLU A 85 -17.96 -1.45 -17.74
C GLU A 85 -18.00 -2.81 -17.02
N SER A 86 -16.87 -3.42 -16.83
CA SER A 86 -16.85 -4.74 -16.14
C SER A 86 -16.96 -4.53 -14.63
N LEU A 87 -17.16 -3.31 -14.19
CA LEU A 87 -17.28 -3.05 -12.73
C LEU A 87 -18.75 -3.03 -12.33
N ASN A 88 -19.05 -3.42 -11.12
CA ASN A 88 -20.47 -3.42 -10.67
C ASN A 88 -20.52 -3.13 -9.17
N LEU A 89 -21.70 -2.91 -8.64
CA LEU A 89 -21.82 -2.62 -7.19
C LEU A 89 -21.19 -3.76 -6.39
N GLY A 90 -20.27 -3.44 -5.51
CA GLY A 90 -19.62 -4.51 -4.71
C GLY A 90 -18.19 -4.73 -5.23
N ASP A 91 -17.93 -4.31 -6.44
CA ASP A 91 -16.56 -4.48 -7.00
C ASP A 91 -15.71 -3.27 -6.65
N TYR A 92 -14.41 -3.38 -6.77
CA TYR A 92 -13.53 -2.22 -6.43
C TYR A 92 -12.80 -1.75 -7.69
N VAL A 93 -12.84 -0.48 -7.96
CA VAL A 93 -12.14 0.05 -9.18
C VAL A 93 -10.68 0.35 -8.83
N GLU A 94 -9.77 0.05 -9.72
CA GLU A 94 -8.34 0.31 -9.44
C GLU A 94 -7.86 1.48 -10.30
N ASP A 95 -6.92 2.24 -9.82
CA ASP A 95 -6.41 3.40 -10.61
C ASP A 95 -5.02 3.79 -10.10
N GLN A 96 -4.17 4.25 -10.98
CA GLN A 96 -2.80 4.66 -10.54
C GLN A 96 -2.82 6.12 -10.12
N ILE A 97 -2.21 6.43 -9.00
CA ILE A 97 -2.20 7.85 -8.54
C ILE A 97 -0.78 8.23 -8.11
N GLU A 98 -0.51 9.50 -8.01
CA GLU A 98 0.85 9.95 -7.58
C GLU A 98 1.33 9.10 -6.41
N SER A 99 2.61 8.91 -6.28
CA SER A 99 3.13 8.08 -5.15
C SER A 99 4.03 8.94 -4.26
N VAL A 100 4.21 8.53 -3.03
CA VAL A 100 5.07 9.32 -2.10
C VAL A 100 6.51 8.82 -2.19
N THR A 101 7.45 9.71 -2.35
CA THR A 101 8.87 9.27 -2.44
C THR A 101 9.16 8.24 -1.35
N PHE A 102 10.02 7.30 -1.62
CA PHE A 102 10.36 6.26 -0.59
C PHE A 102 10.67 6.95 0.74
N ASP A 103 11.79 7.62 0.81
CA ASP A 103 12.16 8.31 2.08
C ASP A 103 13.53 8.99 1.92
N ARG A 104 13.97 9.70 2.92
CA ARG A 104 15.29 10.38 2.81
C ARG A 104 16.37 9.36 2.48
N ILE A 105 17.49 9.79 1.95
CA ILE A 105 18.57 8.84 1.59
C ILE A 105 18.84 7.91 2.79
N THR A 106 18.50 8.34 3.97
CA THR A 106 18.74 7.49 5.17
C THR A 106 17.67 6.41 5.26
N THR A 107 18.05 5.20 5.57
CA THR A 107 17.05 4.09 5.66
C THR A 107 16.56 3.97 7.11
N GLN A 108 17.15 4.70 8.01
CA GLN A 108 16.71 4.63 9.43
C GLN A 108 15.26 5.11 9.55
N THR A 109 14.86 6.03 8.72
CA THR A 109 13.46 6.54 8.80
C THR A 109 12.50 5.43 8.38
N ALA A 110 12.83 4.68 7.36
CA ALA A 110 11.93 3.58 6.92
C ALA A 110 12.01 2.42 7.91
N LYS A 111 13.11 2.30 8.61
CA LYS A 111 13.25 1.18 9.58
C LYS A 111 12.19 1.32 10.67
N GLN A 112 11.76 2.53 10.95
CA GLN A 112 10.73 2.74 12.00
C GLN A 112 9.41 2.12 11.55
N VAL A 113 9.09 2.21 10.29
CA VAL A 113 7.81 1.64 9.79
C VAL A 113 7.93 0.11 9.73
N ILE A 114 9.09 -0.39 9.38
CA ILE A 114 9.26 -1.87 9.30
C ILE A 114 9.26 -2.46 10.71
N VAL A 115 10.01 -1.89 11.61
CA VAL A 115 10.05 -2.42 13.00
C VAL A 115 8.69 -2.25 13.66
N GLN A 116 8.11 -1.08 13.55
CA GLN A 116 6.77 -0.86 14.18
C GLN A 116 5.73 -1.78 13.53
N LYS A 117 5.70 -1.83 12.23
CA LYS A 117 4.70 -2.70 11.55
C LYS A 117 5.02 -4.18 11.86
N VAL A 118 6.27 -4.51 11.99
CA VAL A 118 6.64 -5.92 12.28
C VAL A 118 6.17 -6.29 13.69
N ARG A 119 6.32 -5.41 14.63
CA ARG A 119 5.88 -5.71 16.03
C ARG A 119 4.37 -5.92 16.05
N GLU A 120 3.64 -5.16 15.28
CA GLU A 120 2.17 -5.32 15.26
C GLU A 120 1.80 -6.69 14.69
N ALA A 121 2.60 -7.19 13.78
CA ALA A 121 2.30 -8.53 13.18
C ALA A 121 2.34 -9.60 14.27
N GLU A 122 3.20 -9.44 15.23
CA GLU A 122 3.29 -10.46 16.33
C GLU A 122 1.95 -10.56 17.06
N ARG A 123 1.27 -9.45 17.23
CA ARG A 123 -0.04 -9.48 17.93
C ARG A 123 -0.99 -10.44 17.20
N ALA A 124 -0.93 -10.47 15.90
CA ALA A 124 -1.83 -11.38 15.14
C ALA A 124 -1.03 -12.59 14.65
N MET A 125 -1.67 -13.73 14.54
CA MET A 125 -0.95 -14.94 14.07
C MET A 125 -1.27 -15.18 12.60
N LEU A 126 -0.30 -15.58 11.82
CA LEU A 126 -0.55 -15.83 10.38
C LEU A 126 -1.65 -16.89 10.22
N VAL A 127 -1.66 -17.86 11.09
CA VAL A 127 -2.71 -18.93 10.99
C VAL A 127 -4.06 -18.35 11.37
N PRO A 128 -5.12 -18.74 10.65
CA PRO A 128 -6.48 -18.27 10.90
C PRO A 128 -7.04 -18.83 12.21
N ARG A 129 -6.43 -19.85 12.75
CA ARG A 129 -6.91 -20.44 14.02
C ARG A 129 -5.73 -20.67 14.97
N MET A 1 14.80 1.51 -10.93
CA MET A 1 15.34 0.39 -10.12
C MET A 1 16.04 0.95 -8.87
N ASN A 2 15.37 0.95 -7.76
CA ASN A 2 16.00 1.49 -6.51
C ASN A 2 16.59 0.34 -5.70
N LYS A 3 17.85 0.05 -5.88
CA LYS A 3 18.48 -1.06 -5.12
C LYS A 3 18.48 -0.72 -3.63
N GLU A 4 18.46 0.54 -3.30
CA GLU A 4 18.46 0.93 -1.86
C GLU A 4 17.24 0.34 -1.17
N ILE A 5 16.12 0.30 -1.84
CA ILE A 5 14.90 -0.28 -1.22
C ILE A 5 15.09 -1.78 -1.00
N LEU A 6 15.58 -2.47 -1.99
CA LEU A 6 15.79 -3.94 -1.83
C LEU A 6 16.90 -4.19 -0.79
N ALA A 7 17.80 -3.26 -0.65
CA ALA A 7 18.89 -3.44 0.34
C ALA A 7 18.33 -3.29 1.76
N VAL A 8 17.42 -2.37 1.94
CA VAL A 8 16.83 -2.18 3.30
C VAL A 8 16.04 -3.43 3.70
N VAL A 9 15.43 -4.09 2.75
CA VAL A 9 14.64 -5.30 3.09
C VAL A 9 15.59 -6.43 3.51
N GLU A 10 16.78 -6.46 2.96
CA GLU A 10 17.74 -7.54 3.33
C GLU A 10 18.17 -7.36 4.79
N ALA A 11 18.26 -6.14 5.25
CA ALA A 11 18.68 -5.91 6.66
C ALA A 11 17.51 -6.25 7.60
N VAL A 12 16.30 -6.05 7.15
CA VAL A 12 15.13 -6.37 8.02
C VAL A 12 14.83 -7.86 7.95
N SER A 13 15.12 -8.49 6.85
CA SER A 13 14.85 -9.95 6.73
C SER A 13 15.85 -10.73 7.59
N ASN A 14 17.09 -10.31 7.60
CA ASN A 14 18.11 -11.02 8.41
C ASN A 14 17.93 -10.65 9.89
N GLU A 15 17.59 -9.42 10.16
CA GLU A 15 17.40 -8.99 11.58
C GLU A 15 16.18 -9.70 12.16
N LYS A 16 15.10 -9.76 11.43
CA LYS A 16 13.88 -10.44 11.95
C LYS A 16 13.85 -11.88 11.47
N ALA A 17 14.67 -12.24 10.52
CA ALA A 17 14.69 -13.63 10.02
C ALA A 17 13.31 -13.97 9.44
N LEU A 18 12.66 -13.01 8.84
CA LEU A 18 11.32 -13.28 8.25
C LEU A 18 11.40 -13.19 6.73
N PRO A 19 10.33 -13.56 6.03
CA PRO A 19 10.28 -13.52 4.57
C PRO A 19 10.29 -12.08 4.04
N ARG A 20 11.12 -11.80 3.06
CA ARG A 20 11.20 -10.42 2.52
C ARG A 20 9.80 -9.96 2.10
N GLU A 21 9.01 -10.83 1.53
CA GLU A 21 7.65 -10.44 1.11
C GLU A 21 6.92 -9.79 2.28
N LYS A 22 7.04 -10.35 3.45
CA LYS A 22 6.34 -9.77 4.64
C LYS A 22 6.85 -8.34 4.87
N ILE A 23 8.13 -8.13 4.76
CA ILE A 23 8.68 -6.76 4.98
C ILE A 23 8.07 -5.80 3.95
N PHE A 24 8.06 -6.17 2.70
CA PHE A 24 7.48 -5.28 1.66
C PHE A 24 6.04 -4.93 2.03
N GLU A 25 5.33 -5.85 2.63
CA GLU A 25 3.92 -5.57 3.02
C GLU A 25 3.89 -4.37 3.95
N ALA A 26 4.78 -4.31 4.91
CA ALA A 26 4.80 -3.16 5.84
C ALA A 26 5.21 -1.90 5.09
N LEU A 27 6.22 -2.00 4.26
CA LEU A 27 6.67 -0.80 3.50
C LEU A 27 5.50 -0.27 2.65
N GLU A 28 4.79 -1.15 1.99
CA GLU A 28 3.65 -0.70 1.15
C GLU A 28 2.61 0.00 2.02
N SER A 29 2.33 -0.55 3.18
CA SER A 29 1.33 0.08 4.09
C SER A 29 1.80 1.48 4.47
N ALA A 30 3.09 1.68 4.58
CA ALA A 30 3.60 3.03 4.95
C ALA A 30 3.52 3.96 3.73
N LEU A 31 3.85 3.45 2.57
CA LEU A 31 3.79 4.30 1.34
C LEU A 31 2.33 4.66 1.03
N ALA A 32 1.44 3.72 1.22
CA ALA A 32 0.00 4.00 0.93
C ALA A 32 -0.54 4.98 1.97
N THR A 33 -0.41 4.65 3.23
CA THR A 33 -0.92 5.56 4.29
C THR A 33 -0.42 6.98 4.01
N ALA A 34 0.82 7.13 3.63
CA ALA A 34 1.35 8.49 3.34
C ALA A 34 0.75 9.00 2.04
N THR A 35 0.48 8.13 1.10
CA THR A 35 -0.11 8.56 -0.18
C THR A 35 -1.51 9.14 0.06
N LYS A 36 -2.34 8.41 0.77
CA LYS A 36 -3.72 8.91 1.05
C LYS A 36 -3.63 10.10 2.00
N LYS A 37 -2.80 10.00 3.01
CA LYS A 37 -2.68 11.13 3.98
C LYS A 37 -2.20 12.39 3.25
N LYS A 38 -1.42 12.23 2.22
CA LYS A 38 -0.93 13.41 1.46
C LYS A 38 -2.11 14.24 0.98
N TYR A 39 -3.03 13.62 0.27
CA TYR A 39 -4.21 14.37 -0.24
C TYR A 39 -5.11 14.75 0.94
N GLU A 40 -5.05 14.00 2.01
CA GLU A 40 -5.90 14.32 3.19
C GLU A 40 -7.37 14.10 2.83
N GLN A 41 -7.62 13.43 1.74
CA GLN A 41 -9.04 13.18 1.33
C GLN A 41 -9.47 11.80 1.83
N GLU A 42 -8.69 11.19 2.67
CA GLU A 42 -9.06 9.85 3.20
C GLU A 42 -9.42 8.93 2.03
N ILE A 43 -8.58 8.85 1.04
CA ILE A 43 -8.88 7.97 -0.13
C ILE A 43 -8.19 6.62 0.05
N ASP A 44 -8.69 5.60 -0.59
CA ASP A 44 -8.07 4.25 -0.45
C ASP A 44 -6.97 4.09 -1.51
N VAL A 45 -5.74 3.94 -1.08
CA VAL A 45 -4.63 3.78 -2.05
C VAL A 45 -3.82 2.53 -1.71
N ARG A 46 -3.29 1.86 -2.71
CA ARG A 46 -2.49 0.64 -2.45
C ARG A 46 -1.16 0.74 -3.19
N VAL A 47 -0.07 0.50 -2.50
CA VAL A 47 1.27 0.60 -3.16
C VAL A 47 1.86 -0.80 -3.32
N GLN A 48 2.32 -1.14 -4.49
CA GLN A 48 2.92 -2.48 -4.70
C GLN A 48 4.42 -2.30 -5.01
N ILE A 49 5.26 -3.12 -4.41
CA ILE A 49 6.72 -2.99 -4.68
C ILE A 49 7.20 -4.17 -5.51
N ASP A 50 8.13 -3.93 -6.40
CA ASP A 50 8.65 -5.03 -7.26
C ASP A 50 10.06 -5.40 -6.80
N ARG A 51 10.23 -6.58 -6.27
CA ARG A 51 11.58 -7.00 -5.79
C ARG A 51 12.53 -7.13 -6.99
N LYS A 52 12.09 -7.79 -8.04
CA LYS A 52 12.96 -7.94 -9.23
C LYS A 52 13.45 -6.58 -9.69
N SER A 53 12.54 -5.71 -10.05
CA SER A 53 12.94 -4.34 -10.50
C SER A 53 13.46 -3.56 -9.31
N GLY A 54 12.81 -3.66 -8.18
CA GLY A 54 13.28 -2.91 -6.98
C GLY A 54 12.55 -1.57 -6.94
N ASP A 55 11.31 -1.55 -7.35
CA ASP A 55 10.55 -0.27 -7.34
C ASP A 55 9.08 -0.55 -7.00
N PHE A 56 8.39 0.41 -6.45
CA PHE A 56 6.96 0.19 -6.10
C PHE A 56 6.11 1.31 -6.70
N ASP A 57 4.89 1.00 -7.08
CA ASP A 57 4.00 2.04 -7.67
C ASP A 57 2.78 2.24 -6.77
N THR A 58 2.15 3.38 -6.84
CA THR A 58 0.96 3.63 -5.99
C THR A 58 -0.31 3.51 -6.84
N PHE A 59 -1.33 2.90 -6.30
CA PHE A 59 -2.61 2.74 -7.08
C PHE A 59 -3.78 3.19 -6.21
N ARG A 60 -4.80 3.74 -6.82
CA ARG A 60 -5.99 4.19 -6.03
C ARG A 60 -7.19 3.33 -6.41
N ARG A 61 -7.91 2.84 -5.45
CA ARG A 61 -9.09 1.98 -5.78
C ARG A 61 -10.36 2.61 -5.21
N TRP A 62 -11.50 2.26 -5.75
CA TRP A 62 -12.78 2.83 -5.25
C TRP A 62 -13.87 1.75 -5.32
N LEU A 63 -14.88 1.86 -4.51
CA LEU A 63 -15.97 0.84 -4.54
C LEU A 63 -17.13 1.36 -5.39
N VAL A 64 -17.70 0.53 -6.21
CA VAL A 64 -18.85 0.98 -7.05
C VAL A 64 -20.05 1.28 -6.15
N VAL A 65 -20.53 2.48 -6.16
CA VAL A 65 -21.69 2.83 -5.29
C VAL A 65 -22.79 3.47 -6.13
N ASP A 66 -24.01 3.04 -5.95
CA ASP A 66 -25.13 3.65 -6.71
C ASP A 66 -25.39 5.05 -6.15
N GLU A 67 -25.05 5.24 -4.90
CA GLU A 67 -25.25 6.57 -4.26
C GLU A 67 -24.01 6.88 -3.40
N VAL A 68 -22.85 6.84 -4.00
CA VAL A 68 -21.59 7.11 -3.26
C VAL A 68 -21.82 8.13 -2.13
N THR A 69 -21.67 7.70 -0.90
CA THR A 69 -21.86 8.64 0.23
C THR A 69 -20.52 9.31 0.52
N GLN A 70 -19.45 8.73 0.03
CA GLN A 70 -18.10 9.33 0.26
C GLN A 70 -17.21 8.99 -0.94
N PRO A 71 -17.00 9.96 -1.84
CA PRO A 71 -16.18 9.77 -3.04
C PRO A 71 -14.70 9.57 -2.69
N THR A 72 -14.35 9.63 -1.43
CA THR A 72 -12.92 9.43 -1.06
C THR A 72 -12.55 7.96 -1.24
N LYS A 73 -13.44 7.06 -0.91
CA LYS A 73 -13.13 5.61 -1.06
C LYS A 73 -14.29 4.91 -1.77
N GLU A 74 -15.19 5.66 -2.35
CA GLU A 74 -16.34 5.04 -3.05
C GLU A 74 -16.54 5.71 -4.41
N ILE A 75 -16.80 4.94 -5.43
CA ILE A 75 -17.01 5.55 -6.78
C ILE A 75 -18.46 5.30 -7.22
N THR A 76 -19.10 6.30 -7.76
CA THR A 76 -20.51 6.14 -8.20
C THR A 76 -20.58 5.06 -9.29
N LEU A 77 -21.72 4.42 -9.42
CA LEU A 77 -21.86 3.36 -10.46
C LEU A 77 -21.62 3.97 -11.84
N GLU A 78 -22.31 5.03 -12.16
CA GLU A 78 -22.12 5.68 -13.48
C GLU A 78 -20.63 5.96 -13.71
N ALA A 79 -19.99 6.57 -12.77
CA ALA A 79 -18.53 6.87 -12.94
C ALA A 79 -17.77 5.56 -13.16
N ALA A 80 -18.18 4.52 -12.49
CA ALA A 80 -17.47 3.21 -12.67
C ALA A 80 -17.63 2.74 -14.12
N ARG A 81 -18.77 2.99 -14.71
CA ARG A 81 -18.98 2.56 -16.11
C ARG A 81 -18.08 3.39 -17.04
N TYR A 82 -17.96 4.66 -16.78
CA TYR A 82 -17.09 5.52 -17.64
C TYR A 82 -15.65 5.01 -17.57
N GLU A 83 -15.20 4.64 -16.41
CA GLU A 83 -13.80 4.14 -16.28
C GLU A 83 -13.75 2.67 -16.73
N ASP A 84 -14.82 1.96 -16.58
CA ASP A 84 -14.83 0.53 -17.00
C ASP A 84 -16.25 -0.03 -16.89
N GLU A 85 -16.95 -0.13 -17.99
CA GLU A 85 -18.34 -0.67 -17.94
C GLU A 85 -18.32 -2.08 -17.35
N SER A 86 -17.18 -2.69 -17.29
CA SER A 86 -17.11 -4.07 -16.72
C SER A 86 -17.22 -4.01 -15.19
N LEU A 87 -17.38 -2.84 -14.64
CA LEU A 87 -17.49 -2.72 -13.16
C LEU A 87 -18.97 -2.80 -12.75
N ASN A 88 -19.27 -3.52 -11.71
CA ASN A 88 -20.68 -3.64 -11.25
C ASN A 88 -20.77 -3.24 -9.78
N LEU A 89 -21.81 -2.55 -9.43
CA LEU A 89 -21.99 -2.11 -8.04
C LEU A 89 -21.53 -3.19 -7.06
N GLY A 90 -21.20 -2.78 -5.86
CA GLY A 90 -20.75 -3.76 -4.85
C GLY A 90 -19.32 -4.24 -5.18
N ASP A 91 -18.74 -3.73 -6.23
CA ASP A 91 -17.37 -4.14 -6.60
C ASP A 91 -16.38 -3.01 -6.32
N TYR A 92 -15.13 -3.20 -6.66
CA TYR A 92 -14.12 -2.14 -6.42
C TYR A 92 -13.44 -1.77 -7.75
N VAL A 93 -12.79 -0.64 -7.78
CA VAL A 93 -12.11 -0.23 -9.05
C VAL A 93 -10.64 0.04 -8.76
N GLU A 94 -9.81 0.07 -9.78
CA GLU A 94 -8.36 0.32 -9.57
C GLU A 94 -7.90 1.45 -10.48
N ASP A 95 -6.88 2.18 -10.10
CA ASP A 95 -6.39 3.28 -10.95
C ASP A 95 -4.97 3.65 -10.54
N GLN A 96 -4.15 4.05 -11.49
CA GLN A 96 -2.74 4.43 -11.14
C GLN A 96 -2.72 5.86 -10.61
N ILE A 97 -1.92 6.11 -9.62
CA ILE A 97 -1.85 7.49 -9.06
C ILE A 97 -0.40 7.86 -8.75
N GLU A 98 -0.09 9.12 -8.71
CA GLU A 98 1.29 9.54 -8.41
C GLU A 98 1.81 8.80 -7.18
N SER A 99 3.05 8.42 -7.17
CA SER A 99 3.60 7.68 -6.00
C SER A 99 4.70 8.52 -5.34
N VAL A 100 5.03 8.23 -4.11
CA VAL A 100 6.10 9.01 -3.42
C VAL A 100 7.47 8.46 -3.82
N THR A 101 8.42 9.31 -4.07
CA THR A 101 9.78 8.83 -4.45
C THR A 101 10.55 8.43 -3.20
N PHE A 102 11.25 7.33 -3.24
CA PHE A 102 12.04 6.89 -2.06
C PHE A 102 13.44 7.49 -2.12
N ASP A 103 13.68 8.37 -3.04
CA ASP A 103 15.03 8.99 -3.16
C ASP A 103 15.39 9.66 -1.83
N ARG A 104 14.42 10.18 -1.13
CA ARG A 104 14.71 10.85 0.17
C ARG A 104 15.65 9.96 1.00
N ILE A 105 16.72 10.52 1.49
CA ILE A 105 17.68 9.71 2.31
C ILE A 105 17.02 9.35 3.64
N THR A 106 16.06 10.12 4.06
CA THR A 106 15.38 9.83 5.36
C THR A 106 14.46 8.62 5.19
N THR A 107 14.62 7.62 6.01
CA THR A 107 13.75 6.41 5.88
C THR A 107 13.35 5.93 7.28
N GLN A 108 13.50 6.76 8.28
CA GLN A 108 13.14 6.35 9.66
C GLN A 108 11.64 6.04 9.71
N THR A 109 10.85 6.77 8.98
CA THR A 109 9.37 6.52 9.00
C THR A 109 9.10 5.08 8.56
N ALA A 110 9.82 4.61 7.58
CA ALA A 110 9.60 3.22 7.10
C ALA A 110 10.11 2.22 8.15
N LYS A 111 11.16 2.56 8.84
CA LYS A 111 11.71 1.65 9.88
C LYS A 111 10.68 1.48 11.00
N GLN A 112 10.00 2.53 11.35
CA GLN A 112 8.98 2.42 12.44
C GLN A 112 7.85 1.49 12.01
N VAL A 113 7.53 1.48 10.73
CA VAL A 113 6.45 0.58 10.25
C VAL A 113 6.90 -0.87 10.34
N ILE A 114 8.14 -1.14 10.00
CA ILE A 114 8.64 -2.54 10.06
C ILE A 114 8.71 -3.00 11.52
N VAL A 115 9.26 -2.19 12.38
CA VAL A 115 9.37 -2.58 13.81
C VAL A 115 7.97 -2.59 14.44
N GLN A 116 7.11 -1.69 14.02
CA GLN A 116 5.74 -1.66 14.61
C GLN A 116 5.03 -2.97 14.32
N LYS A 117 5.03 -3.41 13.09
CA LYS A 117 4.35 -4.69 12.75
C LYS A 117 5.09 -5.86 13.42
N VAL A 118 6.39 -5.84 13.40
CA VAL A 118 7.16 -6.95 14.03
C VAL A 118 6.99 -6.89 15.56
N ARG A 119 6.88 -5.71 16.10
CA ARG A 119 6.71 -5.60 17.58
C ARG A 119 5.47 -6.40 18.01
N GLU A 120 4.42 -6.34 17.25
CA GLU A 120 3.19 -7.09 17.63
C GLU A 120 3.49 -8.60 17.62
N ALA A 121 4.36 -9.04 16.75
CA ALA A 121 4.68 -10.49 16.70
C ALA A 121 5.48 -10.88 17.96
N GLU A 122 6.17 -9.93 18.54
CA GLU A 122 6.97 -10.25 19.75
C GLU A 122 6.04 -10.73 20.86
N ARG A 123 4.87 -10.15 20.96
CA ARG A 123 3.91 -10.58 22.02
C ARG A 123 3.63 -12.08 21.89
N ALA A 124 3.56 -12.57 20.69
CA ALA A 124 3.29 -14.02 20.49
C ALA A 124 4.54 -14.84 20.84
N MET A 125 4.35 -16.01 21.37
CA MET A 125 5.53 -16.85 21.75
C MET A 125 6.40 -17.08 20.51
N LEU A 126 5.80 -17.21 19.36
CA LEU A 126 6.59 -17.45 18.12
C LEU A 126 6.66 -16.15 17.31
N VAL A 127 7.83 -15.64 17.06
CA VAL A 127 7.95 -14.38 16.28
C VAL A 127 7.21 -14.55 14.94
N PRO A 128 7.60 -15.56 14.15
CA PRO A 128 6.97 -15.82 12.84
C PRO A 128 5.53 -16.31 13.00
N ARG A 129 4.66 -15.94 12.09
CA ARG A 129 3.25 -16.38 12.19
C ARG A 129 3.08 -17.71 11.46
N MET A 1 12.71 1.90 -10.27
CA MET A 1 13.66 0.80 -9.95
C MET A 1 14.54 1.20 -8.76
N ASN A 2 14.03 1.12 -7.57
CA ASN A 2 14.84 1.50 -6.38
C ASN A 2 15.49 0.25 -5.79
N LYS A 3 16.72 -0.02 -6.14
CA LYS A 3 17.40 -1.22 -5.58
C LYS A 3 17.56 -1.07 -4.07
N GLU A 4 17.66 0.14 -3.60
CA GLU A 4 17.82 0.35 -2.14
C GLU A 4 16.55 -0.11 -1.41
N ILE A 5 15.41 0.13 -1.99
CA ILE A 5 14.14 -0.31 -1.35
C ILE A 5 14.11 -1.82 -1.21
N LEU A 6 14.77 -2.52 -2.11
CA LEU A 6 14.78 -4.01 -2.04
C LEU A 6 15.72 -4.46 -0.92
N ALA A 7 16.77 -3.73 -0.70
CA ALA A 7 17.73 -4.12 0.38
C ALA A 7 17.11 -3.87 1.74
N VAL A 8 16.37 -2.79 1.89
CA VAL A 8 15.74 -2.49 3.20
C VAL A 8 14.70 -3.57 3.53
N VAL A 9 14.02 -4.09 2.54
CA VAL A 9 13.01 -5.14 2.79
C VAL A 9 13.70 -6.43 3.23
N GLU A 10 14.83 -6.74 2.65
CA GLU A 10 15.55 -7.98 3.04
C GLU A 10 16.18 -7.82 4.42
N ALA A 11 16.59 -6.62 4.76
CA ALA A 11 17.20 -6.39 6.09
C ALA A 11 16.18 -6.64 7.20
N VAL A 12 14.94 -6.36 6.94
CA VAL A 12 13.89 -6.57 7.98
C VAL A 12 13.50 -8.05 8.02
N SER A 13 13.57 -8.72 6.90
CA SER A 13 13.21 -10.16 6.87
C SER A 13 14.27 -10.98 7.61
N ASN A 14 15.48 -10.51 7.63
CA ASN A 14 16.56 -11.26 8.32
C ASN A 14 16.35 -11.20 9.84
N GLU A 15 15.89 -10.08 10.33
CA GLU A 15 15.66 -9.95 11.81
C GLU A 15 14.66 -10.99 12.28
N LYS A 16 13.52 -11.08 11.64
CA LYS A 16 12.50 -12.07 12.07
C LYS A 16 12.33 -13.14 10.98
N ALA A 17 13.29 -13.29 10.11
CA ALA A 17 13.16 -14.32 9.04
C ALA A 17 11.76 -14.26 8.44
N LEU A 18 11.12 -13.12 8.51
CA LEU A 18 9.75 -13.00 7.95
C LEU A 18 9.82 -13.04 6.41
N PRO A 19 8.67 -13.28 5.77
CA PRO A 19 8.58 -13.33 4.30
C PRO A 19 8.76 -11.96 3.65
N ARG A 20 9.56 -11.88 2.62
CA ARG A 20 9.77 -10.56 1.96
C ARG A 20 8.44 -10.01 1.47
N GLU A 21 7.60 -10.86 0.94
CA GLU A 21 6.28 -10.39 0.44
C GLU A 21 5.56 -9.63 1.55
N LYS A 22 5.35 -10.27 2.68
CA LYS A 22 4.65 -9.58 3.80
C LYS A 22 5.29 -8.21 4.03
N ILE A 23 6.58 -8.16 4.15
CA ILE A 23 7.26 -6.85 4.39
C ILE A 23 6.76 -5.83 3.37
N PHE A 24 6.80 -6.16 2.10
CA PHE A 24 6.33 -5.21 1.06
C PHE A 24 4.90 -4.77 1.39
N GLU A 25 4.12 -5.63 1.98
CA GLU A 25 2.73 -5.26 2.33
C GLU A 25 2.75 -4.13 3.36
N ALA A 26 3.61 -4.23 4.34
CA ALA A 26 3.68 -3.16 5.38
C ALA A 26 4.25 -1.89 4.75
N LEU A 27 5.28 -2.01 3.95
CA LEU A 27 5.88 -0.81 3.32
C LEU A 27 4.83 -0.11 2.46
N GLU A 28 4.06 -0.86 1.72
CA GLU A 28 3.02 -0.24 0.86
C GLU A 28 1.96 0.43 1.74
N SER A 29 1.67 -0.15 2.87
CA SER A 29 0.65 0.46 3.78
C SER A 29 1.20 1.75 4.37
N ALA A 30 2.47 1.77 4.71
CA ALA A 30 3.06 3.01 5.29
C ALA A 30 3.12 4.10 4.22
N LEU A 31 3.44 3.73 3.02
CA LEU A 31 3.52 4.75 1.92
C LEU A 31 2.12 5.26 1.59
N ALA A 32 1.17 4.37 1.42
CA ALA A 32 -0.21 4.81 1.11
C ALA A 32 -0.76 5.56 2.32
N THR A 33 -0.47 5.08 3.50
CA THR A 33 -0.97 5.77 4.72
C THR A 33 -0.46 7.21 4.72
N ALA A 34 0.78 7.40 4.38
CA ALA A 34 1.34 8.78 4.36
C ALA A 34 0.84 9.53 3.12
N THR A 35 0.56 8.83 2.05
CA THR A 35 0.08 9.51 0.82
C THR A 35 -1.30 10.13 1.06
N LYS A 36 -2.24 9.34 1.52
CA LYS A 36 -3.60 9.91 1.77
C LYS A 36 -3.48 11.18 2.62
N LYS A 37 -2.41 11.30 3.35
CA LYS A 37 -2.24 12.52 4.20
C LYS A 37 -2.27 13.76 3.31
N LYS A 38 -1.76 13.65 2.12
CA LYS A 38 -1.78 14.82 1.20
C LYS A 38 -3.23 15.28 1.02
N TYR A 39 -4.17 14.43 1.33
CA TYR A 39 -5.61 14.79 1.19
C TYR A 39 -6.32 14.39 2.48
N GLU A 40 -5.59 13.92 3.45
CA GLU A 40 -6.21 13.51 4.73
C GLU A 40 -7.18 12.35 4.48
N GLN A 41 -8.34 12.65 3.98
CA GLN A 41 -9.34 11.57 3.70
C GLN A 41 -10.03 11.83 2.37
N GLU A 42 -9.62 12.84 1.66
CA GLU A 42 -10.28 13.16 0.36
C GLU A 42 -10.20 11.95 -0.57
N ILE A 43 -9.22 11.11 -0.40
CA ILE A 43 -9.11 9.93 -1.30
C ILE A 43 -8.28 8.82 -0.65
N ASP A 44 -8.47 7.60 -1.09
CA ASP A 44 -7.68 6.46 -0.52
C ASP A 44 -6.53 6.15 -1.46
N VAL A 45 -5.35 5.97 -0.95
CA VAL A 45 -4.19 5.68 -1.85
C VAL A 45 -3.58 4.32 -1.52
N ARG A 46 -3.20 3.59 -2.54
CA ARG A 46 -2.59 2.25 -2.32
C ARG A 46 -1.23 2.21 -3.04
N VAL A 47 -0.17 2.00 -2.31
CA VAL A 47 1.17 1.96 -2.97
C VAL A 47 1.53 0.53 -3.36
N GLN A 48 1.94 0.32 -4.58
CA GLN A 48 2.32 -1.05 -5.01
C GLN A 48 3.77 -1.03 -5.53
N ILE A 49 4.65 -1.74 -4.88
CA ILE A 49 6.07 -1.74 -5.33
C ILE A 49 6.36 -3.06 -6.06
N ASP A 50 7.29 -3.04 -6.98
CA ASP A 50 7.63 -4.29 -7.71
C ASP A 50 8.98 -4.80 -7.20
N ARG A 51 9.00 -5.99 -6.64
CA ARG A 51 10.28 -6.53 -6.11
C ARG A 51 11.17 -6.98 -7.27
N LYS A 52 10.58 -7.44 -8.33
CA LYS A 52 11.39 -7.90 -9.50
C LYS A 52 12.43 -6.85 -9.84
N SER A 53 12.07 -5.59 -9.82
CA SER A 53 13.06 -4.52 -10.16
C SER A 53 13.08 -3.46 -9.05
N GLY A 54 12.02 -3.34 -8.31
CA GLY A 54 11.98 -2.30 -7.23
C GLY A 54 11.26 -1.06 -7.76
N ASP A 55 10.16 -1.26 -8.43
CA ASP A 55 9.40 -0.10 -8.98
C ASP A 55 8.45 0.45 -7.91
N PHE A 56 8.64 1.66 -7.49
CA PHE A 56 7.74 2.24 -6.46
C PHE A 56 6.72 3.17 -7.13
N ASP A 57 5.47 2.85 -7.02
CA ASP A 57 4.43 3.70 -7.65
C ASP A 57 3.23 3.84 -6.71
N THR A 58 2.61 4.99 -6.71
CA THR A 58 1.43 5.20 -5.82
C THR A 58 0.15 5.18 -6.66
N PHE A 59 -0.84 4.43 -6.24
CA PHE A 59 -2.11 4.38 -7.03
C PHE A 59 -3.29 4.65 -6.10
N ARG A 60 -4.38 5.13 -6.64
CA ARG A 60 -5.58 5.41 -5.81
C ARG A 60 -6.52 4.21 -5.91
N ARG A 61 -7.22 3.88 -4.85
CA ARG A 61 -8.14 2.71 -4.92
C ARG A 61 -9.55 3.12 -4.49
N TRP A 62 -10.54 2.45 -5.02
CA TRP A 62 -11.95 2.77 -4.66
C TRP A 62 -12.79 1.49 -4.71
N LEU A 63 -13.80 1.39 -3.89
CA LEU A 63 -14.67 0.17 -3.90
C LEU A 63 -15.94 0.47 -4.69
N VAL A 64 -16.28 -0.39 -5.63
CA VAL A 64 -17.50 -0.16 -6.45
C VAL A 64 -18.74 -0.20 -5.56
N VAL A 65 -19.51 0.86 -5.54
CA VAL A 65 -20.75 0.87 -4.69
C VAL A 65 -21.94 1.31 -5.53
N ASP A 66 -23.09 0.78 -5.24
CA ASP A 66 -24.31 1.18 -6.00
C ASP A 66 -24.69 2.61 -5.60
N GLU A 67 -24.16 3.07 -4.49
CA GLU A 67 -24.49 4.44 -4.02
C GLU A 67 -23.33 4.98 -3.17
N VAL A 68 -22.14 4.97 -3.70
CA VAL A 68 -20.95 5.47 -2.92
C VAL A 68 -21.35 6.69 -2.08
N THR A 69 -21.28 6.57 -0.79
CA THR A 69 -21.63 7.72 0.08
C THR A 69 -20.43 8.66 0.16
N GLN A 70 -19.28 8.21 -0.26
CA GLN A 70 -18.06 9.07 -0.21
C GLN A 70 -17.10 8.66 -1.34
N PRO A 71 -16.95 9.54 -2.35
CA PRO A 71 -16.07 9.28 -3.50
C PRO A 71 -14.59 9.31 -3.12
N THR A 72 -14.29 9.54 -1.88
CA THR A 72 -12.85 9.60 -1.45
C THR A 72 -12.29 8.18 -1.38
N LYS A 73 -12.92 7.31 -0.67
CA LYS A 73 -12.41 5.91 -0.56
C LYS A 73 -13.45 4.95 -1.15
N GLU A 74 -14.32 5.44 -1.97
CA GLU A 74 -15.35 4.57 -2.58
C GLU A 74 -15.72 5.09 -3.98
N ILE A 75 -15.95 4.21 -4.91
CA ILE A 75 -16.31 4.67 -6.28
C ILE A 75 -17.71 4.15 -6.63
N THR A 76 -18.58 5.01 -7.06
CA THR A 76 -19.96 4.56 -7.41
C THR A 76 -19.89 3.45 -8.46
N LEU A 77 -20.94 2.69 -8.60
CA LEU A 77 -20.92 1.60 -9.62
C LEU A 77 -20.76 2.21 -11.01
N GLU A 78 -21.49 3.26 -11.29
CA GLU A 78 -21.38 3.91 -12.63
C GLU A 78 -19.94 4.38 -12.84
N ALA A 79 -19.36 5.02 -11.85
CA ALA A 79 -17.96 5.50 -11.99
C ALA A 79 -17.04 4.32 -12.29
N ALA A 80 -17.23 3.22 -11.61
CA ALA A 80 -16.38 2.04 -11.86
C ALA A 80 -16.50 1.61 -13.31
N ARG A 81 -17.67 1.70 -13.87
CA ARG A 81 -17.86 1.30 -15.30
C ARG A 81 -17.08 2.27 -16.19
N TYR A 82 -17.05 3.52 -15.84
CA TYR A 82 -16.30 4.52 -16.67
C TYR A 82 -14.81 4.19 -16.64
N GLU A 83 -14.32 3.75 -15.51
CA GLU A 83 -12.87 3.42 -15.42
C GLU A 83 -12.64 2.01 -15.97
N ASP A 84 -13.61 1.16 -15.88
CA ASP A 84 -13.45 -0.23 -16.40
C ASP A 84 -14.80 -0.95 -16.36
N GLU A 85 -15.50 -0.99 -17.46
CA GLU A 85 -16.82 -1.68 -17.48
C GLU A 85 -16.68 -3.08 -16.87
N SER A 86 -15.49 -3.63 -16.90
CA SER A 86 -15.29 -4.99 -16.34
C SER A 86 -15.45 -4.93 -14.82
N LEU A 87 -15.53 -3.75 -14.26
CA LEU A 87 -15.68 -3.64 -12.79
C LEU A 87 -17.13 -3.94 -12.39
N ASN A 88 -17.34 -4.53 -11.25
CA ASN A 88 -18.72 -4.84 -10.81
C ASN A 88 -18.92 -4.42 -9.37
N LEU A 89 -20.10 -4.61 -8.82
CA LEU A 89 -20.35 -4.21 -7.41
C LEU A 89 -19.45 -5.04 -6.48
N GLY A 90 -18.65 -4.38 -5.69
CA GLY A 90 -17.76 -5.14 -4.76
C GLY A 90 -16.33 -5.15 -5.32
N ASP A 91 -16.14 -4.66 -6.52
CA ASP A 91 -14.79 -4.65 -7.12
C ASP A 91 -14.05 -3.38 -6.68
N TYR A 92 -12.75 -3.36 -6.81
CA TYR A 92 -11.98 -2.15 -6.40
C TYR A 92 -11.40 -1.48 -7.65
N VAL A 93 -11.45 -0.18 -7.71
CA VAL A 93 -10.90 0.54 -8.89
C VAL A 93 -9.53 1.11 -8.56
N GLU A 94 -8.54 0.83 -9.35
CA GLU A 94 -7.18 1.35 -9.07
C GLU A 94 -6.90 2.54 -10.00
N ASP A 95 -5.96 3.38 -9.63
CA ASP A 95 -5.64 4.55 -10.49
C ASP A 95 -4.21 5.02 -10.19
N GLN A 96 -3.55 5.57 -11.17
CA GLN A 96 -2.15 6.04 -10.95
C GLN A 96 -2.17 7.50 -10.50
N ILE A 97 -1.48 7.83 -9.44
CA ILE A 97 -1.46 9.23 -8.96
C ILE A 97 -0.03 9.61 -8.55
N GLU A 98 0.28 10.88 -8.56
CA GLU A 98 1.65 11.31 -8.17
C GLU A 98 2.04 10.64 -6.85
N SER A 99 3.30 10.33 -6.68
CA SER A 99 3.74 9.69 -5.41
C SER A 99 4.87 10.52 -4.78
N VAL A 100 5.08 10.35 -3.50
CA VAL A 100 6.15 11.13 -2.82
C VAL A 100 7.52 10.56 -3.21
N THR A 101 7.55 9.44 -3.87
CA THR A 101 8.85 8.84 -4.26
C THR A 101 9.59 8.35 -3.02
N PHE A 102 10.51 7.43 -3.17
CA PHE A 102 11.25 6.91 -1.99
C PHE A 102 12.66 7.51 -1.96
N ASP A 103 13.09 7.95 -0.82
CA ASP A 103 14.46 8.55 -0.73
C ASP A 103 15.51 7.49 -1.09
N ARG A 104 16.60 7.90 -1.66
CA ARG A 104 17.66 6.91 -2.04
C ARG A 104 18.07 6.10 -0.81
N ILE A 105 18.11 6.74 0.34
CA ILE A 105 18.50 6.01 1.58
C ILE A 105 17.60 4.78 1.76
N THR A 106 18.12 3.73 2.34
CA THR A 106 17.29 2.52 2.56
C THR A 106 16.56 2.62 3.90
N THR A 107 16.88 3.62 4.68
CA THR A 107 16.20 3.77 6.00
C THR A 107 15.68 5.21 6.14
N GLN A 108 14.65 5.40 6.92
CA GLN A 108 14.10 6.77 7.09
C GLN A 108 12.88 6.71 8.01
N THR A 109 11.89 7.53 7.77
CA THR A 109 10.68 7.50 8.64
C THR A 109 10.01 6.13 8.55
N ALA A 110 10.06 5.50 7.41
CA ALA A 110 9.42 4.16 7.27
C ALA A 110 10.11 3.16 8.21
N LYS A 111 11.34 3.41 8.56
CA LYS A 111 12.06 2.48 9.48
C LYS A 111 11.27 2.32 10.77
N GLN A 112 10.76 3.40 11.30
CA GLN A 112 9.98 3.32 12.57
C GLN A 112 8.68 2.56 12.32
N VAL A 113 8.15 2.65 11.13
CA VAL A 113 6.87 1.93 10.83
C VAL A 113 7.15 0.43 10.70
N ILE A 114 8.26 0.06 10.12
CA ILE A 114 8.58 -1.38 9.97
C ILE A 114 8.63 -2.04 11.35
N VAL A 115 9.25 -1.41 12.31
CA VAL A 115 9.32 -2.01 13.67
C VAL A 115 7.95 -1.96 14.33
N GLN A 116 7.21 -0.90 14.11
CA GLN A 116 5.86 -0.79 14.73
C GLN A 116 4.91 -1.79 14.06
N LYS A 117 4.96 -1.89 12.76
CA LYS A 117 4.05 -2.85 12.05
C LYS A 117 4.46 -4.28 12.38
N VAL A 118 5.73 -4.54 12.46
CA VAL A 118 6.20 -5.93 12.77
C VAL A 118 5.71 -6.32 14.17
N ARG A 119 5.77 -5.42 15.10
CA ARG A 119 5.32 -5.73 16.49
C ARG A 119 3.82 -6.03 16.48
N GLU A 120 3.08 -5.34 15.65
CA GLU A 120 1.60 -5.58 15.60
C GLU A 120 1.34 -7.00 15.10
N ALA A 121 2.22 -7.54 14.30
CA ALA A 121 2.01 -8.92 13.78
C ALA A 121 1.97 -9.90 14.95
N GLU A 122 2.82 -9.72 15.92
CA GLU A 122 2.83 -10.65 17.09
C GLU A 122 1.51 -10.54 17.84
N ARG A 123 0.98 -9.36 17.97
CA ARG A 123 -0.32 -9.20 18.70
C ARG A 123 -1.42 -9.97 17.96
N ALA A 124 -1.36 -9.99 16.66
CA ALA A 124 -2.40 -10.72 15.88
C ALA A 124 -2.29 -12.22 16.16
N MET A 125 -3.40 -12.91 16.25
CA MET A 125 -3.35 -14.37 16.51
C MET A 125 -4.22 -15.10 15.50
N LEU A 126 -4.07 -16.39 15.39
CA LEU A 126 -4.89 -17.17 14.41
C LEU A 126 -6.13 -17.72 15.13
N VAL A 127 -7.30 -17.47 14.61
CA VAL A 127 -8.53 -17.98 15.26
C VAL A 127 -9.51 -18.47 14.19
N PRO A 128 -9.72 -19.80 14.12
CA PRO A 128 -10.63 -20.40 13.14
C PRO A 128 -12.09 -20.09 13.46
N ARG A 129 -12.92 -19.98 12.46
CA ARG A 129 -14.36 -19.67 12.70
C ARG A 129 -14.47 -18.35 13.47
N MET A 1 12.43 0.57 -9.85
CA MET A 1 13.78 -0.03 -9.77
C MET A 1 14.61 0.71 -8.71
N ASN A 2 14.23 0.60 -7.47
CA ASN A 2 14.99 1.30 -6.39
C ASN A 2 15.82 0.27 -5.60
N LYS A 3 17.11 0.29 -5.77
CA LYS A 3 17.97 -0.68 -5.04
C LYS A 3 18.00 -0.31 -3.55
N GLU A 4 17.84 0.95 -3.24
CA GLU A 4 17.85 1.37 -1.80
C GLU A 4 16.70 0.70 -1.06
N ILE A 5 15.56 0.59 -1.70
CA ILE A 5 14.39 -0.05 -1.03
C ILE A 5 14.69 -1.53 -0.78
N LEU A 6 15.39 -2.17 -1.68
CA LEU A 6 15.71 -3.61 -1.48
C LEU A 6 16.69 -3.77 -0.32
N ALA A 7 17.55 -2.80 -0.12
CA ALA A 7 18.53 -2.89 1.00
C ALA A 7 17.80 -2.71 2.33
N VAL A 8 16.79 -1.89 2.37
CA VAL A 8 16.05 -1.67 3.63
C VAL A 8 15.24 -2.92 3.98
N VAL A 9 14.75 -3.62 2.99
CA VAL A 9 13.95 -4.84 3.26
C VAL A 9 14.87 -5.94 3.82
N GLU A 10 16.10 -5.97 3.39
CA GLU A 10 17.03 -7.02 3.89
C GLU A 10 17.40 -6.73 5.35
N ALA A 11 17.46 -5.49 5.72
CA ALA A 11 17.82 -5.14 7.13
C ALA A 11 16.67 -5.56 8.06
N VAL A 12 15.46 -5.55 7.58
CA VAL A 12 14.32 -5.94 8.44
C VAL A 12 14.21 -7.47 8.48
N SER A 13 14.57 -8.13 7.42
CA SER A 13 14.48 -9.61 7.39
C SER A 13 15.63 -10.20 8.21
N ASN A 14 16.78 -9.59 8.17
CA ASN A 14 17.94 -10.12 8.94
C ASN A 14 17.71 -9.91 10.44
N GLU A 15 17.11 -8.81 10.82
CA GLU A 15 16.87 -8.55 12.27
C GLU A 15 15.79 -9.49 12.80
N LYS A 16 14.70 -9.66 12.08
CA LYS A 16 13.63 -10.56 12.56
C LYS A 16 13.63 -11.86 11.76
N ALA A 17 14.64 -12.10 10.97
CA ALA A 17 14.69 -13.34 10.17
C ALA A 17 13.31 -13.58 9.53
N LEU A 18 12.57 -12.53 9.31
CA LEU A 18 11.21 -12.70 8.69
C LEU A 18 11.36 -12.84 7.18
N PRO A 19 10.31 -13.34 6.51
CA PRO A 19 10.31 -13.52 5.06
C PRO A 19 10.30 -12.19 4.31
N ARG A 20 11.21 -12.01 3.39
CA ARG A 20 11.25 -10.73 2.64
C ARG A 20 9.87 -10.41 2.08
N GLU A 21 9.22 -11.37 1.47
CA GLU A 21 7.87 -11.11 0.90
C GLU A 21 7.00 -10.42 1.96
N LYS A 22 6.79 -11.04 3.07
CA LYS A 22 5.95 -10.41 4.14
C LYS A 22 6.39 -8.96 4.34
N ILE A 23 7.66 -8.73 4.56
CA ILE A 23 8.15 -7.34 4.75
C ILE A 23 7.59 -6.45 3.65
N PHE A 24 7.74 -6.84 2.42
CA PHE A 24 7.20 -6.02 1.29
C PHE A 24 5.73 -5.70 1.55
N GLU A 25 5.01 -6.62 2.12
CA GLU A 25 3.57 -6.39 2.40
C GLU A 25 3.43 -5.17 3.32
N ALA A 26 4.19 -5.13 4.38
CA ALA A 26 4.11 -3.97 5.31
C ALA A 26 4.67 -2.75 4.60
N LEU A 27 5.59 -2.94 3.71
CA LEU A 27 6.18 -1.79 2.97
C LEU A 27 5.12 -1.19 2.05
N GLU A 28 4.42 -2.02 1.32
CA GLU A 28 3.37 -1.48 0.41
C GLU A 28 2.31 -0.77 1.23
N SER A 29 1.98 -1.30 2.39
CA SER A 29 0.95 -0.64 3.25
C SER A 29 1.47 0.72 3.70
N ALA A 30 2.72 0.79 4.10
CA ALA A 30 3.29 2.09 4.55
C ALA A 30 3.38 3.05 3.37
N LEU A 31 3.83 2.56 2.23
CA LEU A 31 3.94 3.45 1.04
C LEU A 31 2.55 4.00 0.71
N ALA A 32 1.55 3.17 0.74
CA ALA A 32 0.17 3.65 0.43
C ALA A 32 -0.35 4.41 1.65
N THR A 33 -0.27 3.82 2.81
CA THR A 33 -0.76 4.52 4.02
C THR A 33 -0.11 5.90 4.09
N ALA A 34 1.16 5.98 3.75
CA ALA A 34 1.85 7.29 3.77
C ALA A 34 1.40 8.14 2.58
N THR A 35 1.09 7.50 1.48
CA THR A 35 0.63 8.27 0.28
C THR A 35 -0.65 9.02 0.64
N LYS A 36 -1.60 8.34 1.22
CA LYS A 36 -2.87 9.02 1.59
C LYS A 36 -2.55 10.31 2.35
N LYS A 37 -1.39 10.37 2.96
CA LYS A 37 -1.02 11.59 3.72
C LYS A 37 -1.06 12.81 2.80
N LYS A 38 -0.75 12.62 1.54
CA LYS A 38 -0.78 13.76 0.59
C LYS A 38 -2.21 14.31 0.52
N TYR A 39 -3.16 13.54 0.98
CA TYR A 39 -4.57 14.00 0.96
C TYR A 39 -5.21 13.63 2.30
N GLU A 40 -4.42 13.21 3.25
CA GLU A 40 -4.96 12.82 4.58
C GLU A 40 -5.95 11.68 4.40
N GLN A 41 -7.15 11.99 4.01
CA GLN A 41 -8.19 10.93 3.82
C GLN A 41 -8.99 11.23 2.55
N GLU A 42 -8.61 12.24 1.82
CA GLU A 42 -9.38 12.59 0.59
C GLU A 42 -9.45 11.39 -0.34
N ILE A 43 -8.49 10.50 -0.28
CA ILE A 43 -8.52 9.32 -1.19
C ILE A 43 -7.68 8.18 -0.61
N ASP A 44 -7.90 6.98 -1.08
CA ASP A 44 -7.11 5.82 -0.58
C ASP A 44 -6.10 5.44 -1.66
N VAL A 45 -4.87 5.19 -1.28
CA VAL A 45 -3.84 4.84 -2.29
C VAL A 45 -3.28 3.44 -2.01
N ARG A 46 -3.10 2.66 -3.03
CA ARG A 46 -2.55 1.29 -2.86
C ARG A 46 -1.21 1.21 -3.60
N VAL A 47 -0.13 1.04 -2.89
CA VAL A 47 1.20 0.98 -3.57
C VAL A 47 1.61 -0.47 -3.79
N GLN A 48 2.14 -0.76 -4.95
CA GLN A 48 2.59 -2.15 -5.25
C GLN A 48 4.07 -2.13 -5.59
N ILE A 49 4.90 -2.76 -4.80
CA ILE A 49 6.35 -2.77 -5.09
C ILE A 49 6.76 -4.09 -5.74
N ASP A 50 7.84 -4.10 -6.48
CA ASP A 50 8.30 -5.34 -7.13
C ASP A 50 9.61 -5.80 -6.47
N ARG A 51 9.62 -6.96 -5.88
CA ARG A 51 10.85 -7.44 -5.20
C ARG A 51 11.88 -7.87 -6.25
N LYS A 52 11.44 -8.39 -7.35
CA LYS A 52 12.39 -8.84 -8.40
C LYS A 52 13.47 -7.76 -8.61
N SER A 53 13.07 -6.52 -8.69
CA SER A 53 14.06 -5.43 -8.89
C SER A 53 13.87 -4.33 -7.84
N GLY A 54 12.70 -4.23 -7.26
CA GLY A 54 12.47 -3.18 -6.24
C GLY A 54 11.76 -1.99 -6.92
N ASP A 55 10.79 -2.27 -7.73
CA ASP A 55 10.06 -1.18 -8.43
C ASP A 55 8.98 -0.61 -7.49
N PHE A 56 9.04 0.66 -7.21
CA PHE A 56 8.02 1.27 -6.31
C PHE A 56 6.97 2.00 -7.15
N ASP A 57 5.73 1.60 -7.06
CA ASP A 57 4.66 2.28 -7.85
C ASP A 57 3.50 2.64 -6.91
N THR A 58 2.79 3.70 -7.21
CA THR A 58 1.66 4.10 -6.33
C THR A 58 0.37 4.21 -7.15
N PHE A 59 -0.68 3.56 -6.70
CA PHE A 59 -1.97 3.64 -7.46
C PHE A 59 -3.11 3.91 -6.47
N ARG A 60 -4.18 4.50 -6.94
CA ARG A 60 -5.33 4.79 -6.03
C ARG A 60 -6.38 3.68 -6.20
N ARG A 61 -7.18 3.44 -5.18
CA ARG A 61 -8.21 2.37 -5.30
C ARG A 61 -9.57 2.89 -4.84
N TRP A 62 -10.63 2.35 -5.37
CA TRP A 62 -11.99 2.80 -4.97
C TRP A 62 -12.95 1.60 -5.01
N LEU A 63 -14.01 1.65 -4.25
CA LEU A 63 -14.98 0.51 -4.24
C LEU A 63 -16.29 0.96 -4.88
N VAL A 64 -16.82 0.16 -5.79
CA VAL A 64 -18.11 0.55 -6.45
C VAL A 64 -19.23 0.60 -5.42
N VAL A 65 -19.95 1.69 -5.36
CA VAL A 65 -21.05 1.80 -4.38
C VAL A 65 -22.32 2.31 -5.06
N ASP A 66 -23.46 1.85 -4.64
CA ASP A 66 -24.72 2.32 -5.24
C ASP A 66 -25.03 3.71 -4.68
N GLU A 67 -24.38 4.06 -3.60
CA GLU A 67 -24.60 5.40 -2.98
C GLU A 67 -23.34 5.81 -2.22
N VAL A 68 -22.23 5.88 -2.92
CA VAL A 68 -20.94 6.25 -2.27
C VAL A 68 -21.17 7.27 -1.16
N THR A 69 -20.88 6.89 0.05
CA THR A 69 -21.04 7.83 1.19
C THR A 69 -19.79 8.71 1.26
N GLN A 70 -18.73 8.28 0.63
CA GLN A 70 -17.47 9.07 0.62
C GLN A 70 -16.66 8.71 -0.62
N PRO A 71 -16.63 9.62 -1.61
CA PRO A 71 -15.90 9.39 -2.87
C PRO A 71 -14.38 9.33 -2.67
N THR A 72 -13.91 9.51 -1.46
CA THR A 72 -12.44 9.46 -1.22
C THR A 72 -11.94 8.03 -1.41
N LYS A 73 -12.56 7.08 -0.75
CA LYS A 73 -12.12 5.66 -0.89
C LYS A 73 -13.27 4.83 -1.44
N GLU A 74 -14.28 5.46 -1.98
CA GLU A 74 -15.43 4.69 -2.54
C GLU A 74 -15.86 5.32 -3.86
N ILE A 75 -16.28 4.51 -4.81
CA ILE A 75 -16.73 5.06 -6.11
C ILE A 75 -18.17 4.60 -6.39
N THR A 76 -19.02 5.51 -6.77
CA THR A 76 -20.43 5.12 -7.04
C THR A 76 -20.49 4.14 -8.20
N LEU A 77 -21.57 3.41 -8.32
CA LEU A 77 -21.69 2.43 -9.44
C LEU A 77 -21.63 3.18 -10.77
N GLU A 78 -22.38 4.24 -10.89
CA GLU A 78 -22.37 5.01 -12.17
C GLU A 78 -20.96 5.52 -12.46
N ALA A 79 -20.33 6.14 -11.49
CA ALA A 79 -18.95 6.65 -11.70
C ALA A 79 -18.04 5.49 -12.11
N ALA A 80 -18.26 4.34 -11.55
CA ALA A 80 -17.40 3.17 -11.91
C ALA A 80 -17.56 2.86 -13.40
N ARG A 81 -18.77 2.94 -13.90
CA ARG A 81 -18.99 2.65 -15.34
C ARG A 81 -18.26 3.70 -16.19
N TYR A 82 -18.35 4.95 -15.80
CA TYR A 82 -17.66 6.01 -16.58
C TYR A 82 -16.16 5.71 -16.65
N GLU A 83 -15.58 5.31 -15.55
CA GLU A 83 -14.11 4.99 -15.56
C GLU A 83 -13.90 3.61 -16.19
N ASP A 84 -14.82 2.71 -15.99
CA ASP A 84 -14.66 1.35 -16.58
C ASP A 84 -16.02 0.64 -16.59
N GLU A 85 -16.64 0.54 -17.73
CA GLU A 85 -17.97 -0.14 -17.80
C GLU A 85 -17.84 -1.56 -17.25
N SER A 86 -16.64 -2.08 -17.17
CA SER A 86 -16.45 -3.46 -16.65
C SER A 86 -16.52 -3.44 -15.12
N LEU A 87 -16.80 -2.31 -14.54
CA LEU A 87 -16.88 -2.23 -13.05
C LEU A 87 -18.32 -2.55 -12.61
N ASN A 88 -18.47 -3.15 -11.47
CA ASN A 88 -19.84 -3.48 -10.97
C ASN A 88 -19.89 -3.30 -9.46
N LEU A 89 -21.06 -3.41 -8.87
CA LEU A 89 -21.17 -3.25 -7.39
C LEU A 89 -20.27 -4.27 -6.70
N GLY A 90 -19.38 -3.81 -5.86
CA GLY A 90 -18.46 -4.75 -5.15
C GLY A 90 -17.13 -4.83 -5.89
N ASP A 91 -16.97 -4.07 -6.94
CA ASP A 91 -15.69 -4.10 -7.70
C ASP A 91 -14.77 -2.98 -7.20
N TYR A 92 -13.49 -3.11 -7.42
CA TYR A 92 -12.56 -2.05 -6.96
C TYR A 92 -11.92 -1.37 -8.17
N VAL A 93 -11.90 -0.06 -8.19
CA VAL A 93 -11.30 0.66 -9.33
C VAL A 93 -9.86 1.06 -8.98
N GLU A 94 -8.95 0.90 -9.89
CA GLU A 94 -7.53 1.25 -9.60
C GLU A 94 -7.03 2.26 -10.64
N ASP A 95 -6.08 3.08 -10.28
CA ASP A 95 -5.54 4.08 -11.25
C ASP A 95 -4.12 4.45 -10.85
N GLN A 96 -3.29 4.78 -11.79
CA GLN A 96 -1.88 5.16 -11.47
C GLN A 96 -1.84 6.63 -11.04
N ILE A 97 -1.15 6.93 -9.97
CA ILE A 97 -1.06 8.33 -9.50
C ILE A 97 0.40 8.67 -9.15
N GLU A 98 0.77 9.91 -9.29
CA GLU A 98 2.18 10.29 -8.97
C GLU A 98 2.54 9.78 -7.57
N SER A 99 3.76 9.34 -7.39
CA SER A 99 4.17 8.83 -6.05
C SER A 99 5.29 9.71 -5.50
N VAL A 100 5.50 9.66 -4.20
CA VAL A 100 6.58 10.50 -3.60
C VAL A 100 7.94 9.92 -3.97
N THR A 101 7.98 8.69 -4.40
CA THR A 101 9.28 8.07 -4.79
C THR A 101 10.16 7.90 -3.53
N PHE A 102 10.27 6.69 -3.05
CA PHE A 102 11.09 6.46 -1.83
C PHE A 102 12.58 6.63 -2.19
N ASP A 103 12.95 6.31 -3.40
CA ASP A 103 14.37 6.45 -3.80
C ASP A 103 14.75 7.94 -3.82
N ARG A 104 13.78 8.80 -3.98
CA ARG A 104 14.08 10.26 -4.01
C ARG A 104 14.34 10.75 -2.58
N ILE A 105 13.58 10.29 -1.63
CA ILE A 105 13.79 10.72 -0.23
C ILE A 105 13.64 9.52 0.71
N THR A 106 14.35 9.51 1.79
CA THR A 106 14.25 8.36 2.75
C THR A 106 14.01 8.89 4.16
N THR A 107 13.06 8.34 4.86
CA THR A 107 12.78 8.81 6.24
C THR A 107 12.89 7.62 7.22
N GLN A 108 13.19 7.89 8.45
CA GLN A 108 13.31 6.78 9.44
C GLN A 108 11.92 6.33 9.88
N THR A 109 10.94 7.20 9.76
CA THR A 109 9.56 6.81 10.18
C THR A 109 9.13 5.54 9.44
N ALA A 110 9.57 5.37 8.22
CA ALA A 110 9.19 4.14 7.47
C ALA A 110 9.67 2.91 8.23
N LYS A 111 10.83 2.96 8.82
CA LYS A 111 11.35 1.79 9.57
C LYS A 111 10.46 1.54 10.78
N GLN A 112 9.95 2.58 11.39
CA GLN A 112 9.08 2.39 12.59
C GLN A 112 7.80 1.66 12.17
N VAL A 113 7.29 1.95 11.00
CA VAL A 113 6.05 1.28 10.54
C VAL A 113 6.32 -0.21 10.34
N ILE A 114 7.51 -0.55 9.94
CA ILE A 114 7.84 -1.99 9.72
C ILE A 114 7.75 -2.75 11.05
N VAL A 115 8.19 -2.15 12.12
CA VAL A 115 8.12 -2.82 13.45
C VAL A 115 6.67 -2.84 13.94
N GLN A 116 5.96 -1.77 13.75
CA GLN A 116 4.55 -1.72 14.21
C GLN A 116 3.72 -2.78 13.46
N LYS A 117 3.80 -2.78 12.16
CA LYS A 117 3.02 -3.79 11.38
C LYS A 117 3.50 -5.20 11.74
N VAL A 118 4.78 -5.37 11.94
CA VAL A 118 5.30 -6.72 12.28
C VAL A 118 4.81 -7.12 13.68
N ARG A 119 4.75 -6.18 14.59
CA ARG A 119 4.28 -6.51 15.96
C ARG A 119 2.87 -7.07 15.90
N GLU A 120 2.05 -6.54 15.03
CA GLU A 120 0.64 -7.04 14.93
C GLU A 120 0.66 -8.53 14.58
N ALA A 121 1.62 -8.97 13.81
CA ALA A 121 1.68 -10.41 13.43
C ALA A 121 1.91 -11.25 14.69
N GLU A 122 2.66 -10.74 15.63
CA GLU A 122 2.91 -11.51 16.88
C GLU A 122 1.61 -11.71 17.64
N ARG A 123 0.72 -10.76 17.57
CA ARG A 123 -0.58 -10.89 18.29
C ARG A 123 -1.32 -12.13 17.79
N ALA A 124 -1.16 -12.48 16.54
CA ALA A 124 -1.85 -13.67 15.99
C ALA A 124 -1.52 -14.88 16.87
N MET A 125 -2.45 -15.79 17.03
CA MET A 125 -2.19 -16.99 17.86
C MET A 125 -2.47 -18.25 17.04
N LEU A 126 -2.01 -19.39 17.50
CA LEU A 126 -2.26 -20.65 16.74
C LEU A 126 -3.75 -20.83 16.52
N VAL A 127 -4.55 -20.51 17.50
CA VAL A 127 -6.03 -20.67 17.35
C VAL A 127 -6.53 -19.73 16.24
N PRO A 128 -7.63 -20.12 15.57
CA PRO A 128 -8.21 -19.31 14.49
C PRO A 128 -8.85 -18.03 15.03
N ARG A 129 -9.15 -17.99 16.29
CA ARG A 129 -9.78 -16.76 16.88
C ARG A 129 -9.51 -16.72 18.38
N MET A 1 13.91 1.96 -9.50
CA MET A 1 14.76 0.84 -8.98
C MET A 1 15.73 1.39 -7.94
N ASN A 2 15.33 1.43 -6.71
CA ASN A 2 16.25 1.95 -5.64
C ASN A 2 16.84 0.78 -4.87
N LYS A 3 18.13 0.57 -4.98
CA LYS A 3 18.76 -0.56 -4.23
C LYS A 3 18.58 -0.35 -2.73
N GLU A 4 18.46 0.87 -2.30
CA GLU A 4 18.29 1.14 -0.85
C GLU A 4 17.05 0.40 -0.34
N ILE A 5 16.00 0.40 -1.09
CA ILE A 5 14.75 -0.29 -0.65
C ILE A 5 15.04 -1.79 -0.49
N LEU A 6 15.61 -2.41 -1.49
CA LEU A 6 15.92 -3.86 -1.38
C LEU A 6 16.97 -4.09 -0.29
N ALA A 7 17.84 -3.14 -0.09
CA ALA A 7 18.89 -3.30 0.96
C ALA A 7 18.24 -3.18 2.35
N VAL A 8 17.28 -2.30 2.49
CA VAL A 8 16.63 -2.12 3.81
C VAL A 8 15.86 -3.41 4.17
N VAL A 9 15.36 -4.10 3.19
CA VAL A 9 14.61 -5.35 3.47
C VAL A 9 15.57 -6.43 3.98
N GLU A 10 16.79 -6.41 3.52
CA GLU A 10 17.77 -7.43 3.98
C GLU A 10 18.14 -7.17 5.44
N ALA A 11 18.14 -5.92 5.84
CA ALA A 11 18.50 -5.60 7.26
C ALA A 11 17.33 -5.99 8.17
N VAL A 12 16.13 -5.82 7.71
CA VAL A 12 14.95 -6.17 8.56
C VAL A 12 14.75 -7.69 8.54
N SER A 13 15.11 -8.33 7.47
CA SER A 13 14.95 -9.81 7.39
C SER A 13 15.99 -10.49 8.28
N ASN A 14 17.17 -9.95 8.35
CA ASN A 14 18.23 -10.56 9.21
C ASN A 14 17.91 -10.30 10.68
N GLU A 15 17.40 -9.15 10.99
CA GLU A 15 17.08 -8.82 12.41
C GLU A 15 15.81 -9.57 12.84
N LYS A 16 14.80 -9.57 12.00
CA LYS A 16 13.54 -10.29 12.37
C LYS A 16 13.52 -11.68 11.72
N ALA A 17 14.59 -12.05 11.07
CA ALA A 17 14.64 -13.39 10.41
C ALA A 17 13.31 -13.64 9.69
N LEU A 18 12.63 -12.60 9.28
CA LEU A 18 11.34 -12.79 8.57
C LEU A 18 11.59 -12.83 7.06
N PRO A 19 10.61 -13.34 6.30
CA PRO A 19 10.72 -13.43 4.83
C PRO A 19 10.69 -12.06 4.17
N ARG A 20 11.53 -11.85 3.19
CA ARG A 20 11.55 -10.53 2.49
C ARG A 20 10.15 -10.20 1.96
N GLU A 21 9.46 -11.18 1.44
CA GLU A 21 8.10 -10.92 0.89
C GLU A 21 7.25 -10.24 1.97
N LYS A 22 7.17 -10.83 3.14
CA LYS A 22 6.36 -10.23 4.23
C LYS A 22 6.77 -8.76 4.43
N ILE A 23 8.05 -8.51 4.52
CA ILE A 23 8.52 -7.10 4.71
C ILE A 23 7.94 -6.22 3.60
N PHE A 24 8.07 -6.62 2.37
CA PHE A 24 7.52 -5.81 1.26
C PHE A 24 6.05 -5.51 1.54
N GLU A 25 5.37 -6.42 2.17
CA GLU A 25 3.93 -6.18 2.49
C GLU A 25 3.81 -4.96 3.41
N ALA A 26 4.56 -4.96 4.48
CA ALA A 26 4.50 -3.79 5.42
C ALA A 26 4.95 -2.54 4.68
N LEU A 27 6.02 -2.63 3.93
CA LEU A 27 6.51 -1.43 3.18
C LEU A 27 5.35 -0.88 2.35
N GLU A 28 4.69 -1.72 1.60
CA GLU A 28 3.55 -1.23 0.77
C GLU A 28 2.55 -0.51 1.66
N SER A 29 2.22 -1.08 2.78
CA SER A 29 1.25 -0.41 3.70
C SER A 29 1.75 0.99 4.05
N ALA A 30 3.05 1.16 4.10
CA ALA A 30 3.61 2.50 4.44
C ALA A 30 3.51 3.41 3.21
N LEU A 31 3.87 2.92 2.06
CA LEU A 31 3.78 3.76 0.83
C LEU A 31 2.33 4.17 0.59
N ALA A 32 1.43 3.23 0.60
CA ALA A 32 0.00 3.57 0.38
C ALA A 32 -0.48 4.54 1.46
N THR A 33 -0.17 4.27 2.70
CA THR A 33 -0.59 5.18 3.80
C THR A 33 0.06 6.54 3.60
N ALA A 34 1.32 6.57 3.27
CA ALA A 34 2.01 7.88 3.06
C ALA A 34 1.57 8.48 1.74
N THR A 35 1.23 7.65 0.78
CA THR A 35 0.79 8.18 -0.55
C THR A 35 -0.52 8.93 -0.38
N LYS A 36 -1.47 8.37 0.33
CA LYS A 36 -2.77 9.06 0.51
C LYS A 36 -2.56 10.34 1.32
N LYS A 37 -1.51 10.40 2.09
CA LYS A 37 -1.25 11.62 2.91
C LYS A 37 -1.14 12.83 1.98
N LYS A 38 -0.54 12.68 0.84
CA LYS A 38 -0.42 13.83 -0.10
C LYS A 38 -1.81 14.35 -0.45
N TYR A 39 -2.75 13.46 -0.65
CA TYR A 39 -4.13 13.90 -1.00
C TYR A 39 -4.80 14.48 0.25
N GLU A 40 -4.53 13.91 1.39
CA GLU A 40 -5.16 14.41 2.64
C GLU A 40 -6.66 14.09 2.63
N GLN A 41 -7.08 13.26 1.72
CA GLN A 41 -8.52 12.90 1.66
C GLN A 41 -8.72 11.46 2.13
N GLU A 42 -7.75 10.91 2.80
CA GLU A 42 -7.88 9.51 3.29
C GLU A 42 -8.46 8.64 2.17
N ILE A 43 -7.82 8.64 1.03
CA ILE A 43 -8.35 7.82 -0.11
C ILE A 43 -7.73 6.42 -0.08
N ASP A 44 -8.34 5.48 -0.74
CA ASP A 44 -7.79 4.10 -0.75
C ASP A 44 -6.75 3.97 -1.87
N VAL A 45 -5.50 3.81 -1.51
CA VAL A 45 -4.44 3.69 -2.54
C VAL A 45 -3.73 2.34 -2.41
N ARG A 46 -3.42 1.71 -3.52
CA ARG A 46 -2.72 0.39 -3.45
C ARG A 46 -1.33 0.55 -4.07
N VAL A 47 -0.33 0.02 -3.42
CA VAL A 47 1.06 0.15 -3.97
C VAL A 47 1.70 -1.24 -4.09
N GLN A 48 2.34 -1.50 -5.20
CA GLN A 48 3.00 -2.82 -5.39
C GLN A 48 4.51 -2.62 -5.52
N ILE A 49 5.30 -3.44 -4.89
CA ILE A 49 6.78 -3.28 -4.98
C ILE A 49 7.39 -4.40 -5.81
N ASP A 50 8.44 -4.12 -6.53
CA ASP A 50 9.08 -5.17 -7.35
C ASP A 50 10.47 -5.47 -6.79
N ARG A 51 10.66 -6.64 -6.24
CA ARG A 51 11.98 -6.99 -5.66
C ARG A 51 13.03 -7.00 -6.76
N LYS A 52 12.76 -7.66 -7.85
CA LYS A 52 13.74 -7.71 -8.96
C LYS A 52 14.13 -6.28 -9.35
N SER A 53 13.18 -5.51 -9.81
CA SER A 53 13.49 -4.12 -10.20
C SER A 53 13.92 -3.33 -8.96
N GLY A 54 13.26 -3.55 -7.85
CA GLY A 54 13.63 -2.82 -6.61
C GLY A 54 12.84 -1.52 -6.56
N ASP A 55 11.64 -1.54 -7.06
CA ASP A 55 10.81 -0.30 -7.04
C ASP A 55 9.34 -0.67 -6.89
N PHE A 56 8.52 0.25 -6.45
CA PHE A 56 7.08 -0.05 -6.28
C PHE A 56 6.24 1.03 -6.97
N ASP A 57 5.11 0.66 -7.51
CA ASP A 57 4.25 1.66 -8.18
C ASP A 57 3.06 2.02 -7.28
N THR A 58 2.48 3.16 -7.47
CA THR A 58 1.32 3.57 -6.61
C THR A 58 0.04 3.54 -7.44
N PHE A 59 -1.00 2.96 -6.91
CA PHE A 59 -2.29 2.90 -7.67
C PHE A 59 -3.44 3.31 -6.74
N ARG A 60 -4.51 3.83 -7.32
CA ARG A 60 -5.67 4.24 -6.47
C ARG A 60 -6.88 3.41 -6.88
N ARG A 61 -7.64 2.93 -5.92
CA ARG A 61 -8.83 2.11 -6.28
C ARG A 61 -10.08 2.66 -5.58
N TRP A 62 -11.24 2.37 -6.11
CA TRP A 62 -12.49 2.87 -5.48
C TRP A 62 -13.53 1.74 -5.49
N LEU A 63 -14.47 1.79 -4.58
CA LEU A 63 -15.50 0.72 -4.52
C LEU A 63 -16.78 1.21 -5.22
N VAL A 64 -17.40 0.37 -5.99
CA VAL A 64 -18.65 0.79 -6.67
C VAL A 64 -19.75 1.01 -5.63
N VAL A 65 -20.31 2.18 -5.60
CA VAL A 65 -21.37 2.48 -4.59
C VAL A 65 -22.59 3.11 -5.27
N ASP A 66 -23.74 2.94 -4.70
CA ASP A 66 -24.96 3.58 -5.29
C ASP A 66 -25.09 4.98 -4.70
N GLU A 67 -24.44 5.21 -3.59
CA GLU A 67 -24.49 6.55 -2.94
C GLU A 67 -23.30 6.66 -1.99
N VAL A 68 -22.11 6.72 -2.53
CA VAL A 68 -20.90 6.81 -1.66
C VAL A 68 -21.14 7.81 -0.52
N THR A 69 -21.07 7.34 0.70
CA THR A 69 -21.25 8.27 1.86
C THR A 69 -20.03 9.18 1.91
N GLN A 70 -18.90 8.66 1.50
CA GLN A 70 -17.64 9.47 1.48
C GLN A 70 -16.95 9.20 0.13
N PRO A 71 -17.09 10.15 -0.81
CA PRO A 71 -16.51 10.03 -2.17
C PRO A 71 -14.98 9.93 -2.16
N THR A 72 -14.36 9.95 -1.03
CA THR A 72 -12.89 9.87 -0.98
C THR A 72 -12.44 8.40 -0.97
N LYS A 73 -13.37 7.47 -1.08
CA LYS A 73 -12.96 6.03 -1.07
C LYS A 73 -14.06 5.15 -1.68
N GLU A 74 -14.90 5.72 -2.50
CA GLU A 74 -15.98 4.90 -3.13
C GLU A 74 -16.47 5.62 -4.39
N ILE A 75 -16.55 4.92 -5.48
CA ILE A 75 -17.02 5.56 -6.75
C ILE A 75 -18.45 5.15 -7.04
N THR A 76 -19.27 6.09 -7.44
CA THR A 76 -20.70 5.75 -7.74
C THR A 76 -20.75 4.84 -8.96
N LEU A 77 -21.82 4.10 -9.13
CA LEU A 77 -21.92 3.19 -10.30
C LEU A 77 -21.82 4.01 -11.59
N GLU A 78 -22.62 5.02 -11.73
CA GLU A 78 -22.56 5.85 -12.96
C GLU A 78 -21.11 6.21 -13.27
N ALA A 79 -20.40 6.72 -12.30
CA ALA A 79 -18.97 7.08 -12.54
C ALA A 79 -18.21 5.82 -12.96
N ALA A 80 -18.58 4.68 -12.45
CA ALA A 80 -17.89 3.42 -12.83
C ALA A 80 -18.17 3.11 -14.30
N ARG A 81 -19.37 3.36 -14.75
CA ARG A 81 -19.70 3.08 -16.18
C ARG A 81 -18.88 4.01 -17.07
N TYR A 82 -18.70 5.24 -16.67
CA TYR A 82 -17.90 6.18 -17.50
C TYR A 82 -16.45 5.71 -17.55
N GLU A 83 -15.99 5.09 -16.49
CA GLU A 83 -14.58 4.61 -16.47
C GLU A 83 -14.52 3.17 -17.02
N ASP A 84 -15.57 2.41 -16.79
CA ASP A 84 -15.58 1.00 -17.29
C ASP A 84 -16.93 0.36 -16.97
N GLU A 85 -17.80 0.26 -17.94
CA GLU A 85 -19.13 -0.36 -17.68
C GLU A 85 -18.94 -1.72 -17.02
N SER A 86 -17.80 -2.33 -17.20
CA SER A 86 -17.56 -3.67 -16.58
C SER A 86 -17.64 -3.56 -15.06
N LEU A 87 -17.63 -2.36 -14.54
CA LEU A 87 -17.70 -2.19 -13.06
C LEU A 87 -19.16 -2.30 -12.62
N ASN A 88 -19.40 -2.90 -11.49
CA ASN A 88 -20.80 -3.04 -11.00
C ASN A 88 -20.87 -2.68 -9.51
N LEU A 89 -22.04 -2.58 -8.95
CA LEU A 89 -22.16 -2.24 -7.52
C LEU A 89 -21.45 -3.31 -6.67
N GLY A 90 -20.58 -2.89 -5.79
CA GLY A 90 -19.86 -3.88 -4.93
C GLY A 90 -18.55 -4.27 -5.62
N ASP A 91 -18.24 -3.67 -6.73
CA ASP A 91 -16.97 -4.01 -7.43
C ASP A 91 -15.86 -3.04 -6.98
N TYR A 92 -14.68 -3.17 -7.53
CA TYR A 92 -13.58 -2.27 -7.12
C TYR A 92 -12.93 -1.66 -8.37
N VAL A 93 -12.75 -0.37 -8.39
CA VAL A 93 -12.13 0.28 -9.58
C VAL A 93 -10.63 0.44 -9.34
N GLU A 94 -9.84 0.40 -10.38
CA GLU A 94 -8.36 0.54 -10.22
C GLU A 94 -7.86 1.66 -11.12
N ASP A 95 -6.83 2.36 -10.70
CA ASP A 95 -6.29 3.46 -11.54
C ASP A 95 -4.83 3.73 -11.15
N GLN A 96 -4.02 4.14 -12.08
CA GLN A 96 -2.59 4.41 -11.77
C GLN A 96 -2.45 5.86 -11.25
N ILE A 97 -1.77 6.04 -10.15
CA ILE A 97 -1.60 7.42 -9.61
C ILE A 97 -0.12 7.68 -9.36
N GLU A 98 0.29 8.92 -9.32
CA GLU A 98 1.72 9.24 -9.08
C GLU A 98 2.19 8.51 -7.83
N SER A 99 3.42 8.04 -7.83
CA SER A 99 3.94 7.32 -6.64
C SER A 99 5.01 8.18 -5.95
N VAL A 100 5.12 8.06 -4.65
CA VAL A 100 6.13 8.88 -3.92
C VAL A 100 7.48 8.15 -3.96
N THR A 101 8.53 8.87 -4.28
CA THR A 101 9.87 8.22 -4.33
C THR A 101 10.30 7.81 -2.92
N PHE A 102 10.90 6.66 -2.79
CA PHE A 102 11.34 6.19 -1.45
C PHE A 102 12.28 7.23 -0.83
N ASP A 103 13.16 7.78 -1.62
CA ASP A 103 14.11 8.80 -1.08
C ASP A 103 13.34 10.07 -0.72
N ARG A 104 12.13 10.20 -1.21
CA ARG A 104 11.34 11.42 -0.89
C ARG A 104 11.08 11.49 0.62
N ILE A 105 10.93 10.36 1.25
CA ILE A 105 10.69 10.36 2.72
C ILE A 105 11.87 9.74 3.45
N THR A 106 12.23 10.27 4.59
CA THR A 106 13.38 9.70 5.34
C THR A 106 13.15 8.21 5.58
N THR A 107 14.15 7.39 5.38
CA THR A 107 13.98 5.93 5.60
C THR A 107 13.79 5.66 7.09
N GLN A 108 14.34 6.50 7.93
CA GLN A 108 14.18 6.27 9.40
C GLN A 108 12.70 6.27 9.76
N THR A 109 11.92 7.09 9.13
CA THR A 109 10.46 7.13 9.44
C THR A 109 9.82 5.81 9.02
N ALA A 110 10.21 5.27 7.90
CA ALA A 110 9.62 3.98 7.44
C ALA A 110 10.07 2.86 8.38
N LYS A 111 11.27 2.94 8.89
CA LYS A 111 11.77 1.88 9.80
C LYS A 111 10.87 1.79 11.03
N GLN A 112 10.30 2.89 11.43
CA GLN A 112 9.41 2.88 12.63
C GLN A 112 8.19 2.01 12.34
N VAL A 113 7.72 2.00 11.12
CA VAL A 113 6.53 1.17 10.78
C VAL A 113 6.94 -0.29 10.70
N ILE A 114 8.15 -0.56 10.32
CA ILE A 114 8.62 -1.98 10.22
C ILE A 114 8.70 -2.59 11.62
N VAL A 115 9.29 -1.90 12.55
CA VAL A 115 9.40 -2.43 13.94
C VAL A 115 8.01 -2.56 14.55
N GLN A 116 7.18 -1.57 14.35
CA GLN A 116 5.80 -1.63 14.93
C GLN A 116 5.04 -2.80 14.33
N LYS A 117 5.06 -2.93 13.02
CA LYS A 117 4.34 -4.05 12.37
C LYS A 117 5.01 -5.38 12.73
N VAL A 118 6.30 -5.36 12.92
CA VAL A 118 7.02 -6.62 13.27
C VAL A 118 6.51 -7.15 14.61
N ARG A 119 6.30 -6.27 15.55
CA ARG A 119 5.81 -6.72 16.89
C ARG A 119 4.43 -7.38 16.72
N GLU A 120 3.60 -6.85 15.88
CA GLU A 120 2.25 -7.44 15.68
C GLU A 120 2.39 -8.82 15.01
N ALA A 121 3.40 -9.00 14.20
CA ALA A 121 3.59 -10.31 13.52
C ALA A 121 3.88 -11.38 14.57
N GLU A 122 4.55 -11.02 15.64
CA GLU A 122 4.85 -12.03 16.69
C GLU A 122 3.55 -12.60 17.26
N ARG A 123 2.57 -11.76 17.46
CA ARG A 123 1.27 -12.25 18.00
C ARG A 123 0.62 -13.21 17.01
N ALA A 124 0.78 -12.95 15.73
CA ALA A 124 0.18 -13.85 14.71
C ALA A 124 0.83 -15.23 14.80
N MET A 125 0.07 -16.27 14.54
CA MET A 125 0.66 -17.64 14.60
C MET A 125 1.09 -18.08 13.21
N LEU A 126 1.82 -19.16 13.11
CA LEU A 126 2.27 -19.64 11.77
C LEU A 126 1.32 -20.73 11.28
N VAL A 127 0.80 -20.58 10.09
CA VAL A 127 -0.13 -21.61 9.56
C VAL A 127 0.30 -22.02 8.15
N PRO A 128 1.18 -23.02 8.05
CA PRO A 128 1.69 -23.52 6.77
C PRO A 128 0.61 -24.25 5.98
N ARG A 129 -0.46 -24.63 6.62
CA ARG A 129 -1.55 -25.35 5.91
C ARG A 129 -2.86 -25.17 6.67
N MET A 1 12.88 2.15 -9.92
CA MET A 1 14.27 1.66 -9.68
C MET A 1 14.72 2.09 -8.29
N ASN A 2 13.89 1.90 -7.30
CA ASN A 2 14.28 2.30 -5.91
C ASN A 2 15.00 1.13 -5.24
N LYS A 3 16.23 0.90 -5.59
CA LYS A 3 16.99 -0.23 -4.97
C LYS A 3 17.07 0.00 -3.46
N GLU A 4 17.09 1.22 -3.03
CA GLU A 4 17.17 1.50 -1.57
C GLU A 4 16.04 0.78 -0.85
N ILE A 5 14.88 0.75 -1.45
CA ILE A 5 13.72 0.06 -0.80
C ILE A 5 14.06 -1.41 -0.57
N LEU A 6 14.71 -2.03 -1.52
CA LEU A 6 15.07 -3.47 -1.36
C LEU A 6 16.18 -3.61 -0.33
N ALA A 7 17.03 -2.62 -0.20
CA ALA A 7 18.13 -2.70 0.79
C ALA A 7 17.54 -2.72 2.21
N VAL A 8 16.41 -2.10 2.39
CA VAL A 8 15.79 -2.07 3.76
C VAL A 8 15.09 -3.39 4.03
N VAL A 9 14.66 -4.07 3.00
CA VAL A 9 13.95 -5.37 3.20
C VAL A 9 14.94 -6.43 3.69
N GLU A 10 16.14 -6.42 3.17
CA GLU A 10 17.16 -7.42 3.60
C GLU A 10 17.60 -7.12 5.03
N ALA A 11 17.63 -5.86 5.39
CA ALA A 11 18.06 -5.49 6.77
C ALA A 11 17.05 -6.03 7.79
N VAL A 12 15.79 -5.98 7.47
CA VAL A 12 14.76 -6.48 8.42
C VAL A 12 14.65 -8.00 8.30
N SER A 13 14.83 -8.53 7.13
CA SER A 13 14.72 -10.01 6.96
C SER A 13 15.79 -10.71 7.80
N ASN A 14 16.96 -10.14 7.90
CA ASN A 14 18.03 -10.78 8.71
C ASN A 14 17.78 -10.52 10.19
N GLU A 15 17.30 -9.37 10.53
CA GLU A 15 17.05 -9.05 11.97
C GLU A 15 15.93 -9.96 12.52
N LYS A 16 14.92 -10.21 11.73
CA LYS A 16 13.81 -11.07 12.22
C LYS A 16 13.80 -12.40 11.46
N ALA A 17 14.61 -12.54 10.45
CA ALA A 17 14.64 -13.81 9.69
C ALA A 17 13.28 -14.01 8.99
N LEU A 18 12.55 -12.95 8.79
CA LEU A 18 11.21 -13.09 8.12
C LEU A 18 11.40 -13.04 6.61
N PRO A 19 10.40 -13.52 5.86
CA PRO A 19 10.44 -13.53 4.39
C PRO A 19 10.37 -12.11 3.81
N ARG A 20 11.20 -11.81 2.85
CA ARG A 20 11.19 -10.46 2.24
C ARG A 20 9.77 -10.10 1.79
N GLU A 21 9.07 -11.03 1.21
CA GLU A 21 7.68 -10.74 0.75
C GLU A 21 6.90 -10.04 1.87
N LYS A 22 6.97 -10.56 3.06
CA LYS A 22 6.24 -9.93 4.19
C LYS A 22 6.64 -8.46 4.31
N ILE A 23 7.91 -8.18 4.43
CA ILE A 23 8.38 -6.77 4.56
C ILE A 23 7.81 -5.95 3.39
N PHE A 24 7.90 -6.47 2.20
CA PHE A 24 7.36 -5.72 1.02
C PHE A 24 5.92 -5.30 1.30
N GLU A 25 5.17 -6.14 1.95
CA GLU A 25 3.75 -5.79 2.26
C GLU A 25 3.72 -4.59 3.21
N ALA A 26 4.57 -4.60 4.21
CA ALA A 26 4.60 -3.46 5.17
C ALA A 26 5.09 -2.21 4.47
N LEU A 27 6.15 -2.33 3.71
CA LEU A 27 6.69 -1.14 2.99
C LEU A 27 5.59 -0.53 2.12
N GLU A 28 4.89 -1.35 1.38
CA GLU A 28 3.80 -0.82 0.52
C GLU A 28 2.77 -0.10 1.39
N SER A 29 2.40 -0.67 2.50
CA SER A 29 1.40 -0.02 3.39
C SER A 29 1.97 1.31 3.90
N ALA A 30 3.25 1.40 4.08
CA ALA A 30 3.86 2.66 4.58
C ALA A 30 3.82 3.72 3.48
N LEU A 31 4.08 3.34 2.26
CA LEU A 31 4.05 4.33 1.15
C LEU A 31 2.63 4.80 0.91
N ALA A 32 1.68 3.90 0.90
CA ALA A 32 0.27 4.30 0.67
C ALA A 32 -0.22 5.15 1.85
N THR A 33 0.14 4.78 3.04
CA THR A 33 -0.31 5.57 4.22
C THR A 33 0.21 7.01 4.10
N ALA A 34 1.46 7.17 3.77
CA ALA A 34 2.03 8.54 3.64
C ALA A 34 1.53 9.18 2.34
N THR A 35 1.26 8.39 1.34
CA THR A 35 0.77 8.96 0.05
C THR A 35 -0.61 9.58 0.26
N LYS A 36 -1.51 8.89 0.91
CA LYS A 36 -2.86 9.45 1.14
C LYS A 36 -2.76 10.69 2.04
N LYS A 37 -1.73 10.76 2.84
CA LYS A 37 -1.57 11.94 3.74
C LYS A 37 -1.53 13.22 2.90
N LYS A 38 -0.93 13.17 1.75
CA LYS A 38 -0.87 14.39 0.89
C LYS A 38 -2.29 14.85 0.55
N TYR A 39 -3.15 13.95 0.18
CA TYR A 39 -4.55 14.35 -0.16
C TYR A 39 -5.27 14.79 1.11
N GLU A 40 -5.01 14.15 2.21
CA GLU A 40 -5.69 14.53 3.48
C GLU A 40 -7.20 14.31 3.34
N GLN A 41 -7.62 13.62 2.31
CA GLN A 41 -9.07 13.37 2.12
C GLN A 41 -9.39 11.93 2.51
N GLU A 42 -8.59 11.34 3.36
CA GLU A 42 -8.85 9.93 3.77
C GLU A 42 -9.19 9.10 2.53
N ILE A 43 -8.35 9.12 1.55
CA ILE A 43 -8.62 8.33 0.32
C ILE A 43 -7.88 6.99 0.38
N ASP A 44 -8.42 5.98 -0.24
CA ASP A 44 -7.73 4.65 -0.21
C ASP A 44 -6.62 4.62 -1.26
N VAL A 45 -5.40 4.38 -0.83
CA VAL A 45 -4.27 4.35 -1.80
C VAL A 45 -3.52 3.02 -1.69
N ARG A 46 -3.24 2.39 -2.78
CA ARG A 46 -2.51 1.10 -2.75
C ARG A 46 -1.19 1.24 -3.52
N VAL A 47 -0.09 0.82 -2.94
CA VAL A 47 1.20 0.94 -3.65
C VAL A 47 1.75 -0.45 -3.99
N GLN A 48 2.16 -0.65 -5.21
CA GLN A 48 2.71 -1.97 -5.60
C GLN A 48 4.20 -1.82 -5.90
N ILE A 49 5.03 -2.64 -5.30
CA ILE A 49 6.49 -2.53 -5.56
C ILE A 49 6.96 -3.71 -6.42
N ASP A 50 8.08 -3.56 -7.08
CA ASP A 50 8.59 -4.67 -7.93
C ASP A 50 9.96 -5.10 -7.41
N ARG A 51 10.05 -6.30 -6.89
CA ARG A 51 11.36 -6.78 -6.34
C ARG A 51 12.36 -6.98 -7.49
N LYS A 52 11.87 -7.21 -8.67
CA LYS A 52 12.80 -7.41 -9.83
C LYS A 52 13.82 -6.29 -9.84
N SER A 53 13.38 -5.07 -9.79
CA SER A 53 14.34 -3.93 -9.82
C SER A 53 14.06 -2.98 -8.63
N GLY A 54 12.94 -3.14 -7.98
CA GLY A 54 12.62 -2.25 -6.83
C GLY A 54 11.81 -1.07 -7.34
N ASP A 55 10.84 -1.32 -8.17
CA ASP A 55 10.01 -0.20 -8.71
C ASP A 55 8.85 0.08 -7.75
N PHE A 56 8.67 1.31 -7.37
CA PHE A 56 7.56 1.65 -6.44
C PHE A 56 6.44 2.35 -7.22
N ASP A 57 5.27 1.76 -7.25
CA ASP A 57 4.13 2.38 -7.97
C ASP A 57 3.02 2.73 -6.98
N THR A 58 2.33 3.82 -7.21
CA THR A 58 1.24 4.22 -6.28
C THR A 58 -0.09 4.21 -7.01
N PHE A 59 -1.09 3.56 -6.46
CA PHE A 59 -2.42 3.52 -7.13
C PHE A 59 -3.51 3.89 -6.12
N ARG A 60 -4.62 4.42 -6.59
CA ARG A 60 -5.71 4.80 -5.66
C ARG A 60 -6.76 3.68 -5.62
N ARG A 61 -7.58 3.67 -4.61
CA ARG A 61 -8.62 2.60 -4.51
C ARG A 61 -10.00 3.26 -4.37
N TRP A 62 -11.01 2.64 -4.93
CA TRP A 62 -12.38 3.23 -4.83
C TRP A 62 -13.41 2.11 -4.63
N LEU A 63 -14.53 2.43 -4.04
CA LEU A 63 -15.59 1.40 -3.82
C LEU A 63 -16.77 1.71 -4.74
N VAL A 64 -17.19 0.75 -5.53
CA VAL A 64 -18.33 0.99 -6.46
C VAL A 64 -19.61 1.27 -5.65
N VAL A 65 -20.19 2.43 -5.82
CA VAL A 65 -21.43 2.75 -5.06
C VAL A 65 -22.53 3.20 -6.01
N ASP A 66 -23.76 2.86 -5.72
CA ASP A 66 -24.88 3.29 -6.60
C ASP A 66 -25.10 4.78 -6.37
N GLU A 67 -24.58 5.30 -5.28
CA GLU A 67 -24.75 6.75 -4.98
C GLU A 67 -23.58 7.21 -4.11
N VAL A 68 -22.38 7.08 -4.61
CA VAL A 68 -21.17 7.49 -3.82
C VAL A 68 -21.48 8.70 -2.94
N THR A 69 -21.40 8.53 -1.65
CA THR A 69 -21.67 9.67 -0.73
C THR A 69 -20.35 10.42 -0.47
N GLN A 70 -19.25 9.84 -0.86
CA GLN A 70 -17.94 10.51 -0.65
C GLN A 70 -16.93 9.99 -1.68
N PRO A 71 -16.78 10.72 -2.80
CA PRO A 71 -15.85 10.35 -3.88
C PRO A 71 -14.39 10.41 -3.44
N THR A 72 -14.14 10.96 -2.28
CA THR A 72 -12.72 11.05 -1.80
C THR A 72 -12.17 9.63 -1.64
N LYS A 73 -13.04 8.66 -1.50
CA LYS A 73 -12.57 7.26 -1.34
C LYS A 73 -13.67 6.31 -1.84
N GLU A 74 -14.57 6.80 -2.63
CA GLU A 74 -15.66 5.95 -3.14
C GLU A 74 -15.93 6.27 -4.62
N ILE A 75 -16.30 5.29 -5.40
CA ILE A 75 -16.57 5.56 -6.84
C ILE A 75 -17.99 5.08 -7.17
N THR A 76 -18.76 5.90 -7.84
CA THR A 76 -20.14 5.49 -8.19
C THR A 76 -20.10 4.36 -9.21
N LEU A 77 -21.23 3.73 -9.47
CA LEU A 77 -21.25 2.63 -10.47
C LEU A 77 -20.97 3.19 -11.86
N GLU A 78 -21.62 4.26 -12.22
CA GLU A 78 -21.39 4.86 -13.56
C GLU A 78 -19.88 5.05 -13.79
N ALA A 79 -19.20 5.66 -12.86
CA ALA A 79 -17.73 5.86 -13.01
C ALA A 79 -17.04 4.50 -12.93
N ALA A 80 -17.55 3.62 -12.12
CA ALA A 80 -16.91 2.28 -11.97
C ALA A 80 -16.95 1.54 -13.32
N ARG A 81 -18.10 1.43 -13.92
CA ARG A 81 -18.19 0.72 -15.23
C ARG A 81 -17.39 1.50 -16.27
N TYR A 82 -17.35 2.80 -16.15
CA TYR A 82 -16.57 3.61 -17.12
C TYR A 82 -15.13 3.10 -17.13
N GLU A 83 -14.55 2.91 -15.98
CA GLU A 83 -13.16 2.41 -15.92
C GLU A 83 -13.16 0.91 -16.27
N ASP A 84 -14.28 0.26 -16.12
CA ASP A 84 -14.36 -1.18 -16.43
C ASP A 84 -15.80 -1.67 -16.22
N GLU A 85 -16.63 -1.53 -17.21
CA GLU A 85 -18.05 -1.99 -17.08
C GLU A 85 -18.09 -3.37 -16.42
N SER A 86 -17.03 -4.12 -16.54
CA SER A 86 -17.02 -5.48 -15.92
C SER A 86 -17.10 -5.35 -14.39
N LEU A 87 -16.96 -4.15 -13.88
CA LEU A 87 -17.03 -3.96 -12.41
C LEU A 87 -18.50 -3.83 -11.97
N ASN A 88 -18.82 -4.37 -10.83
CA ASN A 88 -20.23 -4.28 -10.33
C ASN A 88 -20.22 -3.72 -8.92
N LEU A 89 -21.28 -3.07 -8.54
CA LEU A 89 -21.36 -2.47 -7.19
C LEU A 89 -20.74 -3.41 -6.15
N GLY A 90 -20.35 -2.86 -5.04
CA GLY A 90 -19.73 -3.69 -3.97
C GLY A 90 -18.29 -4.06 -4.37
N ASP A 91 -17.86 -3.63 -5.52
CA ASP A 91 -16.48 -3.98 -5.98
C ASP A 91 -15.56 -2.76 -5.75
N TYR A 92 -14.28 -2.94 -5.93
CA TYR A 92 -13.34 -1.81 -5.73
C TYR A 92 -12.71 -1.42 -7.06
N VAL A 93 -12.32 -0.17 -7.21
CA VAL A 93 -11.69 0.26 -8.48
C VAL A 93 -10.24 0.67 -8.22
N GLU A 94 -9.37 0.45 -9.16
CA GLU A 94 -7.94 0.83 -8.96
C GLU A 94 -7.55 1.94 -9.94
N ASP A 95 -6.67 2.81 -9.55
CA ASP A 95 -6.25 3.91 -10.47
C ASP A 95 -4.82 4.32 -10.15
N GLN A 96 -4.10 4.82 -11.13
CA GLN A 96 -2.70 5.24 -10.89
C GLN A 96 -2.67 6.70 -10.44
N ILE A 97 -1.94 7.00 -9.40
CA ILE A 97 -1.89 8.41 -8.91
C ILE A 97 -0.43 8.79 -8.64
N GLU A 98 -0.16 10.06 -8.45
CA GLU A 98 1.24 10.49 -8.18
C GLU A 98 1.55 10.30 -6.69
N SER A 99 2.73 9.86 -6.38
CA SER A 99 3.10 9.66 -4.95
C SER A 99 4.47 10.29 -4.68
N VAL A 100 4.78 10.52 -3.43
CA VAL A 100 6.11 11.13 -3.10
C VAL A 100 7.23 10.19 -3.56
N THR A 101 6.92 8.93 -3.75
CA THR A 101 7.97 7.96 -4.18
C THR A 101 8.96 7.73 -3.04
N PHE A 102 9.67 6.63 -3.08
CA PHE A 102 10.66 6.35 -2.00
C PHE A 102 12.03 6.88 -2.42
N ASP A 103 12.08 7.83 -3.30
CA ASP A 103 13.39 8.38 -3.74
C ASP A 103 14.29 8.58 -2.52
N ARG A 104 13.75 9.09 -1.45
CA ARG A 104 14.58 9.31 -0.23
C ARG A 104 15.42 8.06 0.05
N ILE A 105 16.63 8.24 0.49
CA ILE A 105 17.50 7.06 0.79
C ILE A 105 16.80 6.15 1.79
N THR A 106 16.35 6.69 2.89
CA THR A 106 15.66 5.86 3.91
C THR A 106 14.62 6.70 4.64
N THR A 107 13.61 6.07 5.18
CA THR A 107 12.56 6.84 5.91
C THR A 107 12.37 6.25 7.31
N GLN A 108 12.46 7.08 8.32
CA GLN A 108 12.28 6.55 9.71
C GLN A 108 10.86 6.03 9.89
N THR A 109 9.90 6.66 9.27
CA THR A 109 8.50 6.19 9.39
C THR A 109 8.37 4.76 8.86
N ALA A 110 9.04 4.47 7.78
CA ALA A 110 8.97 3.08 7.21
C ALA A 110 9.58 2.09 8.20
N LYS A 111 10.68 2.45 8.82
CA LYS A 111 11.32 1.52 9.79
C LYS A 111 10.36 1.26 10.95
N GLN A 112 9.65 2.26 11.38
CA GLN A 112 8.69 2.07 12.51
C GLN A 112 7.60 1.08 12.09
N VAL A 113 7.17 1.15 10.86
CA VAL A 113 6.11 0.22 10.40
C VAL A 113 6.62 -1.23 10.47
N ILE A 114 7.84 -1.45 10.07
CA ILE A 114 8.40 -2.83 10.12
C ILE A 114 8.48 -3.30 11.57
N VAL A 115 8.90 -2.44 12.45
CA VAL A 115 9.01 -2.82 13.89
C VAL A 115 7.62 -3.10 14.45
N GLN A 116 6.68 -2.23 14.18
CA GLN A 116 5.30 -2.43 14.69
C GLN A 116 4.72 -3.73 14.11
N LYS A 117 4.89 -3.95 12.84
CA LYS A 117 4.37 -5.19 12.21
C LYS A 117 5.13 -6.40 12.75
N VAL A 118 6.42 -6.30 12.87
CA VAL A 118 7.21 -7.45 13.39
C VAL A 118 6.78 -7.76 14.83
N ARG A 119 6.66 -6.74 15.65
CA ARG A 119 6.25 -6.97 17.06
C ARG A 119 4.89 -7.68 17.09
N GLU A 120 4.00 -7.30 16.22
CA GLU A 120 2.65 -7.94 16.20
C GLU A 120 2.82 -9.45 15.98
N ALA A 121 3.78 -9.84 15.20
CA ALA A 121 3.99 -11.30 14.96
C ALA A 121 4.28 -12.01 16.29
N GLU A 122 4.96 -11.35 17.19
CA GLU A 122 5.27 -11.99 18.49
C GLU A 122 3.97 -12.47 19.15
N ARG A 123 2.90 -11.74 18.96
CA ARG A 123 1.61 -12.15 19.59
C ARG A 123 1.29 -13.60 19.20
N ALA A 124 1.58 -13.97 17.98
CA ALA A 124 1.29 -15.37 17.54
C ALA A 124 2.16 -16.34 18.35
N MET A 125 1.65 -17.51 18.64
CA MET A 125 2.44 -18.50 19.41
C MET A 125 2.90 -19.62 18.49
N LEU A 126 4.09 -20.12 18.67
CA LEU A 126 4.59 -21.22 17.80
C LEU A 126 4.27 -22.57 18.44
N VAL A 127 3.92 -23.54 17.64
CA VAL A 127 3.60 -24.88 18.20
C VAL A 127 4.64 -25.26 19.27
N PRO A 128 5.94 -25.23 18.90
CA PRO A 128 7.02 -25.59 19.83
C PRO A 128 7.17 -24.55 20.94
N ARG A 129 6.65 -23.37 20.75
CA ARG A 129 6.76 -22.31 21.81
C ARG A 129 5.36 -21.94 22.30
#